data_1UIX
# 
_entry.id   1UIX 
# 
_audit_conform.dict_name       mmcif_pdbx.dic 
_audit_conform.dict_version    5.399 
_audit_conform.dict_location   http://mmcif.pdb.org/dictionaries/ascii/mmcif_pdbx.dic 
# 
loop_
_database_2.database_id 
_database_2.database_code 
_database_2.pdbx_database_accession 
_database_2.pdbx_DOI 
PDB   1UIX         pdb_00001uix 10.2210/pdb1uix/pdb 
RCSB  RCSB005873   ?            ?                   
WWPDB D_1000005873 ?            ?                   
# 
loop_
_pdbx_audit_revision_history.ordinal 
_pdbx_audit_revision_history.data_content_type 
_pdbx_audit_revision_history.major_revision 
_pdbx_audit_revision_history.minor_revision 
_pdbx_audit_revision_history.revision_date 
1 'Structure model' 1 0 2003-10-21 
2 'Structure model' 1 1 2008-04-27 
3 'Structure model' 1 2 2011-07-13 
4 'Structure model' 1 3 2023-12-27 
5 'Structure model' 1 4 2024-11-20 
# 
_pdbx_audit_revision_details.ordinal             1 
_pdbx_audit_revision_details.revision_ordinal    1 
_pdbx_audit_revision_details.data_content_type   'Structure model' 
_pdbx_audit_revision_details.provider            repository 
_pdbx_audit_revision_details.type                'Initial release' 
_pdbx_audit_revision_details.description         ? 
_pdbx_audit_revision_details.details             ? 
# 
loop_
_pdbx_audit_revision_group.ordinal 
_pdbx_audit_revision_group.revision_ordinal 
_pdbx_audit_revision_group.data_content_type 
_pdbx_audit_revision_group.group 
1 2 'Structure model' 'Version format compliance' 
2 3 'Structure model' 'Version format compliance' 
3 4 'Structure model' 'Data collection'           
4 4 'Structure model' 'Database references'       
5 4 'Structure model' 'Derived calculations'      
6 5 'Structure model' 'Structure summary'         
# 
loop_
_pdbx_audit_revision_category.ordinal 
_pdbx_audit_revision_category.revision_ordinal 
_pdbx_audit_revision_category.data_content_type 
_pdbx_audit_revision_category.category 
1 4 'Structure model' chem_comp_atom            
2 4 'Structure model' chem_comp_bond            
3 4 'Structure model' database_2                
4 4 'Structure model' struct_conn               
5 4 'Structure model' struct_ref_seq_dif        
6 5 'Structure model' pdbx_entry_details        
7 5 'Structure model' pdbx_modification_feature 
# 
loop_
_pdbx_audit_revision_item.ordinal 
_pdbx_audit_revision_item.revision_ordinal 
_pdbx_audit_revision_item.data_content_type 
_pdbx_audit_revision_item.item 
1 4 'Structure model' '_database_2.pdbx_DOI'                
2 4 'Structure model' '_database_2.pdbx_database_accession' 
3 4 'Structure model' '_struct_conn.pdbx_leaving_atom_flag' 
4 4 'Structure model' '_struct_ref_seq_dif.details'         
# 
_pdbx_database_status.status_code                     REL 
_pdbx_database_status.entry_id                        1UIX 
_pdbx_database_status.recvd_initial_deposition_date   2003-07-23 
_pdbx_database_status.deposit_site                    PDBJ 
_pdbx_database_status.process_site                    PDBJ 
_pdbx_database_status.status_code_sf                  REL 
_pdbx_database_status.SG_entry                        . 
_pdbx_database_status.pdb_format_compatible           Y 
_pdbx_database_status.status_code_mr                  ? 
_pdbx_database_status.status_code_cs                  ? 
_pdbx_database_status.status_code_nmr_data            ? 
_pdbx_database_status.methods_development_category    ? 
# 
loop_
_audit_author.name 
_audit_author.pdbx_ordinal 
'Shimizu, T.'   1 
'Ihara, K.'     2 
'Maesaki, R.'   3 
'Amano, M.'     4 
'Kaibuchi, K.'  5 
'Hakoshima, T.' 6 
# 
_citation.id                        primary 
_citation.title                     'Parallel coiled-coil association of the RhoA-binding domain in Rho-kinase' 
_citation.journal_abbrev            J.Biol.Chem. 
_citation.journal_volume            278 
_citation.page_first                46046 
_citation.page_last                 46051 
_citation.year                      2003 
_citation.journal_id_ASTM           JBCHA3 
_citation.country                   US 
_citation.journal_id_ISSN           0021-9258 
_citation.journal_id_CSD            0071 
_citation.book_publisher            ? 
_citation.pdbx_database_id_PubMed   12954645 
_citation.pdbx_database_id_DOI      10.1074/jbc.M306458200 
# 
loop_
_citation_author.citation_id 
_citation_author.name 
_citation_author.ordinal 
_citation_author.identifier_ORCID 
primary 'Shimizu, T.'   1 ? 
primary 'Ihara, K.'     2 ? 
primary 'Maesaki, R.'   3 ? 
primary 'Amano, M.'     4 ? 
primary 'Kaibuchi, K.'  5 ? 
primary 'Hakoshima, T.' 6 ? 
# 
loop_
_entity.id 
_entity.type 
_entity.src_method 
_entity.pdbx_description 
_entity.formula_weight 
_entity.pdbx_number_of_molecules 
_entity.pdbx_ec 
_entity.pdbx_mutation 
_entity.pdbx_fragment 
_entity.details 
1 polymer man 'Rho-associated kinase' 8055.914 2   2.7.1.- ? 'coiled-coil domain' ? 
2 water   nat water                   18.015   174 ?       ? ?                    ? 
# 
_entity_name_com.entity_id   1 
_entity_name_com.name        'coiled-coil domain in Rho-kinase' 
# 
_entity_poly.entity_id                      1 
_entity_poly.type                           'polypeptide(L)' 
_entity_poly.nstd_linkage                   no 
_entity_poly.nstd_monomer                   yes 
_entity_poly.pdbx_seq_one_letter_code       'GSTSDVANLANEKEELNNKLKEAQEQLSRLKDEEISAAAIKAQFEKQLLTERTLKTQAVNKLAEI(MSE)NRKEP' 
_entity_poly.pdbx_seq_one_letter_code_can   GSTSDVANLANEKEELNNKLKEAQEQLSRLKDEEISAAAIKAQFEKQLLTERTLKTQAVNKLAEIMNRKEP 
_entity_poly.pdbx_strand_id                 A,B 
_entity_poly.pdbx_target_identifier         ? 
# 
_pdbx_entity_nonpoly.entity_id   2 
_pdbx_entity_nonpoly.name        water 
_pdbx_entity_nonpoly.comp_id     HOH 
# 
loop_
_entity_poly_seq.entity_id 
_entity_poly_seq.num 
_entity_poly_seq.mon_id 
_entity_poly_seq.hetero 
1 1  GLY n 
1 2  SER n 
1 3  THR n 
1 4  SER n 
1 5  ASP n 
1 6  VAL n 
1 7  ALA n 
1 8  ASN n 
1 9  LEU n 
1 10 ALA n 
1 11 ASN n 
1 12 GLU n 
1 13 LYS n 
1 14 GLU n 
1 15 GLU n 
1 16 LEU n 
1 17 ASN n 
1 18 ASN n 
1 19 LYS n 
1 20 LEU n 
1 21 LYS n 
1 22 GLU n 
1 23 ALA n 
1 24 GLN n 
1 25 GLU n 
1 26 GLN n 
1 27 LEU n 
1 28 SER n 
1 29 ARG n 
1 30 LEU n 
1 31 LYS n 
1 32 ASP n 
1 33 GLU n 
1 34 GLU n 
1 35 ILE n 
1 36 SER n 
1 37 ALA n 
1 38 ALA n 
1 39 ALA n 
1 40 ILE n 
1 41 LYS n 
1 42 ALA n 
1 43 GLN n 
1 44 PHE n 
1 45 GLU n 
1 46 LYS n 
1 47 GLN n 
1 48 LEU n 
1 49 LEU n 
1 50 THR n 
1 51 GLU n 
1 52 ARG n 
1 53 THR n 
1 54 LEU n 
1 55 LYS n 
1 56 THR n 
1 57 GLN n 
1 58 ALA n 
1 59 VAL n 
1 60 ASN n 
1 61 LYS n 
1 62 LEU n 
1 63 ALA n 
1 64 GLU n 
1 65 ILE n 
1 66 MSE n 
1 67 ASN n 
1 68 ARG n 
1 69 LYS n 
1 70 GLU n 
1 71 PRO n 
# 
_entity_src_gen.entity_id                          1 
_entity_src_gen.pdbx_src_id                        1 
_entity_src_gen.pdbx_alt_source_flag               sample 
_entity_src_gen.pdbx_seq_type                      ? 
_entity_src_gen.pdbx_beg_seq_num                   ? 
_entity_src_gen.pdbx_end_seq_num                   ? 
_entity_src_gen.gene_src_common_name               cattle 
_entity_src_gen.gene_src_genus                     Bos 
_entity_src_gen.pdbx_gene_src_gene                 ? 
_entity_src_gen.gene_src_species                   ? 
_entity_src_gen.gene_src_strain                    ? 
_entity_src_gen.gene_src_tissue                    ? 
_entity_src_gen.gene_src_tissue_fraction           ? 
_entity_src_gen.gene_src_details                   ? 
_entity_src_gen.pdbx_gene_src_fragment             ? 
_entity_src_gen.pdbx_gene_src_scientific_name      'Bos taurus' 
_entity_src_gen.pdbx_gene_src_ncbi_taxonomy_id     9913 
_entity_src_gen.pdbx_gene_src_variant              ? 
_entity_src_gen.pdbx_gene_src_cell_line            ? 
_entity_src_gen.pdbx_gene_src_atcc                 ? 
_entity_src_gen.pdbx_gene_src_organ                ? 
_entity_src_gen.pdbx_gene_src_organelle            ? 
_entity_src_gen.pdbx_gene_src_cell                 ? 
_entity_src_gen.pdbx_gene_src_cellular_location    ? 
_entity_src_gen.host_org_common_name               ? 
_entity_src_gen.pdbx_host_org_scientific_name      'Escherichia coli' 
_entity_src_gen.pdbx_host_org_ncbi_taxonomy_id     562 
_entity_src_gen.host_org_genus                     Escherichia 
_entity_src_gen.pdbx_host_org_gene                 ? 
_entity_src_gen.pdbx_host_org_organ                ? 
_entity_src_gen.host_org_species                   ? 
_entity_src_gen.pdbx_host_org_tissue               ? 
_entity_src_gen.pdbx_host_org_tissue_fraction      ? 
_entity_src_gen.pdbx_host_org_strain               'B834(DE3)pLysS' 
_entity_src_gen.pdbx_host_org_variant              ? 
_entity_src_gen.pdbx_host_org_cell_line            ? 
_entity_src_gen.pdbx_host_org_atcc                 ? 
_entity_src_gen.pdbx_host_org_culture_collection   ? 
_entity_src_gen.pdbx_host_org_cell                 ? 
_entity_src_gen.pdbx_host_org_organelle            ? 
_entity_src_gen.pdbx_host_org_cellular_location    ? 
_entity_src_gen.pdbx_host_org_vector_type          plasmid 
_entity_src_gen.pdbx_host_org_vector               ? 
_entity_src_gen.host_org_details                   ? 
_entity_src_gen.expression_system_id               ? 
_entity_src_gen.plasmid_name                       pGEX-2T 
_entity_src_gen.plasmid_details                    ? 
_entity_src_gen.pdbx_description                   ? 
# 
loop_
_chem_comp.id 
_chem_comp.type 
_chem_comp.mon_nstd_flag 
_chem_comp.name 
_chem_comp.pdbx_synonyms 
_chem_comp.formula 
_chem_comp.formula_weight 
ALA 'L-peptide linking' y ALANINE          ? 'C3 H7 N O2'     89.093  
ARG 'L-peptide linking' y ARGININE         ? 'C6 H15 N4 O2 1' 175.209 
ASN 'L-peptide linking' y ASPARAGINE       ? 'C4 H8 N2 O3'    132.118 
ASP 'L-peptide linking' y 'ASPARTIC ACID'  ? 'C4 H7 N O4'     133.103 
GLN 'L-peptide linking' y GLUTAMINE        ? 'C5 H10 N2 O3'   146.144 
GLU 'L-peptide linking' y 'GLUTAMIC ACID'  ? 'C5 H9 N O4'     147.129 
GLY 'peptide linking'   y GLYCINE          ? 'C2 H5 N O2'     75.067  
HOH non-polymer         . WATER            ? 'H2 O'           18.015  
ILE 'L-peptide linking' y ISOLEUCINE       ? 'C6 H13 N O2'    131.173 
LEU 'L-peptide linking' y LEUCINE          ? 'C6 H13 N O2'    131.173 
LYS 'L-peptide linking' y LYSINE           ? 'C6 H15 N2 O2 1' 147.195 
MET 'L-peptide linking' y METHIONINE       ? 'C5 H11 N O2 S'  149.211 
MSE 'L-peptide linking' n SELENOMETHIONINE ? 'C5 H11 N O2 Se' 196.106 
PHE 'L-peptide linking' y PHENYLALANINE    ? 'C9 H11 N O2'    165.189 
PRO 'L-peptide linking' y PROLINE          ? 'C5 H9 N O2'     115.130 
SER 'L-peptide linking' y SERINE           ? 'C3 H7 N O3'     105.093 
THR 'L-peptide linking' y THREONINE        ? 'C4 H9 N O3'     119.119 
VAL 'L-peptide linking' y VALINE           ? 'C5 H11 N O2'    117.146 
# 
loop_
_pdbx_poly_seq_scheme.asym_id 
_pdbx_poly_seq_scheme.entity_id 
_pdbx_poly_seq_scheme.seq_id 
_pdbx_poly_seq_scheme.mon_id 
_pdbx_poly_seq_scheme.ndb_seq_num 
_pdbx_poly_seq_scheme.pdb_seq_num 
_pdbx_poly_seq_scheme.auth_seq_num 
_pdbx_poly_seq_scheme.pdb_mon_id 
_pdbx_poly_seq_scheme.auth_mon_id 
_pdbx_poly_seq_scheme.pdb_strand_id 
_pdbx_poly_seq_scheme.pdb_ins_code 
_pdbx_poly_seq_scheme.hetero 
A 1 1  GLY 1  -2   -2   GLY GLY A . n 
A 1 2  SER 2  -1   -1   SER SER A . n 
A 1 3  THR 3  979  979  THR THR A . n 
A 1 4  SER 4  980  980  SER SER A . n 
A 1 5  ASP 5  981  981  ASP ASP A . n 
A 1 6  VAL 6  982  982  VAL VAL A . n 
A 1 7  ALA 7  983  983  ALA ALA A . n 
A 1 8  ASN 8  984  984  ASN ASN A . n 
A 1 9  LEU 9  985  985  LEU LEU A . n 
A 1 10 ALA 10 986  986  ALA ALA A . n 
A 1 11 ASN 11 987  987  ASN ASN A . n 
A 1 12 GLU 12 988  988  GLU GLU A . n 
A 1 13 LYS 13 989  989  LYS LYS A . n 
A 1 14 GLU 14 990  990  GLU GLU A . n 
A 1 15 GLU 15 991  991  GLU GLU A . n 
A 1 16 LEU 16 992  992  LEU LEU A . n 
A 1 17 ASN 17 993  993  ASN ASN A . n 
A 1 18 ASN 18 994  994  ASN ASN A . n 
A 1 19 LYS 19 995  995  LYS LYS A . n 
A 1 20 LEU 20 996  996  LEU LEU A . n 
A 1 21 LYS 21 997  997  LYS LYS A . n 
A 1 22 GLU 22 998  998  GLU GLU A . n 
A 1 23 ALA 23 999  999  ALA ALA A . n 
A 1 24 GLN 24 1000 1000 GLN GLN A . n 
A 1 25 GLU 25 1001 1001 GLU GLU A . n 
A 1 26 GLN 26 1002 1002 GLN GLN A . n 
A 1 27 LEU 27 1003 1003 LEU LEU A . n 
A 1 28 SER 28 1004 1004 SER SER A . n 
A 1 29 ARG 29 1005 1005 ARG ARG A . n 
A 1 30 LEU 30 1006 1006 LEU LEU A . n 
A 1 31 LYS 31 1007 1007 LYS LYS A . n 
A 1 32 ASP 32 1008 1008 ASP ASP A . n 
A 1 33 GLU 33 1009 1009 GLU GLU A . n 
A 1 34 GLU 34 1010 1010 GLU GLU A . n 
A 1 35 ILE 35 1011 1011 ILE ILE A . n 
A 1 36 SER 36 1012 1012 SER SER A . n 
A 1 37 ALA 37 1013 1013 ALA ALA A . n 
A 1 38 ALA 38 1014 1014 ALA ALA A . n 
A 1 39 ALA 39 1015 1015 ALA ALA A . n 
A 1 40 ILE 40 1016 1016 ILE ILE A . n 
A 1 41 LYS 41 1017 1017 LYS LYS A . n 
A 1 42 ALA 42 1018 1018 ALA ALA A . n 
A 1 43 GLN 43 1019 1019 GLN GLN A . n 
A 1 44 PHE 44 1020 1020 PHE PHE A . n 
A 1 45 GLU 45 1021 1021 GLU GLU A . n 
A 1 46 LYS 46 1022 1022 LYS LYS A . n 
A 1 47 GLN 47 1023 1023 GLN GLN A . n 
A 1 48 LEU 48 1024 1024 LEU LEU A . n 
A 1 49 LEU 49 1025 1025 LEU LEU A . n 
A 1 50 THR 50 1026 1026 THR THR A . n 
A 1 51 GLU 51 1027 1027 GLU GLU A . n 
A 1 52 ARG 52 1028 1028 ARG ARG A . n 
A 1 53 THR 53 1029 1029 THR THR A . n 
A 1 54 LEU 54 1030 1030 LEU LEU A . n 
A 1 55 LYS 55 1031 1031 LYS LYS A . n 
A 1 56 THR 56 1032 1032 THR THR A . n 
A 1 57 GLN 57 1033 1033 GLN GLN A . n 
A 1 58 ALA 58 1034 1034 ALA ALA A . n 
A 1 59 VAL 59 1035 1035 VAL VAL A . n 
A 1 60 ASN 60 1036 1036 ASN ASN A . n 
A 1 61 LYS 61 1037 1037 LYS LYS A . n 
A 1 62 LEU 62 1038 1038 LEU LEU A . n 
A 1 63 ALA 63 1039 1039 ALA ALA A . n 
A 1 64 GLU 64 1040 1040 GLU GLU A . n 
A 1 65 ILE 65 1041 1041 ILE ILE A . n 
A 1 66 MSE 66 1042 1042 MSE MSE A . n 
A 1 67 ASN 67 1043 1043 ASN ASN A . n 
A 1 68 ARG 68 1044 1044 ARG ARG A . n 
A 1 69 LYS 69 1045 1045 LYS LYS A . n 
A 1 70 GLU 70 1046 ?    ?   ?   A . n 
A 1 71 PRO 71 1047 ?    ?   ?   A . n 
B 1 1  GLY 1  -2   -2   GLY GLY B . n 
B 1 2  SER 2  -1   -1   SER SER B . n 
B 1 3  THR 3  979  979  THR THR B . n 
B 1 4  SER 4  980  980  SER SER B . n 
B 1 5  ASP 5  981  981  ASP ASP B . n 
B 1 6  VAL 6  982  982  VAL VAL B . n 
B 1 7  ALA 7  983  983  ALA ALA B . n 
B 1 8  ASN 8  984  984  ASN ASN B . n 
B 1 9  LEU 9  985  985  LEU LEU B . n 
B 1 10 ALA 10 986  986  ALA ALA B . n 
B 1 11 ASN 11 987  987  ASN ASN B . n 
B 1 12 GLU 12 988  988  GLU GLU B . n 
B 1 13 LYS 13 989  989  LYS LYS B . n 
B 1 14 GLU 14 990  990  GLU GLU B . n 
B 1 15 GLU 15 991  991  GLU GLU B . n 
B 1 16 LEU 16 992  992  LEU LEU B . n 
B 1 17 ASN 17 993  993  ASN ASN B . n 
B 1 18 ASN 18 994  994  ASN ASN B . n 
B 1 19 LYS 19 995  995  LYS LYS B . n 
B 1 20 LEU 20 996  996  LEU LEU B . n 
B 1 21 LYS 21 997  997  LYS LYS B . n 
B 1 22 GLU 22 998  998  GLU GLU B . n 
B 1 23 ALA 23 999  999  ALA ALA B . n 
B 1 24 GLN 24 1000 1000 GLN GLN B . n 
B 1 25 GLU 25 1001 1001 GLU GLU B . n 
B 1 26 GLN 26 1002 1002 GLN GLN B . n 
B 1 27 LEU 27 1003 1003 LEU LEU B . n 
B 1 28 SER 28 1004 1004 SER SER B . n 
B 1 29 ARG 29 1005 1005 ARG ARG B . n 
B 1 30 LEU 30 1006 1006 LEU LEU B . n 
B 1 31 LYS 31 1007 1007 LYS LYS B . n 
B 1 32 ASP 32 1008 1008 ASP ASP B . n 
B 1 33 GLU 33 1009 1009 GLU GLU B . n 
B 1 34 GLU 34 1010 1010 GLU GLU B . n 
B 1 35 ILE 35 1011 1011 ILE ILE B . n 
B 1 36 SER 36 1012 1012 SER SER B . n 
B 1 37 ALA 37 1013 1013 ALA ALA B . n 
B 1 38 ALA 38 1014 1014 ALA ALA B . n 
B 1 39 ALA 39 1015 1015 ALA ALA B . n 
B 1 40 ILE 40 1016 1016 ILE ILE B . n 
B 1 41 LYS 41 1017 1017 LYS LYS B . n 
B 1 42 ALA 42 1018 1018 ALA ALA B . n 
B 1 43 GLN 43 1019 1019 GLN GLN B . n 
B 1 44 PHE 44 1020 1020 PHE PHE B . n 
B 1 45 GLU 45 1021 1021 GLU GLU B . n 
B 1 46 LYS 46 1022 1022 LYS LYS B . n 
B 1 47 GLN 47 1023 1023 GLN GLN B . n 
B 1 48 LEU 48 1024 1024 LEU LEU B . n 
B 1 49 LEU 49 1025 1025 LEU LEU B . n 
B 1 50 THR 50 1026 1026 THR THR B . n 
B 1 51 GLU 51 1027 1027 GLU GLU B . n 
B 1 52 ARG 52 1028 1028 ARG ARG B . n 
B 1 53 THR 53 1029 1029 THR THR B . n 
B 1 54 LEU 54 1030 1030 LEU LEU B . n 
B 1 55 LYS 55 1031 1031 LYS LYS B . n 
B 1 56 THR 56 1032 1032 THR THR B . n 
B 1 57 GLN 57 1033 1033 GLN GLN B . n 
B 1 58 ALA 58 1034 1034 ALA ALA B . n 
B 1 59 VAL 59 1035 1035 VAL VAL B . n 
B 1 60 ASN 60 1036 1036 ASN ASN B . n 
B 1 61 LYS 61 1037 1037 LYS LYS B . n 
B 1 62 LEU 62 1038 1038 LEU LEU B . n 
B 1 63 ALA 63 1039 1039 ALA ALA B . n 
B 1 64 GLU 64 1040 1040 GLU GLU B . n 
B 1 65 ILE 65 1041 1041 ILE ILE B . n 
B 1 66 MSE 66 1042 1042 MSE MSE B . n 
B 1 67 ASN 67 1043 1043 ASN ASN B . n 
B 1 68 ARG 68 1044 1044 ARG ARG B . n 
B 1 69 LYS 69 1045 ?    ?   ?   B . n 
B 1 70 GLU 70 1046 ?    ?   ?   B . n 
B 1 71 PRO 71 1047 ?    ?   ?   B . n 
# 
loop_
_pdbx_nonpoly_scheme.asym_id 
_pdbx_nonpoly_scheme.entity_id 
_pdbx_nonpoly_scheme.mon_id 
_pdbx_nonpoly_scheme.ndb_seq_num 
_pdbx_nonpoly_scheme.pdb_seq_num 
_pdbx_nonpoly_scheme.auth_seq_num 
_pdbx_nonpoly_scheme.pdb_mon_id 
_pdbx_nonpoly_scheme.auth_mon_id 
_pdbx_nonpoly_scheme.pdb_strand_id 
_pdbx_nonpoly_scheme.pdb_ins_code 
C 2 HOH 1  3   3   HOH HOH A . 
C 2 HOH 2  10  10  HOH HOH A . 
C 2 HOH 3  12  12  HOH HOH A . 
C 2 HOH 4  13  13  HOH HOH A . 
C 2 HOH 5  14  14  HOH HOH A . 
C 2 HOH 6  19  19  HOH HOH A . 
C 2 HOH 7  20  20  HOH HOH A . 
C 2 HOH 8  22  22  HOH HOH A . 
C 2 HOH 9  26  26  HOH HOH A . 
C 2 HOH 10 27  27  HOH HOH A . 
C 2 HOH 11 28  28  HOH HOH A . 
C 2 HOH 12 29  29  HOH HOH A . 
C 2 HOH 13 32  32  HOH HOH A . 
C 2 HOH 14 33  33  HOH HOH A . 
C 2 HOH 15 35  35  HOH HOH A . 
C 2 HOH 16 37  37  HOH HOH A . 
C 2 HOH 17 38  38  HOH HOH A . 
C 2 HOH 18 39  39  HOH HOH A . 
C 2 HOH 19 40  40  HOH HOH A . 
C 2 HOH 20 41  41  HOH HOH A . 
C 2 HOH 21 43  43  HOH HOH A . 
C 2 HOH 22 44  44  HOH HOH A . 
C 2 HOH 23 45  45  HOH HOH A . 
C 2 HOH 24 49  49  HOH HOH A . 
C 2 HOH 25 53  53  HOH HOH A . 
C 2 HOH 26 55  55  HOH HOH A . 
C 2 HOH 27 56  56  HOH HOH A . 
C 2 HOH 28 58  58  HOH HOH A . 
C 2 HOH 29 59  59  HOH HOH A . 
C 2 HOH 30 60  60  HOH HOH A . 
C 2 HOH 31 61  61  HOH HOH A . 
C 2 HOH 32 62  62  HOH HOH A . 
C 2 HOH 33 64  64  HOH HOH A . 
C 2 HOH 34 65  65  HOH HOH A . 
C 2 HOH 35 68  68  HOH HOH A . 
C 2 HOH 36 72  72  HOH HOH A . 
C 2 HOH 37 73  73  HOH HOH A . 
C 2 HOH 38 74  74  HOH HOH A . 
C 2 HOH 39 79  79  HOH HOH A . 
C 2 HOH 40 80  80  HOH HOH A . 
C 2 HOH 41 84  84  HOH HOH A . 
C 2 HOH 42 86  86  HOH HOH A . 
C 2 HOH 43 88  88  HOH HOH A . 
C 2 HOH 44 89  89  HOH HOH A . 
C 2 HOH 45 90  90  HOH HOH A . 
C 2 HOH 46 91  91  HOH HOH A . 
C 2 HOH 47 92  92  HOH HOH A . 
C 2 HOH 48 96  96  HOH HOH A . 
C 2 HOH 49 100 100 HOH HOH A . 
C 2 HOH 50 101 101 HOH HOH A . 
C 2 HOH 51 102 102 HOH HOH A . 
C 2 HOH 52 103 103 HOH HOH A . 
C 2 HOH 53 105 105 HOH HOH A . 
C 2 HOH 54 106 106 HOH HOH A . 
C 2 HOH 55 107 107 HOH HOH A . 
C 2 HOH 56 110 110 HOH HOH A . 
C 2 HOH 57 113 113 HOH HOH A . 
C 2 HOH 58 114 114 HOH HOH A . 
C 2 HOH 59 115 115 HOH HOH A . 
C 2 HOH 60 116 116 HOH HOH A . 
C 2 HOH 61 117 117 HOH HOH A . 
C 2 HOH 62 118 118 HOH HOH A . 
C 2 HOH 63 119 119 HOH HOH A . 
C 2 HOH 64 121 121 HOH HOH A . 
C 2 HOH 65 122 122 HOH HOH A . 
C 2 HOH 66 123 123 HOH HOH A . 
C 2 HOH 67 128 128 HOH HOH A . 
C 2 HOH 68 131 131 HOH HOH A . 
C 2 HOH 69 132 132 HOH HOH A . 
C 2 HOH 70 134 134 HOH HOH A . 
C 2 HOH 71 137 137 HOH HOH A . 
C 2 HOH 72 140 140 HOH HOH A . 
C 2 HOH 73 142 142 HOH HOH A . 
C 2 HOH 74 146 146 HOH HOH A . 
C 2 HOH 75 147 147 HOH HOH A . 
C 2 HOH 76 148 148 HOH HOH A . 
C 2 HOH 77 149 149 HOH HOH A . 
C 2 HOH 78 151 151 HOH HOH A . 
C 2 HOH 79 152 152 HOH HOH A . 
C 2 HOH 80 153 153 HOH HOH A . 
C 2 HOH 81 156 156 HOH HOH A . 
C 2 HOH 82 157 157 HOH HOH A . 
C 2 HOH 83 158 158 HOH HOH A . 
C 2 HOH 84 159 159 HOH HOH A . 
C 2 HOH 85 162 162 HOH HOH A . 
C 2 HOH 86 171 171 HOH HOH A . 
C 2 HOH 87 173 173 HOH HOH A . 
C 2 HOH 88 174 174 HOH HOH A . 
D 2 HOH 1  1   1   HOH HOH B . 
D 2 HOH 2  2   2   HOH HOH B . 
D 2 HOH 3  4   4   HOH HOH B . 
D 2 HOH 4  5   5   HOH HOH B . 
D 2 HOH 5  6   6   HOH HOH B . 
D 2 HOH 6  7   7   HOH HOH B . 
D 2 HOH 7  8   8   HOH HOH B . 
D 2 HOH 8  9   9   HOH HOH B . 
D 2 HOH 9  11  11  HOH HOH B . 
D 2 HOH 10 15  15  HOH HOH B . 
D 2 HOH 11 16  16  HOH HOH B . 
D 2 HOH 12 17  17  HOH HOH B . 
D 2 HOH 13 18  18  HOH HOH B . 
D 2 HOH 14 21  21  HOH HOH B . 
D 2 HOH 15 23  23  HOH HOH B . 
D 2 HOH 16 24  24  HOH HOH B . 
D 2 HOH 17 25  25  HOH HOH B . 
D 2 HOH 18 30  30  HOH HOH B . 
D 2 HOH 19 31  31  HOH HOH B . 
D 2 HOH 20 34  34  HOH HOH B . 
D 2 HOH 21 36  36  HOH HOH B . 
D 2 HOH 22 42  42  HOH HOH B . 
D 2 HOH 23 46  46  HOH HOH B . 
D 2 HOH 24 47  47  HOH HOH B . 
D 2 HOH 25 48  48  HOH HOH B . 
D 2 HOH 26 50  50  HOH HOH B . 
D 2 HOH 27 51  51  HOH HOH B . 
D 2 HOH 28 52  52  HOH HOH B . 
D 2 HOH 29 54  54  HOH HOH B . 
D 2 HOH 30 57  57  HOH HOH B . 
D 2 HOH 31 63  63  HOH HOH B . 
D 2 HOH 32 66  66  HOH HOH B . 
D 2 HOH 33 67  67  HOH HOH B . 
D 2 HOH 34 69  69  HOH HOH B . 
D 2 HOH 35 70  70  HOH HOH B . 
D 2 HOH 36 71  71  HOH HOH B . 
D 2 HOH 37 75  75  HOH HOH B . 
D 2 HOH 38 76  76  HOH HOH B . 
D 2 HOH 39 77  77  HOH HOH B . 
D 2 HOH 40 78  78  HOH HOH B . 
D 2 HOH 41 81  81  HOH HOH B . 
D 2 HOH 42 82  82  HOH HOH B . 
D 2 HOH 43 83  83  HOH HOH B . 
D 2 HOH 44 85  85  HOH HOH B . 
D 2 HOH 45 87  87  HOH HOH B . 
D 2 HOH 46 93  93  HOH HOH B . 
D 2 HOH 47 94  94  HOH HOH B . 
D 2 HOH 48 95  95  HOH HOH B . 
D 2 HOH 49 97  97  HOH HOH B . 
D 2 HOH 50 98  98  HOH HOH B . 
D 2 HOH 51 99  99  HOH HOH B . 
D 2 HOH 52 104 104 HOH HOH B . 
D 2 HOH 53 108 108 HOH HOH B . 
D 2 HOH 54 109 109 HOH HOH B . 
D 2 HOH 55 111 111 HOH HOH B . 
D 2 HOH 56 112 112 HOH HOH B . 
D 2 HOH 57 120 120 HOH HOH B . 
D 2 HOH 58 124 124 HOH HOH B . 
D 2 HOH 59 125 125 HOH HOH B . 
D 2 HOH 60 126 126 HOH HOH B . 
D 2 HOH 61 127 127 HOH HOH B . 
D 2 HOH 62 129 129 HOH HOH B . 
D 2 HOH 63 130 130 HOH HOH B . 
D 2 HOH 64 133 133 HOH HOH B . 
D 2 HOH 65 135 135 HOH HOH B . 
D 2 HOH 66 136 136 HOH HOH B . 
D 2 HOH 67 138 138 HOH HOH B . 
D 2 HOH 68 139 139 HOH HOH B . 
D 2 HOH 69 141 141 HOH HOH B . 
D 2 HOH 70 143 143 HOH HOH B . 
D 2 HOH 71 144 144 HOH HOH B . 
D 2 HOH 72 145 145 HOH HOH B . 
D 2 HOH 73 150 150 HOH HOH B . 
D 2 HOH 74 154 154 HOH HOH B . 
D 2 HOH 75 155 155 HOH HOH B . 
D 2 HOH 76 160 160 HOH HOH B . 
D 2 HOH 77 161 161 HOH HOH B . 
D 2 HOH 78 163 163 HOH HOH B . 
D 2 HOH 79 164 164 HOH HOH B . 
D 2 HOH 80 165 165 HOH HOH B . 
D 2 HOH 81 166 166 HOH HOH B . 
D 2 HOH 82 167 167 HOH HOH B . 
D 2 HOH 83 168 168 HOH HOH B . 
D 2 HOH 84 169 169 HOH HOH B . 
D 2 HOH 85 170 170 HOH HOH B . 
D 2 HOH 86 172 172 HOH HOH B . 
# 
loop_
_pdbx_unobs_or_zero_occ_atoms.id 
_pdbx_unobs_or_zero_occ_atoms.PDB_model_num 
_pdbx_unobs_or_zero_occ_atoms.polymer_flag 
_pdbx_unobs_or_zero_occ_atoms.occupancy_flag 
_pdbx_unobs_or_zero_occ_atoms.auth_asym_id 
_pdbx_unobs_or_zero_occ_atoms.auth_comp_id 
_pdbx_unobs_or_zero_occ_atoms.auth_seq_id 
_pdbx_unobs_or_zero_occ_atoms.PDB_ins_code 
_pdbx_unobs_or_zero_occ_atoms.auth_atom_id 
_pdbx_unobs_or_zero_occ_atoms.label_alt_id 
_pdbx_unobs_or_zero_occ_atoms.label_asym_id 
_pdbx_unobs_or_zero_occ_atoms.label_comp_id 
_pdbx_unobs_or_zero_occ_atoms.label_seq_id 
_pdbx_unobs_or_zero_occ_atoms.label_atom_id 
1  1 Y 1 A LYS 997  ? CG  ? A LYS 21 CG  
2  1 Y 1 A LYS 997  ? CD  ? A LYS 21 CD  
3  1 Y 1 A LYS 997  ? CE  ? A LYS 21 CE  
4  1 Y 1 A LYS 997  ? NZ  ? A LYS 21 NZ  
5  1 Y 1 A GLU 998  ? CG  ? A GLU 22 CG  
6  1 Y 1 A GLU 998  ? CD  ? A GLU 22 CD  
7  1 Y 1 A GLU 998  ? OE1 ? A GLU 22 OE1 
8  1 Y 1 A GLU 998  ? OE2 ? A GLU 22 OE2 
9  1 Y 1 A ARG 1005 ? CG  ? A ARG 29 CG  
10 1 Y 1 A ARG 1005 ? CD  ? A ARG 29 CD  
11 1 Y 1 A ARG 1005 ? NE  ? A ARG 29 NE  
12 1 Y 1 A ARG 1005 ? CZ  ? A ARG 29 CZ  
13 1 Y 1 A ARG 1005 ? NH1 ? A ARG 29 NH1 
14 1 Y 1 A ARG 1005 ? NH2 ? A ARG 29 NH2 
15 1 Y 1 A LYS 1007 ? CG  ? A LYS 31 CG  
16 1 Y 1 A LYS 1007 ? CD  ? A LYS 31 CD  
17 1 Y 1 A LYS 1007 ? CE  ? A LYS 31 CE  
18 1 Y 1 A LYS 1007 ? NZ  ? A LYS 31 NZ  
19 1 Y 1 A GLU 1009 ? CG  ? A GLU 33 CG  
20 1 Y 1 A GLU 1009 ? CD  ? A GLU 33 CD  
21 1 Y 1 A GLU 1009 ? OE1 ? A GLU 33 OE1 
22 1 Y 1 A GLU 1009 ? OE2 ? A GLU 33 OE2 
23 1 Y 1 A GLU 1010 ? CG  ? A GLU 34 CG  
24 1 Y 1 A GLU 1010 ? CD  ? A GLU 34 CD  
25 1 Y 1 A GLU 1010 ? OE1 ? A GLU 34 OE1 
26 1 Y 1 A GLU 1010 ? OE2 ? A GLU 34 OE2 
27 1 Y 1 A ILE 1011 ? CG1 ? A ILE 35 CG1 
28 1 Y 1 A ILE 1011 ? CG2 ? A ILE 35 CG2 
29 1 Y 1 A ILE 1011 ? CD1 ? A ILE 35 CD1 
30 1 Y 1 A SER 1012 ? OG  ? A SER 36 OG  
31 1 Y 1 A ILE 1016 ? CG1 ? A ILE 40 CG1 
32 1 Y 1 A ILE 1016 ? CG2 ? A ILE 40 CG2 
33 1 Y 1 A ILE 1016 ? CD1 ? A ILE 40 CD1 
34 1 Y 1 A GLN 1019 ? CG  ? A GLN 43 CG  
35 1 Y 1 A GLN 1019 ? CD  ? A GLN 43 CD  
36 1 Y 1 A GLN 1019 ? OE1 ? A GLN 43 OE1 
37 1 Y 1 A GLN 1019 ? NE2 ? A GLN 43 NE2 
38 1 Y 1 A GLU 1021 ? CG  ? A GLU 45 CG  
39 1 Y 1 A GLU 1021 ? CD  ? A GLU 45 CD  
40 1 Y 1 A GLU 1021 ? OE1 ? A GLU 45 OE1 
41 1 Y 1 A GLU 1021 ? OE2 ? A GLU 45 OE2 
42 1 Y 1 A LYS 1022 ? CG  ? A LYS 46 CG  
43 1 Y 1 A LYS 1022 ? CD  ? A LYS 46 CD  
44 1 Y 1 A LYS 1022 ? CE  ? A LYS 46 CE  
45 1 Y 1 A LYS 1022 ? NZ  ? A LYS 46 NZ  
46 1 Y 1 A ARG 1044 ? CG  ? A ARG 68 CG  
47 1 Y 1 A ARG 1044 ? CD  ? A ARG 68 CD  
48 1 Y 1 A ARG 1044 ? NE  ? A ARG 68 NE  
49 1 Y 1 A ARG 1044 ? CZ  ? A ARG 68 CZ  
50 1 Y 1 A ARG 1044 ? NH1 ? A ARG 68 NH1 
51 1 Y 1 A ARG 1044 ? NH2 ? A ARG 68 NH2 
52 1 Y 1 A LYS 1045 ? CG  ? A LYS 69 CG  
53 1 Y 1 A LYS 1045 ? CD  ? A LYS 69 CD  
54 1 Y 1 A LYS 1045 ? CE  ? A LYS 69 CE  
55 1 Y 1 A LYS 1045 ? NZ  ? A LYS 69 NZ  
56 1 Y 1 B GLU 998  ? CG  ? B GLU 22 CG  
57 1 Y 1 B GLU 998  ? CD  ? B GLU 22 CD  
58 1 Y 1 B GLU 998  ? OE1 ? B GLU 22 OE1 
59 1 Y 1 B GLU 998  ? OE2 ? B GLU 22 OE2 
60 1 Y 1 B ARG 1005 ? CG  ? B ARG 29 CG  
61 1 Y 1 B ARG 1005 ? CD  ? B ARG 29 CD  
62 1 Y 1 B ARG 1005 ? NE  ? B ARG 29 NE  
63 1 Y 1 B ARG 1005 ? CZ  ? B ARG 29 CZ  
64 1 Y 1 B ARG 1005 ? NH1 ? B ARG 29 NH1 
65 1 Y 1 B ARG 1005 ? NH2 ? B ARG 29 NH2 
66 1 Y 1 B LYS 1007 ? CG  ? B LYS 31 CG  
67 1 Y 1 B LYS 1007 ? CD  ? B LYS 31 CD  
68 1 Y 1 B LYS 1007 ? CE  ? B LYS 31 CE  
69 1 Y 1 B LYS 1007 ? NZ  ? B LYS 31 NZ  
70 1 Y 1 B GLU 1009 ? CG  ? B GLU 33 CG  
71 1 Y 1 B GLU 1009 ? CD  ? B GLU 33 CD  
72 1 Y 1 B GLU 1009 ? OE1 ? B GLU 33 OE1 
73 1 Y 1 B GLU 1009 ? OE2 ? B GLU 33 OE2 
74 1 Y 1 B GLU 1010 ? CG  ? B GLU 34 CG  
75 1 Y 1 B GLU 1010 ? CD  ? B GLU 34 CD  
76 1 Y 1 B GLU 1010 ? OE1 ? B GLU 34 OE1 
77 1 Y 1 B GLU 1010 ? OE2 ? B GLU 34 OE2 
78 1 Y 1 B SER 1012 ? OG  ? B SER 36 OG  
79 1 Y 1 B ARG 1044 ? CG  ? B ARG 68 CG  
80 1 Y 1 B ARG 1044 ? CD  ? B ARG 68 CD  
81 1 Y 1 B ARG 1044 ? NE  ? B ARG 68 NE  
82 1 Y 1 B ARG 1044 ? CZ  ? B ARG 68 CZ  
83 1 Y 1 B ARG 1044 ? NH1 ? B ARG 68 NH1 
84 1 Y 1 B ARG 1044 ? NH2 ? B ARG 68 NH2 
# 
loop_
_software.name 
_software.classification 
_software.version 
_software.citation_id 
_software.pdbx_ordinal 
DENZO     'data reduction' .      ? 1 
SCALEPACK 'data scaling'   .      ? 2 
SHARP     phasing          .      ? 3 
REFMAC    refinement       5.1.24 ? 4 
# 
_cell.entry_id           1UIX 
_cell.length_a           148.0 
_cell.length_b           26.1 
_cell.length_c           39.6 
_cell.angle_alpha        90 
_cell.angle_beta         90.4 
_cell.angle_gamma        90 
_cell.pdbx_unique_axis   ? 
_cell.Z_PDB              8 
# 
_symmetry.entry_id                         1UIX 
_symmetry.space_group_name_H-M             'C 1 2 1' 
_symmetry.pdbx_full_space_group_name_H-M   ? 
_symmetry.Int_Tables_number                5 
_symmetry.cell_setting                     ? 
# 
_exptl.entry_id          1UIX 
_exptl.method            'X-RAY DIFFRACTION' 
_exptl.crystals_number   1 
# 
_exptl_crystal.id                    1 
_exptl_crystal.density_meas          ? 
_exptl_crystal.density_Matthews      2.32 
_exptl_crystal.density_percent_sol   46.67 
_exptl_crystal.description           ? 
# 
_exptl_crystal_grow.crystal_id      1 
_exptl_crystal_grow.method          'VAPOR DIFFUSION, HANGING DROP' 
_exptl_crystal_grow.temp            277 
_exptl_crystal_grow.temp_details    ? 
_exptl_crystal_grow.pH              7.0 
_exptl_crystal_grow.pdbx_details    
'HEPES, KCl, PEG1000, ethylene glycol, n-octanoylsucrose, pH 7.0, VAPOR DIFFUSION, HANGING DROP, temperature 277K' 
_exptl_crystal_grow.pdbx_pH_range   . 
# 
_diffrn.id                     1 
_diffrn.ambient_temp           93 
_diffrn.ambient_temp_details   ? 
_diffrn.crystal_id             1 
# 
_diffrn_detector.diffrn_id              1 
_diffrn_detector.detector               DIFFRACTOMETER 
_diffrn_detector.type                   WEISSENBERG 
_diffrn_detector.pdbx_collection_date   1999-12-15 
_diffrn_detector.details                ? 
# 
_diffrn_radiation.diffrn_id                        1 
_diffrn_radiation.wavelength_id                    1 
_diffrn_radiation.pdbx_monochromatic_or_laue_m_l   M 
_diffrn_radiation.monochromator                    'Si 111' 
_diffrn_radiation.pdbx_diffrn_protocol             MAD 
_diffrn_radiation.pdbx_scattering_type             x-ray 
# 
loop_
_diffrn_radiation_wavelength.id 
_diffrn_radiation_wavelength.wavelength 
_diffrn_radiation_wavelength.wt 
1 0.9784 1.0 
2 0.9778 1.0 
3 0.9600 1.0 
4 1.000  1.0 
# 
_diffrn_source.diffrn_id                   1 
_diffrn_source.source                      SYNCHROTRON 
_diffrn_source.type                        'PHOTON FACTORY BEAMLINE BL-18B' 
_diffrn_source.pdbx_synchrotron_site       'Photon Factory' 
_diffrn_source.pdbx_synchrotron_beamline   BL-18B 
_diffrn_source.pdbx_wavelength             ? 
_diffrn_source.pdbx_wavelength_list        '0.9784, 0.9778, 0.9600, 1.000' 
# 
_reflns.entry_id                     1UIX 
_reflns.observed_criterion_sigma_F   0.0 
_reflns.observed_criterion_sigma_I   0.0 
_reflns.d_resolution_high            1.80 
_reflns.d_resolution_low             39.53 
_reflns.number_all                   12896 
_reflns.number_obs                   12896 
_reflns.percent_possible_obs         89.0 
_reflns.pdbx_Rmerge_I_obs            0.045 
_reflns.pdbx_Rsym_value              ? 
_reflns.pdbx_netI_over_sigmaI        18.2 
_reflns.B_iso_Wilson_estimate        ? 
_reflns.pdbx_redundancy              ? 
_reflns.R_free_details               ? 
_reflns.limit_h_max                  ? 
_reflns.limit_h_min                  ? 
_reflns.limit_k_max                  ? 
_reflns.limit_k_min                  ? 
_reflns.limit_l_max                  ? 
_reflns.limit_l_min                  ? 
_reflns.observed_criterion_F_max     ? 
_reflns.observed_criterion_F_min     ? 
_reflns.pdbx_diffrn_id               1 
_reflns.pdbx_ordinal                 1 
# 
_reflns_shell.d_res_high             1.8 
_reflns_shell.d_res_low              1.86 
_reflns_shell.percent_possible_all   68.4 
_reflns_shell.Rmerge_I_obs           0.082 
_reflns_shell.pdbx_Rsym_value        ? 
_reflns_shell.meanI_over_sigI_obs    14.8 
_reflns_shell.pdbx_redundancy        ? 
_reflns_shell.percent_possible_obs   ? 
_reflns_shell.number_unique_all      ? 
_reflns_shell.pdbx_diffrn_id         ? 
_reflns_shell.pdbx_ordinal           1 
# 
_refine.entry_id                                 1UIX 
_refine.ls_d_res_high                            1.8 
_refine.ls_d_res_low                             39.5 
_refine.pdbx_ls_sigma_F                          1.0 
_refine.pdbx_ls_sigma_I                          ? 
_refine.ls_number_reflns_all                     12896 
_refine.ls_number_reflns_obs                     12894 
_refine.ls_number_reflns_R_free                  1283 
_refine.ls_percent_reflns_obs                    89.1 
_refine.ls_R_factor_all                          0.219 
_refine.ls_R_factor_obs                          0.219 
_refine.ls_R_factor_R_work                       0.193 
_refine.ls_R_factor_R_free                       0.236 
_refine.ls_redundancy_reflns_obs                 ? 
_refine.pdbx_data_cutoff_high_absF               ? 
_refine.pdbx_data_cutoff_low_absF                ? 
_refine.ls_number_parameters                     ? 
_refine.ls_number_restraints                     ? 
_refine.ls_percent_reflns_R_free                 10.0 
_refine.ls_R_factor_R_free_error                 ? 
_refine.ls_R_factor_R_free_error_details         ? 
_refine.pdbx_method_to_determine_struct          MAD 
_refine.pdbx_starting_model                      ? 
_refine.pdbx_ls_cross_valid_method               THROUGHOUT 
_refine.pdbx_R_Free_selection_details            RANDOM 
_refine.pdbx_stereochem_target_val_spec_case     ? 
_refine.pdbx_stereochemistry_target_values       'Engh & Huber' 
_refine.solvent_model_details                    ? 
_refine.solvent_model_param_bsol                 ? 
_refine.solvent_model_param_ksol                 ? 
_refine.occupancy_max                            ? 
_refine.occupancy_min                            ? 
_refine.pdbx_isotropic_thermal_model             ? 
_refine.B_iso_mean                               23.2 
_refine.aniso_B[1][1]                            -0.50 
_refine.aniso_B[1][2]                            0.00 
_refine.aniso_B[1][3]                            0.37 
_refine.aniso_B[2][2]                            0.80 
_refine.aniso_B[2][3]                            0.00 
_refine.aniso_B[3][3]                            -0.30 
_refine.details                                  ? 
_refine.B_iso_min                                ? 
_refine.B_iso_max                                ? 
_refine.correlation_coeff_Fo_to_Fc               ? 
_refine.correlation_coeff_Fo_to_Fc_free          ? 
_refine.pdbx_solvent_vdw_probe_radii             ? 
_refine.pdbx_solvent_ion_probe_radii             ? 
_refine.pdbx_solvent_shrinkage_radii             ? 
_refine.overall_SU_R_Cruickshank_DPI             ? 
_refine.overall_SU_R_free                        ? 
_refine.overall_SU_B                             ? 
_refine.overall_SU_ML                            ? 
_refine.pdbx_overall_ESU_R                       ? 
_refine.pdbx_overall_ESU_R_Free                  ? 
_refine.pdbx_data_cutoff_high_rms_absF           ? 
_refine.pdbx_refine_id                           'X-RAY DIFFRACTION' 
_refine.pdbx_diffrn_id                           1 
_refine.pdbx_TLS_residual_ADP_flag               ? 
_refine.pdbx_overall_phase_error                 ? 
_refine.pdbx_overall_SU_R_free_Cruickshank_DPI   ? 
_refine.pdbx_overall_SU_R_Blow_DPI               ? 
_refine.pdbx_overall_SU_R_free_Blow_DPI          ? 
# 
_refine_analyze.entry_id                        1UIX 
_refine_analyze.Luzzati_coordinate_error_obs    0.19 
_refine_analyze.Luzzati_sigma_a_obs             ? 
_refine_analyze.Luzzati_d_res_low_obs           5.0 
_refine_analyze.Luzzati_coordinate_error_free   0.20 
_refine_analyze.Luzzati_sigma_a_free            ? 
_refine_analyze.Luzzati_d_res_low_free          ? 
_refine_analyze.number_disordered_residues      ? 
_refine_analyze.occupancy_sum_non_hydrogen      ? 
_refine_analyze.occupancy_sum_hydrogen          ? 
_refine_analyze.pdbx_Luzzati_d_res_high_obs     ? 
_refine_analyze.pdbx_refine_id                  'X-RAY DIFFRACTION' 
# 
_refine_hist.pdbx_refine_id                   'X-RAY DIFFRACTION' 
_refine_hist.cycle_id                         LAST 
_refine_hist.pdbx_number_atoms_protein        1001 
_refine_hist.pdbx_number_atoms_nucleic_acid   0 
_refine_hist.pdbx_number_atoms_ligand         0 
_refine_hist.number_atoms_solvent             174 
_refine_hist.number_atoms_total               1175 
_refine_hist.d_res_high                       1.8 
_refine_hist.d_res_low                        39.5 
# 
loop_
_refine_ls_restr.type 
_refine_ls_restr.dev_ideal 
_refine_ls_restr.dev_ideal_target 
_refine_ls_restr.weight 
_refine_ls_restr.number 
_refine_ls_restr.pdbx_refine_id 
_refine_ls_restr.pdbx_restraint_function 
r_mcbond_it  1.034 ? ? ? 'X-RAY DIFFRACTION' ? 
r_mcangle_it 1.833 ? ? ? 'X-RAY DIFFRACTION' ? 
r_scbond_it  3.490 ? ? ? 'X-RAY DIFFRACTION' ? 
r_scangle_it 5.229 ? ? ? 'X-RAY DIFFRACTION' ? 
# 
_refine_ls_shell.pdbx_total_number_of_bins_used   20 
_refine_ls_shell.d_res_high                       1.800 
_refine_ls_shell.d_res_low                        1.847 
_refine_ls_shell.number_reflns_R_work             647 
_refine_ls_shell.R_factor_R_work                  0.148 
_refine_ls_shell.percent_reflns_obs               ? 
_refine_ls_shell.R_factor_R_free                  0.208 
_refine_ls_shell.R_factor_R_free_error            ? 
_refine_ls_shell.percent_reflns_R_free            ? 
_refine_ls_shell.number_reflns_R_free             56 
_refine_ls_shell.number_reflns_obs                ? 
_refine_ls_shell.redundancy_reflns_obs            ? 
_refine_ls_shell.number_reflns_all                ? 
_refine_ls_shell.pdbx_refine_id                   'X-RAY DIFFRACTION' 
_refine_ls_shell.R_factor_all                     ? 
# 
_struct.entry_id                  1UIX 
_struct.title                     'Coiled-coil structure of the RhoA-binding domain in Rho-kinase' 
_struct.pdbx_model_details        ? 
_struct.pdbx_CASP_flag            ? 
_struct.pdbx_model_type_details   ? 
# 
_struct_keywords.entry_id        1UIX 
_struct_keywords.pdbx_keywords   TRANSFERASE 
_struct_keywords.text            'coiled-coil, TRANSFERASE' 
# 
loop_
_struct_asym.id 
_struct_asym.pdbx_blank_PDB_chainid_flag 
_struct_asym.pdbx_modified 
_struct_asym.entity_id 
_struct_asym.details 
A N N 1 ? 
B N N 1 ? 
C N N 2 ? 
D N N 2 ? 
# 
_struct_ref.id                         1 
_struct_ref.db_name                    UNP 
_struct_ref.db_code                    ROCK2_BOVIN 
_struct_ref.entity_id                  1 
_struct_ref.pdbx_seq_one_letter_code   TSDVANLANEKEELNNKLKEAQEQLSRLKDEEISAAAIKAQFEKQLLTERTLKTQAVNKLAEIMNRKEP 
_struct_ref.pdbx_align_begin           979 
_struct_ref.pdbx_db_accession          Q28021 
_struct_ref.pdbx_db_isoform            ? 
# 
loop_
_struct_ref_seq.align_id 
_struct_ref_seq.ref_id 
_struct_ref_seq.pdbx_PDB_id_code 
_struct_ref_seq.pdbx_strand_id 
_struct_ref_seq.seq_align_beg 
_struct_ref_seq.pdbx_seq_align_beg_ins_code 
_struct_ref_seq.seq_align_end 
_struct_ref_seq.pdbx_seq_align_end_ins_code 
_struct_ref_seq.pdbx_db_accession 
_struct_ref_seq.db_align_beg 
_struct_ref_seq.pdbx_db_align_beg_ins_code 
_struct_ref_seq.db_align_end 
_struct_ref_seq.pdbx_db_align_end_ins_code 
_struct_ref_seq.pdbx_auth_seq_align_beg 
_struct_ref_seq.pdbx_auth_seq_align_end 
1 1 1UIX A 3 ? 71 ? Q28021 979 ? 1047 ? 979 1047 
2 1 1UIX B 3 ? 71 ? Q28021 979 ? 1047 ? 979 1047 
# 
loop_
_struct_ref_seq_dif.align_id 
_struct_ref_seq_dif.pdbx_pdb_id_code 
_struct_ref_seq_dif.mon_id 
_struct_ref_seq_dif.pdbx_pdb_strand_id 
_struct_ref_seq_dif.seq_num 
_struct_ref_seq_dif.pdbx_pdb_ins_code 
_struct_ref_seq_dif.pdbx_seq_db_name 
_struct_ref_seq_dif.pdbx_seq_db_accession_code 
_struct_ref_seq_dif.db_mon_id 
_struct_ref_seq_dif.pdbx_seq_db_seq_num 
_struct_ref_seq_dif.details 
_struct_ref_seq_dif.pdbx_auth_seq_num 
_struct_ref_seq_dif.pdbx_ordinal 
1 1UIX GLY A 1  ? UNP Q28021 ?   ?    'cloning artifact' -2   1 
1 1UIX SER A 2  ? UNP Q28021 ?   ?    'cloning artifact' -1   2 
1 1UIX MSE A 66 ? UNP Q28021 MET 1042 'modified residue' 1042 3 
2 1UIX GLY B 1  ? UNP Q28021 ?   ?    'cloning artifact' -2   4 
2 1UIX SER B 2  ? UNP Q28021 ?   ?    'cloning artifact' -1   5 
2 1UIX MSE B 66 ? UNP Q28021 MET 1042 'modified residue' 1042 6 
# 
_pdbx_struct_assembly.id                   1 
_pdbx_struct_assembly.details              author_and_software_defined_assembly 
_pdbx_struct_assembly.method_details       PISA 
_pdbx_struct_assembly.oligomeric_details   dimeric 
_pdbx_struct_assembly.oligomeric_count     2 
# 
loop_
_pdbx_struct_assembly_prop.biol_id 
_pdbx_struct_assembly_prop.type 
_pdbx_struct_assembly_prop.value 
_pdbx_struct_assembly_prop.details 
1 'ABSA (A^2)' 3010 ? 
1 MORE         -36  ? 
1 'SSA (A^2)'  9310 ? 
# 
_pdbx_struct_assembly_gen.assembly_id       1 
_pdbx_struct_assembly_gen.oper_expression   1 
_pdbx_struct_assembly_gen.asym_id_list      A,B,C,D 
# 
_pdbx_struct_oper_list.id                   1 
_pdbx_struct_oper_list.type                 'identity operation' 
_pdbx_struct_oper_list.name                 1_555 
_pdbx_struct_oper_list.symmetry_operation   x,y,z 
_pdbx_struct_oper_list.matrix[1][1]         1.0000000000 
_pdbx_struct_oper_list.matrix[1][2]         0.0000000000 
_pdbx_struct_oper_list.matrix[1][3]         0.0000000000 
_pdbx_struct_oper_list.vector[1]            0.0000000000 
_pdbx_struct_oper_list.matrix[2][1]         0.0000000000 
_pdbx_struct_oper_list.matrix[2][2]         1.0000000000 
_pdbx_struct_oper_list.matrix[2][3]         0.0000000000 
_pdbx_struct_oper_list.vector[2]            0.0000000000 
_pdbx_struct_oper_list.matrix[3][1]         0.0000000000 
_pdbx_struct_oper_list.matrix[3][2]         0.0000000000 
_pdbx_struct_oper_list.matrix[3][3]         1.0000000000 
_pdbx_struct_oper_list.vector[3]            0.0000000000 
# 
_struct_biol.id                    1 
_struct_biol.details               'The biological assembly is a dimer' 
_struct_biol.pdbx_parent_biol_id   ? 
# 
loop_
_struct_conf.conf_type_id 
_struct_conf.id 
_struct_conf.pdbx_PDB_helix_id 
_struct_conf.beg_label_comp_id 
_struct_conf.beg_label_asym_id 
_struct_conf.beg_label_seq_id 
_struct_conf.pdbx_beg_PDB_ins_code 
_struct_conf.end_label_comp_id 
_struct_conf.end_label_asym_id 
_struct_conf.end_label_seq_id 
_struct_conf.pdbx_end_PDB_ins_code 
_struct_conf.beg_auth_comp_id 
_struct_conf.beg_auth_asym_id 
_struct_conf.beg_auth_seq_id 
_struct_conf.end_auth_comp_id 
_struct_conf.end_auth_asym_id 
_struct_conf.end_auth_seq_id 
_struct_conf.pdbx_PDB_helix_class 
_struct_conf.details 
_struct_conf.pdbx_PDB_helix_length 
HELX_P HELX_P1 1 GLY A 1 ? ARG A 68 ? GLY A -2 ARG A 1044 1 ? 68 
HELX_P HELX_P2 2 GLY B 1 ? ASN B 67 ? GLY B -2 ASN B 1043 1 ? 67 
# 
_struct_conf_type.id          HELX_P 
_struct_conf_type.criteria    ? 
_struct_conf_type.reference   ? 
# 
loop_
_struct_conn.id 
_struct_conn.conn_type_id 
_struct_conn.pdbx_leaving_atom_flag 
_struct_conn.pdbx_PDB_id 
_struct_conn.ptnr1_label_asym_id 
_struct_conn.ptnr1_label_comp_id 
_struct_conn.ptnr1_label_seq_id 
_struct_conn.ptnr1_label_atom_id 
_struct_conn.pdbx_ptnr1_label_alt_id 
_struct_conn.pdbx_ptnr1_PDB_ins_code 
_struct_conn.pdbx_ptnr1_standard_comp_id 
_struct_conn.ptnr1_symmetry 
_struct_conn.ptnr2_label_asym_id 
_struct_conn.ptnr2_label_comp_id 
_struct_conn.ptnr2_label_seq_id 
_struct_conn.ptnr2_label_atom_id 
_struct_conn.pdbx_ptnr2_label_alt_id 
_struct_conn.pdbx_ptnr2_PDB_ins_code 
_struct_conn.ptnr1_auth_asym_id 
_struct_conn.ptnr1_auth_comp_id 
_struct_conn.ptnr1_auth_seq_id 
_struct_conn.ptnr2_auth_asym_id 
_struct_conn.ptnr2_auth_comp_id 
_struct_conn.ptnr2_auth_seq_id 
_struct_conn.ptnr2_symmetry 
_struct_conn.pdbx_ptnr3_label_atom_id 
_struct_conn.pdbx_ptnr3_label_seq_id 
_struct_conn.pdbx_ptnr3_label_comp_id 
_struct_conn.pdbx_ptnr3_label_asym_id 
_struct_conn.pdbx_ptnr3_label_alt_id 
_struct_conn.pdbx_ptnr3_PDB_ins_code 
_struct_conn.details 
_struct_conn.pdbx_dist_value 
_struct_conn.pdbx_value_order 
_struct_conn.pdbx_role 
covale1 covale both ? A ILE 65 C ? ? ? 1_555 A MSE 66 N ? ? A ILE 1041 A MSE 1042 1_555 ? ? ? ? ? ? ? 1.330 ? ? 
covale2 covale both ? A MSE 66 C ? ? ? 1_555 A ASN 67 N ? ? A MSE 1042 A ASN 1043 1_555 ? ? ? ? ? ? ? 1.334 ? ? 
covale3 covale both ? B ILE 65 C ? ? ? 1_555 B MSE 66 N B ? B ILE 1041 B MSE 1042 1_555 ? ? ? ? ? ? ? 1.334 ? ? 
covale4 covale both ? B ILE 65 C ? ? ? 1_555 B MSE 66 N A ? B ILE 1041 B MSE 1042 1_555 ? ? ? ? ? ? ? 1.326 ? ? 
covale5 covale both ? B MSE 66 C B ? ? 1_555 B ASN 67 N ? ? B MSE 1042 B ASN 1043 1_555 ? ? ? ? ? ? ? 1.334 ? ? 
covale6 covale both ? B MSE 66 C A ? ? 1_555 B ASN 67 N ? ? B MSE 1042 B ASN 1043 1_555 ? ? ? ? ? ? ? 1.333 ? ? 
# 
_struct_conn_type.id          covale 
_struct_conn_type.criteria    ? 
_struct_conn_type.reference   ? 
# 
loop_
_pdbx_modification_feature.ordinal 
_pdbx_modification_feature.label_comp_id 
_pdbx_modification_feature.label_asym_id 
_pdbx_modification_feature.label_seq_id 
_pdbx_modification_feature.label_alt_id 
_pdbx_modification_feature.modified_residue_label_comp_id 
_pdbx_modification_feature.modified_residue_label_asym_id 
_pdbx_modification_feature.modified_residue_label_seq_id 
_pdbx_modification_feature.modified_residue_label_alt_id 
_pdbx_modification_feature.auth_comp_id 
_pdbx_modification_feature.auth_asym_id 
_pdbx_modification_feature.auth_seq_id 
_pdbx_modification_feature.PDB_ins_code 
_pdbx_modification_feature.symmetry 
_pdbx_modification_feature.modified_residue_auth_comp_id 
_pdbx_modification_feature.modified_residue_auth_asym_id 
_pdbx_modification_feature.modified_residue_auth_seq_id 
_pdbx_modification_feature.modified_residue_PDB_ins_code 
_pdbx_modification_feature.modified_residue_symmetry 
_pdbx_modification_feature.comp_id_linking_atom 
_pdbx_modification_feature.modified_residue_id_linking_atom 
_pdbx_modification_feature.modified_residue_id 
_pdbx_modification_feature.ref_pcm_id 
_pdbx_modification_feature.ref_comp_id 
_pdbx_modification_feature.type 
_pdbx_modification_feature.category 
1 MSE A 66 ? . . . . MSE A 1042 ? 1_555 . . . . . . . MET 1 MSE Selenomethionine 'Named protein modification' 
2 MSE B 66 A . . . . MSE B 1042 ? 1_555 . . . . . . . MET 1 MSE Selenomethionine 'Named protein modification' 
3 MSE B 66 B . . . . MSE B 1042 ? 1_555 . . . . . . . MET 1 MSE Selenomethionine 'Named protein modification' 
# 
_pdbx_entry_details.entry_id                   1UIX 
_pdbx_entry_details.compound_details           ? 
_pdbx_entry_details.source_details             ? 
_pdbx_entry_details.nonpolymer_details         ? 
_pdbx_entry_details.sequence_details           ? 
_pdbx_entry_details.has_ligand_of_interest     ? 
_pdbx_entry_details.has_protein_modification   Y 
# 
loop_
_pdbx_validate_close_contact.id 
_pdbx_validate_close_contact.PDB_model_num 
_pdbx_validate_close_contact.auth_atom_id_1 
_pdbx_validate_close_contact.auth_asym_id_1 
_pdbx_validate_close_contact.auth_comp_id_1 
_pdbx_validate_close_contact.auth_seq_id_1 
_pdbx_validate_close_contact.PDB_ins_code_1 
_pdbx_validate_close_contact.label_alt_id_1 
_pdbx_validate_close_contact.auth_atom_id_2 
_pdbx_validate_close_contact.auth_asym_id_2 
_pdbx_validate_close_contact.auth_comp_id_2 
_pdbx_validate_close_contact.auth_seq_id_2 
_pdbx_validate_close_contact.PDB_ins_code_2 
_pdbx_validate_close_contact.label_alt_id_2 
_pdbx_validate_close_contact.dist 
1 1 O B HOH 5   ? ? O B HOH 133 ? ? 1.69 
2 1 O A HOH 45  ? ? O A HOH 106 ? ? 1.82 
3 1 O A HOH 88  ? ? O A HOH 159 ? ? 1.83 
4 1 O A HOH 146 ? ? O A HOH 157 ? ? 1.96 
5 1 O A HOH 106 ? ? O A HOH 151 ? ? 1.98 
6 1 O A HOH 3   ? ? O A HOH 92  ? ? 2.05 
7 1 O A HOH 73  ? ? O A HOH 101 ? ? 2.17 
# 
loop_
_pdbx_validate_symm_contact.id 
_pdbx_validate_symm_contact.PDB_model_num 
_pdbx_validate_symm_contact.auth_atom_id_1 
_pdbx_validate_symm_contact.auth_asym_id_1 
_pdbx_validate_symm_contact.auth_comp_id_1 
_pdbx_validate_symm_contact.auth_seq_id_1 
_pdbx_validate_symm_contact.PDB_ins_code_1 
_pdbx_validate_symm_contact.label_alt_id_1 
_pdbx_validate_symm_contact.site_symmetry_1 
_pdbx_validate_symm_contact.auth_atom_id_2 
_pdbx_validate_symm_contact.auth_asym_id_2 
_pdbx_validate_symm_contact.auth_comp_id_2 
_pdbx_validate_symm_contact.auth_seq_id_2 
_pdbx_validate_symm_contact.PDB_ins_code_2 
_pdbx_validate_symm_contact.label_alt_id_2 
_pdbx_validate_symm_contact.site_symmetry_2 
_pdbx_validate_symm_contact.dist 
1  1 O A HOH 22  ? ? 1_555 O B HOH 85  ? ? 4_545 1.76 
2  1 O A HOH 147 ? ? 1_555 O A HOH 157 ? ? 3_456 1.90 
3  1 O A HOH 159 ? ? 1_555 O B HOH 9   ? ? 2_555 1.91 
4  1 O A HOH 146 ? ? 1_555 O A HOH 147 ? ? 3_544 2.00 
5  1 O A HOH 158 ? ? 1_555 O B HOH 15  ? ? 2_555 2.03 
6  1 O A HOH 10  ? ? 1_555 O B HOH 85  ? ? 4_545 2.04 
7  1 O A HOH 148 ? ? 1_555 O B HOH 52  ? ? 2_556 2.09 
8  1 O A HOH 171 ? ? 1_555 O B HOH 125 ? ? 4_456 2.13 
9  1 O A HOH 86  ? ? 1_555 O B HOH 85  ? ? 4_545 2.16 
10 1 O A HOH 22  ? ? 1_555 O B HOH 21  ? ? 4_545 2.19 
# 
loop_
_pdbx_struct_mod_residue.id 
_pdbx_struct_mod_residue.label_asym_id 
_pdbx_struct_mod_residue.label_comp_id 
_pdbx_struct_mod_residue.label_seq_id 
_pdbx_struct_mod_residue.auth_asym_id 
_pdbx_struct_mod_residue.auth_comp_id 
_pdbx_struct_mod_residue.auth_seq_id 
_pdbx_struct_mod_residue.PDB_ins_code 
_pdbx_struct_mod_residue.parent_comp_id 
_pdbx_struct_mod_residue.details 
1 A MSE 66 A MSE 1042 ? MET SELENOMETHIONINE 
2 B MSE 66 B MSE 1042 ? MET SELENOMETHIONINE 
# 
loop_
_pdbx_unobs_or_zero_occ_residues.id 
_pdbx_unobs_or_zero_occ_residues.PDB_model_num 
_pdbx_unobs_or_zero_occ_residues.polymer_flag 
_pdbx_unobs_or_zero_occ_residues.occupancy_flag 
_pdbx_unobs_or_zero_occ_residues.auth_asym_id 
_pdbx_unobs_or_zero_occ_residues.auth_comp_id 
_pdbx_unobs_or_zero_occ_residues.auth_seq_id 
_pdbx_unobs_or_zero_occ_residues.PDB_ins_code 
_pdbx_unobs_or_zero_occ_residues.label_asym_id 
_pdbx_unobs_or_zero_occ_residues.label_comp_id 
_pdbx_unobs_or_zero_occ_residues.label_seq_id 
1 1 Y 1 A GLU 1046 ? A GLU 70 
2 1 Y 1 A PRO 1047 ? A PRO 71 
3 1 Y 1 B LYS 1045 ? B LYS 69 
4 1 Y 1 B GLU 1046 ? B GLU 70 
5 1 Y 1 B PRO 1047 ? B PRO 71 
# 
loop_
_chem_comp_atom.comp_id 
_chem_comp_atom.atom_id 
_chem_comp_atom.type_symbol 
_chem_comp_atom.pdbx_aromatic_flag 
_chem_comp_atom.pdbx_stereo_config 
_chem_comp_atom.pdbx_ordinal 
ALA N    N  N N 1   
ALA CA   C  N S 2   
ALA C    C  N N 3   
ALA O    O  N N 4   
ALA CB   C  N N 5   
ALA OXT  O  N N 6   
ALA H    H  N N 7   
ALA H2   H  N N 8   
ALA HA   H  N N 9   
ALA HB1  H  N N 10  
ALA HB2  H  N N 11  
ALA HB3  H  N N 12  
ALA HXT  H  N N 13  
ARG N    N  N N 14  
ARG CA   C  N S 15  
ARG C    C  N N 16  
ARG O    O  N N 17  
ARG CB   C  N N 18  
ARG CG   C  N N 19  
ARG CD   C  N N 20  
ARG NE   N  N N 21  
ARG CZ   C  N N 22  
ARG NH1  N  N N 23  
ARG NH2  N  N N 24  
ARG OXT  O  N N 25  
ARG H    H  N N 26  
ARG H2   H  N N 27  
ARG HA   H  N N 28  
ARG HB2  H  N N 29  
ARG HB3  H  N N 30  
ARG HG2  H  N N 31  
ARG HG3  H  N N 32  
ARG HD2  H  N N 33  
ARG HD3  H  N N 34  
ARG HE   H  N N 35  
ARG HH11 H  N N 36  
ARG HH12 H  N N 37  
ARG HH21 H  N N 38  
ARG HH22 H  N N 39  
ARG HXT  H  N N 40  
ASN N    N  N N 41  
ASN CA   C  N S 42  
ASN C    C  N N 43  
ASN O    O  N N 44  
ASN CB   C  N N 45  
ASN CG   C  N N 46  
ASN OD1  O  N N 47  
ASN ND2  N  N N 48  
ASN OXT  O  N N 49  
ASN H    H  N N 50  
ASN H2   H  N N 51  
ASN HA   H  N N 52  
ASN HB2  H  N N 53  
ASN HB3  H  N N 54  
ASN HD21 H  N N 55  
ASN HD22 H  N N 56  
ASN HXT  H  N N 57  
ASP N    N  N N 58  
ASP CA   C  N S 59  
ASP C    C  N N 60  
ASP O    O  N N 61  
ASP CB   C  N N 62  
ASP CG   C  N N 63  
ASP OD1  O  N N 64  
ASP OD2  O  N N 65  
ASP OXT  O  N N 66  
ASP H    H  N N 67  
ASP H2   H  N N 68  
ASP HA   H  N N 69  
ASP HB2  H  N N 70  
ASP HB3  H  N N 71  
ASP HD2  H  N N 72  
ASP HXT  H  N N 73  
GLN N    N  N N 74  
GLN CA   C  N S 75  
GLN C    C  N N 76  
GLN O    O  N N 77  
GLN CB   C  N N 78  
GLN CG   C  N N 79  
GLN CD   C  N N 80  
GLN OE1  O  N N 81  
GLN NE2  N  N N 82  
GLN OXT  O  N N 83  
GLN H    H  N N 84  
GLN H2   H  N N 85  
GLN HA   H  N N 86  
GLN HB2  H  N N 87  
GLN HB3  H  N N 88  
GLN HG2  H  N N 89  
GLN HG3  H  N N 90  
GLN HE21 H  N N 91  
GLN HE22 H  N N 92  
GLN HXT  H  N N 93  
GLU N    N  N N 94  
GLU CA   C  N S 95  
GLU C    C  N N 96  
GLU O    O  N N 97  
GLU CB   C  N N 98  
GLU CG   C  N N 99  
GLU CD   C  N N 100 
GLU OE1  O  N N 101 
GLU OE2  O  N N 102 
GLU OXT  O  N N 103 
GLU H    H  N N 104 
GLU H2   H  N N 105 
GLU HA   H  N N 106 
GLU HB2  H  N N 107 
GLU HB3  H  N N 108 
GLU HG2  H  N N 109 
GLU HG3  H  N N 110 
GLU HE2  H  N N 111 
GLU HXT  H  N N 112 
GLY N    N  N N 113 
GLY CA   C  N N 114 
GLY C    C  N N 115 
GLY O    O  N N 116 
GLY OXT  O  N N 117 
GLY H    H  N N 118 
GLY H2   H  N N 119 
GLY HA2  H  N N 120 
GLY HA3  H  N N 121 
GLY HXT  H  N N 122 
HOH O    O  N N 123 
HOH H1   H  N N 124 
HOH H2   H  N N 125 
ILE N    N  N N 126 
ILE CA   C  N S 127 
ILE C    C  N N 128 
ILE O    O  N N 129 
ILE CB   C  N S 130 
ILE CG1  C  N N 131 
ILE CG2  C  N N 132 
ILE CD1  C  N N 133 
ILE OXT  O  N N 134 
ILE H    H  N N 135 
ILE H2   H  N N 136 
ILE HA   H  N N 137 
ILE HB   H  N N 138 
ILE HG12 H  N N 139 
ILE HG13 H  N N 140 
ILE HG21 H  N N 141 
ILE HG22 H  N N 142 
ILE HG23 H  N N 143 
ILE HD11 H  N N 144 
ILE HD12 H  N N 145 
ILE HD13 H  N N 146 
ILE HXT  H  N N 147 
LEU N    N  N N 148 
LEU CA   C  N S 149 
LEU C    C  N N 150 
LEU O    O  N N 151 
LEU CB   C  N N 152 
LEU CG   C  N N 153 
LEU CD1  C  N N 154 
LEU CD2  C  N N 155 
LEU OXT  O  N N 156 
LEU H    H  N N 157 
LEU H2   H  N N 158 
LEU HA   H  N N 159 
LEU HB2  H  N N 160 
LEU HB3  H  N N 161 
LEU HG   H  N N 162 
LEU HD11 H  N N 163 
LEU HD12 H  N N 164 
LEU HD13 H  N N 165 
LEU HD21 H  N N 166 
LEU HD22 H  N N 167 
LEU HD23 H  N N 168 
LEU HXT  H  N N 169 
LYS N    N  N N 170 
LYS CA   C  N S 171 
LYS C    C  N N 172 
LYS O    O  N N 173 
LYS CB   C  N N 174 
LYS CG   C  N N 175 
LYS CD   C  N N 176 
LYS CE   C  N N 177 
LYS NZ   N  N N 178 
LYS OXT  O  N N 179 
LYS H    H  N N 180 
LYS H2   H  N N 181 
LYS HA   H  N N 182 
LYS HB2  H  N N 183 
LYS HB3  H  N N 184 
LYS HG2  H  N N 185 
LYS HG3  H  N N 186 
LYS HD2  H  N N 187 
LYS HD3  H  N N 188 
LYS HE2  H  N N 189 
LYS HE3  H  N N 190 
LYS HZ1  H  N N 191 
LYS HZ2  H  N N 192 
LYS HZ3  H  N N 193 
LYS HXT  H  N N 194 
MET N    N  N N 195 
MET CA   C  N S 196 
MET C    C  N N 197 
MET O    O  N N 198 
MET CB   C  N N 199 
MET CG   C  N N 200 
MET SD   S  N N 201 
MET CE   C  N N 202 
MET OXT  O  N N 203 
MET H    H  N N 204 
MET H2   H  N N 205 
MET HA   H  N N 206 
MET HB2  H  N N 207 
MET HB3  H  N N 208 
MET HG2  H  N N 209 
MET HG3  H  N N 210 
MET HE1  H  N N 211 
MET HE2  H  N N 212 
MET HE3  H  N N 213 
MET HXT  H  N N 214 
MSE N    N  N N 215 
MSE CA   C  N S 216 
MSE C    C  N N 217 
MSE O    O  N N 218 
MSE OXT  O  N N 219 
MSE CB   C  N N 220 
MSE CG   C  N N 221 
MSE SE   SE N N 222 
MSE CE   C  N N 223 
MSE H    H  N N 224 
MSE H2   H  N N 225 
MSE HA   H  N N 226 
MSE HXT  H  N N 227 
MSE HB2  H  N N 228 
MSE HB3  H  N N 229 
MSE HG2  H  N N 230 
MSE HG3  H  N N 231 
MSE HE1  H  N N 232 
MSE HE2  H  N N 233 
MSE HE3  H  N N 234 
PHE N    N  N N 235 
PHE CA   C  N S 236 
PHE C    C  N N 237 
PHE O    O  N N 238 
PHE CB   C  N N 239 
PHE CG   C  Y N 240 
PHE CD1  C  Y N 241 
PHE CD2  C  Y N 242 
PHE CE1  C  Y N 243 
PHE CE2  C  Y N 244 
PHE CZ   C  Y N 245 
PHE OXT  O  N N 246 
PHE H    H  N N 247 
PHE H2   H  N N 248 
PHE HA   H  N N 249 
PHE HB2  H  N N 250 
PHE HB3  H  N N 251 
PHE HD1  H  N N 252 
PHE HD2  H  N N 253 
PHE HE1  H  N N 254 
PHE HE2  H  N N 255 
PHE HZ   H  N N 256 
PHE HXT  H  N N 257 
PRO N    N  N N 258 
PRO CA   C  N S 259 
PRO C    C  N N 260 
PRO O    O  N N 261 
PRO CB   C  N N 262 
PRO CG   C  N N 263 
PRO CD   C  N N 264 
PRO OXT  O  N N 265 
PRO H    H  N N 266 
PRO HA   H  N N 267 
PRO HB2  H  N N 268 
PRO HB3  H  N N 269 
PRO HG2  H  N N 270 
PRO HG3  H  N N 271 
PRO HD2  H  N N 272 
PRO HD3  H  N N 273 
PRO HXT  H  N N 274 
SER N    N  N N 275 
SER CA   C  N S 276 
SER C    C  N N 277 
SER O    O  N N 278 
SER CB   C  N N 279 
SER OG   O  N N 280 
SER OXT  O  N N 281 
SER H    H  N N 282 
SER H2   H  N N 283 
SER HA   H  N N 284 
SER HB2  H  N N 285 
SER HB3  H  N N 286 
SER HG   H  N N 287 
SER HXT  H  N N 288 
THR N    N  N N 289 
THR CA   C  N S 290 
THR C    C  N N 291 
THR O    O  N N 292 
THR CB   C  N R 293 
THR OG1  O  N N 294 
THR CG2  C  N N 295 
THR OXT  O  N N 296 
THR H    H  N N 297 
THR H2   H  N N 298 
THR HA   H  N N 299 
THR HB   H  N N 300 
THR HG1  H  N N 301 
THR HG21 H  N N 302 
THR HG22 H  N N 303 
THR HG23 H  N N 304 
THR HXT  H  N N 305 
VAL N    N  N N 306 
VAL CA   C  N S 307 
VAL C    C  N N 308 
VAL O    O  N N 309 
VAL CB   C  N N 310 
VAL CG1  C  N N 311 
VAL CG2  C  N N 312 
VAL OXT  O  N N 313 
VAL H    H  N N 314 
VAL H2   H  N N 315 
VAL HA   H  N N 316 
VAL HB   H  N N 317 
VAL HG11 H  N N 318 
VAL HG12 H  N N 319 
VAL HG13 H  N N 320 
VAL HG21 H  N N 321 
VAL HG22 H  N N 322 
VAL HG23 H  N N 323 
VAL HXT  H  N N 324 
# 
loop_
_chem_comp_bond.comp_id 
_chem_comp_bond.atom_id_1 
_chem_comp_bond.atom_id_2 
_chem_comp_bond.value_order 
_chem_comp_bond.pdbx_aromatic_flag 
_chem_comp_bond.pdbx_stereo_config 
_chem_comp_bond.pdbx_ordinal 
ALA N   CA   sing N N 1   
ALA N   H    sing N N 2   
ALA N   H2   sing N N 3   
ALA CA  C    sing N N 4   
ALA CA  CB   sing N N 5   
ALA CA  HA   sing N N 6   
ALA C   O    doub N N 7   
ALA C   OXT  sing N N 8   
ALA CB  HB1  sing N N 9   
ALA CB  HB2  sing N N 10  
ALA CB  HB3  sing N N 11  
ALA OXT HXT  sing N N 12  
ARG N   CA   sing N N 13  
ARG N   H    sing N N 14  
ARG N   H2   sing N N 15  
ARG CA  C    sing N N 16  
ARG CA  CB   sing N N 17  
ARG CA  HA   sing N N 18  
ARG C   O    doub N N 19  
ARG C   OXT  sing N N 20  
ARG CB  CG   sing N N 21  
ARG CB  HB2  sing N N 22  
ARG CB  HB3  sing N N 23  
ARG CG  CD   sing N N 24  
ARG CG  HG2  sing N N 25  
ARG CG  HG3  sing N N 26  
ARG CD  NE   sing N N 27  
ARG CD  HD2  sing N N 28  
ARG CD  HD3  sing N N 29  
ARG NE  CZ   sing N N 30  
ARG NE  HE   sing N N 31  
ARG CZ  NH1  sing N N 32  
ARG CZ  NH2  doub N N 33  
ARG NH1 HH11 sing N N 34  
ARG NH1 HH12 sing N N 35  
ARG NH2 HH21 sing N N 36  
ARG NH2 HH22 sing N N 37  
ARG OXT HXT  sing N N 38  
ASN N   CA   sing N N 39  
ASN N   H    sing N N 40  
ASN N   H2   sing N N 41  
ASN CA  C    sing N N 42  
ASN CA  CB   sing N N 43  
ASN CA  HA   sing N N 44  
ASN C   O    doub N N 45  
ASN C   OXT  sing N N 46  
ASN CB  CG   sing N N 47  
ASN CB  HB2  sing N N 48  
ASN CB  HB3  sing N N 49  
ASN CG  OD1  doub N N 50  
ASN CG  ND2  sing N N 51  
ASN ND2 HD21 sing N N 52  
ASN ND2 HD22 sing N N 53  
ASN OXT HXT  sing N N 54  
ASP N   CA   sing N N 55  
ASP N   H    sing N N 56  
ASP N   H2   sing N N 57  
ASP CA  C    sing N N 58  
ASP CA  CB   sing N N 59  
ASP CA  HA   sing N N 60  
ASP C   O    doub N N 61  
ASP C   OXT  sing N N 62  
ASP CB  CG   sing N N 63  
ASP CB  HB2  sing N N 64  
ASP CB  HB3  sing N N 65  
ASP CG  OD1  doub N N 66  
ASP CG  OD2  sing N N 67  
ASP OD2 HD2  sing N N 68  
ASP OXT HXT  sing N N 69  
GLN N   CA   sing N N 70  
GLN N   H    sing N N 71  
GLN N   H2   sing N N 72  
GLN CA  C    sing N N 73  
GLN CA  CB   sing N N 74  
GLN CA  HA   sing N N 75  
GLN C   O    doub N N 76  
GLN C   OXT  sing N N 77  
GLN CB  CG   sing N N 78  
GLN CB  HB2  sing N N 79  
GLN CB  HB3  sing N N 80  
GLN CG  CD   sing N N 81  
GLN CG  HG2  sing N N 82  
GLN CG  HG3  sing N N 83  
GLN CD  OE1  doub N N 84  
GLN CD  NE2  sing N N 85  
GLN NE2 HE21 sing N N 86  
GLN NE2 HE22 sing N N 87  
GLN OXT HXT  sing N N 88  
GLU N   CA   sing N N 89  
GLU N   H    sing N N 90  
GLU N   H2   sing N N 91  
GLU CA  C    sing N N 92  
GLU CA  CB   sing N N 93  
GLU CA  HA   sing N N 94  
GLU C   O    doub N N 95  
GLU C   OXT  sing N N 96  
GLU CB  CG   sing N N 97  
GLU CB  HB2  sing N N 98  
GLU CB  HB3  sing N N 99  
GLU CG  CD   sing N N 100 
GLU CG  HG2  sing N N 101 
GLU CG  HG3  sing N N 102 
GLU CD  OE1  doub N N 103 
GLU CD  OE2  sing N N 104 
GLU OE2 HE2  sing N N 105 
GLU OXT HXT  sing N N 106 
GLY N   CA   sing N N 107 
GLY N   H    sing N N 108 
GLY N   H2   sing N N 109 
GLY CA  C    sing N N 110 
GLY CA  HA2  sing N N 111 
GLY CA  HA3  sing N N 112 
GLY C   O    doub N N 113 
GLY C   OXT  sing N N 114 
GLY OXT HXT  sing N N 115 
HOH O   H1   sing N N 116 
HOH O   H2   sing N N 117 
ILE N   CA   sing N N 118 
ILE N   H    sing N N 119 
ILE N   H2   sing N N 120 
ILE CA  C    sing N N 121 
ILE CA  CB   sing N N 122 
ILE CA  HA   sing N N 123 
ILE C   O    doub N N 124 
ILE C   OXT  sing N N 125 
ILE CB  CG1  sing N N 126 
ILE CB  CG2  sing N N 127 
ILE CB  HB   sing N N 128 
ILE CG1 CD1  sing N N 129 
ILE CG1 HG12 sing N N 130 
ILE CG1 HG13 sing N N 131 
ILE CG2 HG21 sing N N 132 
ILE CG2 HG22 sing N N 133 
ILE CG2 HG23 sing N N 134 
ILE CD1 HD11 sing N N 135 
ILE CD1 HD12 sing N N 136 
ILE CD1 HD13 sing N N 137 
ILE OXT HXT  sing N N 138 
LEU N   CA   sing N N 139 
LEU N   H    sing N N 140 
LEU N   H2   sing N N 141 
LEU CA  C    sing N N 142 
LEU CA  CB   sing N N 143 
LEU CA  HA   sing N N 144 
LEU C   O    doub N N 145 
LEU C   OXT  sing N N 146 
LEU CB  CG   sing N N 147 
LEU CB  HB2  sing N N 148 
LEU CB  HB3  sing N N 149 
LEU CG  CD1  sing N N 150 
LEU CG  CD2  sing N N 151 
LEU CG  HG   sing N N 152 
LEU CD1 HD11 sing N N 153 
LEU CD1 HD12 sing N N 154 
LEU CD1 HD13 sing N N 155 
LEU CD2 HD21 sing N N 156 
LEU CD2 HD22 sing N N 157 
LEU CD2 HD23 sing N N 158 
LEU OXT HXT  sing N N 159 
LYS N   CA   sing N N 160 
LYS N   H    sing N N 161 
LYS N   H2   sing N N 162 
LYS CA  C    sing N N 163 
LYS CA  CB   sing N N 164 
LYS CA  HA   sing N N 165 
LYS C   O    doub N N 166 
LYS C   OXT  sing N N 167 
LYS CB  CG   sing N N 168 
LYS CB  HB2  sing N N 169 
LYS CB  HB3  sing N N 170 
LYS CG  CD   sing N N 171 
LYS CG  HG2  sing N N 172 
LYS CG  HG3  sing N N 173 
LYS CD  CE   sing N N 174 
LYS CD  HD2  sing N N 175 
LYS CD  HD3  sing N N 176 
LYS CE  NZ   sing N N 177 
LYS CE  HE2  sing N N 178 
LYS CE  HE3  sing N N 179 
LYS NZ  HZ1  sing N N 180 
LYS NZ  HZ2  sing N N 181 
LYS NZ  HZ3  sing N N 182 
LYS OXT HXT  sing N N 183 
MET N   CA   sing N N 184 
MET N   H    sing N N 185 
MET N   H2   sing N N 186 
MET CA  C    sing N N 187 
MET CA  CB   sing N N 188 
MET CA  HA   sing N N 189 
MET C   O    doub N N 190 
MET C   OXT  sing N N 191 
MET CB  CG   sing N N 192 
MET CB  HB2  sing N N 193 
MET CB  HB3  sing N N 194 
MET CG  SD   sing N N 195 
MET CG  HG2  sing N N 196 
MET CG  HG3  sing N N 197 
MET SD  CE   sing N N 198 
MET CE  HE1  sing N N 199 
MET CE  HE2  sing N N 200 
MET CE  HE3  sing N N 201 
MET OXT HXT  sing N N 202 
MSE N   CA   sing N N 203 
MSE N   H    sing N N 204 
MSE N   H2   sing N N 205 
MSE CA  C    sing N N 206 
MSE CA  CB   sing N N 207 
MSE CA  HA   sing N N 208 
MSE C   O    doub N N 209 
MSE C   OXT  sing N N 210 
MSE OXT HXT  sing N N 211 
MSE CB  CG   sing N N 212 
MSE CB  HB2  sing N N 213 
MSE CB  HB3  sing N N 214 
MSE CG  SE   sing N N 215 
MSE CG  HG2  sing N N 216 
MSE CG  HG3  sing N N 217 
MSE SE  CE   sing N N 218 
MSE CE  HE1  sing N N 219 
MSE CE  HE2  sing N N 220 
MSE CE  HE3  sing N N 221 
PHE N   CA   sing N N 222 
PHE N   H    sing N N 223 
PHE N   H2   sing N N 224 
PHE CA  C    sing N N 225 
PHE CA  CB   sing N N 226 
PHE CA  HA   sing N N 227 
PHE C   O    doub N N 228 
PHE C   OXT  sing N N 229 
PHE CB  CG   sing N N 230 
PHE CB  HB2  sing N N 231 
PHE CB  HB3  sing N N 232 
PHE CG  CD1  doub Y N 233 
PHE CG  CD2  sing Y N 234 
PHE CD1 CE1  sing Y N 235 
PHE CD1 HD1  sing N N 236 
PHE CD2 CE2  doub Y N 237 
PHE CD2 HD2  sing N N 238 
PHE CE1 CZ   doub Y N 239 
PHE CE1 HE1  sing N N 240 
PHE CE2 CZ   sing Y N 241 
PHE CE2 HE2  sing N N 242 
PHE CZ  HZ   sing N N 243 
PHE OXT HXT  sing N N 244 
PRO N   CA   sing N N 245 
PRO N   CD   sing N N 246 
PRO N   H    sing N N 247 
PRO CA  C    sing N N 248 
PRO CA  CB   sing N N 249 
PRO CA  HA   sing N N 250 
PRO C   O    doub N N 251 
PRO C   OXT  sing N N 252 
PRO CB  CG   sing N N 253 
PRO CB  HB2  sing N N 254 
PRO CB  HB3  sing N N 255 
PRO CG  CD   sing N N 256 
PRO CG  HG2  sing N N 257 
PRO CG  HG3  sing N N 258 
PRO CD  HD2  sing N N 259 
PRO CD  HD3  sing N N 260 
PRO OXT HXT  sing N N 261 
SER N   CA   sing N N 262 
SER N   H    sing N N 263 
SER N   H2   sing N N 264 
SER CA  C    sing N N 265 
SER CA  CB   sing N N 266 
SER CA  HA   sing N N 267 
SER C   O    doub N N 268 
SER C   OXT  sing N N 269 
SER CB  OG   sing N N 270 
SER CB  HB2  sing N N 271 
SER CB  HB3  sing N N 272 
SER OG  HG   sing N N 273 
SER OXT HXT  sing N N 274 
THR N   CA   sing N N 275 
THR N   H    sing N N 276 
THR N   H2   sing N N 277 
THR CA  C    sing N N 278 
THR CA  CB   sing N N 279 
THR CA  HA   sing N N 280 
THR C   O    doub N N 281 
THR C   OXT  sing N N 282 
THR CB  OG1  sing N N 283 
THR CB  CG2  sing N N 284 
THR CB  HB   sing N N 285 
THR OG1 HG1  sing N N 286 
THR CG2 HG21 sing N N 287 
THR CG2 HG22 sing N N 288 
THR CG2 HG23 sing N N 289 
THR OXT HXT  sing N N 290 
VAL N   CA   sing N N 291 
VAL N   H    sing N N 292 
VAL N   H2   sing N N 293 
VAL CA  C    sing N N 294 
VAL CA  CB   sing N N 295 
VAL CA  HA   sing N N 296 
VAL C   O    doub N N 297 
VAL C   OXT  sing N N 298 
VAL CB  CG1  sing N N 299 
VAL CB  CG2  sing N N 300 
VAL CB  HB   sing N N 301 
VAL CG1 HG11 sing N N 302 
VAL CG1 HG12 sing N N 303 
VAL CG1 HG13 sing N N 304 
VAL CG2 HG21 sing N N 305 
VAL CG2 HG22 sing N N 306 
VAL CG2 HG23 sing N N 307 
VAL OXT HXT  sing N N 308 
# 
_atom_sites.entry_id                    1UIX 
_atom_sites.fract_transf_matrix[1][1]   -0.00348046 
_atom_sites.fract_transf_matrix[1][2]   0.00040795 
_atom_sites.fract_transf_matrix[1][3]   -0.00577748 
_atom_sites.fract_transf_matrix[2][1]   -0.03199253 
_atom_sites.fract_transf_matrix[2][2]   -0.00998356 
_atom_sites.fract_transf_matrix[2][3]   0.01856796 
_atom_sites.fract_transf_matrix[3][1]   -0.00497770 
_atom_sites.fract_transf_matrix[3][2]   0.02434292 
_atom_sites.fract_transf_matrix[3][3]   0.00451207 
_atom_sites.fract_transf_vector[1]      -0.005014 
_atom_sites.fract_transf_vector[2]      -0.049706 
_atom_sites.fract_transf_vector[3]      0.261222 
# 
loop_
_atom_type.symbol 
C  
N  
O  
SE 
# 
loop_
_atom_site.group_PDB 
_atom_site.id 
_atom_site.type_symbol 
_atom_site.label_atom_id 
_atom_site.label_alt_id 
_atom_site.label_comp_id 
_atom_site.label_asym_id 
_atom_site.label_entity_id 
_atom_site.label_seq_id 
_atom_site.pdbx_PDB_ins_code 
_atom_site.Cartn_x 
_atom_site.Cartn_y 
_atom_site.Cartn_z 
_atom_site.occupancy 
_atom_site.B_iso_or_equiv 
_atom_site.pdbx_formal_charge 
_atom_site.auth_seq_id 
_atom_site.auth_comp_id 
_atom_site.auth_asym_id 
_atom_site.auth_atom_id 
_atom_site.pdbx_PDB_model_num 
ATOM   1    N  N   . GLY A 1 1  ? -16.721 -16.300 -43.665 1.00 5.47  ? -2   GLY A N   1 
ATOM   2    C  CA  . GLY A 1 1  ? -17.566 -15.137 -44.016 1.00 7.67  ? -2   GLY A CA  1 
ATOM   3    C  C   . GLY A 1 1  ? -18.004 -14.359 -42.780 1.00 7.30  ? -2   GLY A C   1 
ATOM   4    O  O   . GLY A 1 1  ? -17.428 -14.515 -41.694 1.00 9.32  ? -2   GLY A O   1 
ATOM   5    N  N   . SER A 1 2  ? -19.060 -13.582 -42.901 1.00 7.55  ? -1   SER A N   1 
ATOM   6    C  CA  . SER A 1 2  ? -19.446 -12.715 -41.804 1.00 8.06  ? -1   SER A CA  1 
ATOM   7    C  C   . SER A 1 2  ? -19.865 -13.545 -40.608 1.00 7.90  ? -1   SER A C   1 
ATOM   8    O  O   . SER A 1 2  ? -19.690 -13.091 -39.478 1.00 9.28  ? -1   SER A O   1 
ATOM   9    C  CB  . SER A 1 2  ? -20.537 -11.728 -42.207 1.00 8.63  ? -1   SER A CB  1 
ATOM   10   O  OG  . SER A 1 2  ? -21.770 -12.388 -42.524 1.00 8.68  ? -1   SER A OG  1 
ATOM   11   N  N   . THR A 1 3  ? -20.383 -14.761 -40.838 1.00 8.72  ? 979  THR A N   1 
ATOM   12   C  CA  . THR A 1 3  ? -20.943 -15.541 -39.746 1.00 7.49  ? 979  THR A CA  1 
ATOM   13   C  C   . THR A 1 3  ? -19.855 -16.062 -38.801 1.00 5.89  ? 979  THR A C   1 
ATOM   14   O  O   . THR A 1 3  ? -20.001 -15.941 -37.602 1.00 4.19  ? 979  THR A O   1 
ATOM   15   C  CB  . THR A 1 3  ? -21.830 -16.689 -40.288 1.00 9.61  ? 979  THR A CB  1 
ATOM   16   O  OG1 . THR A 1 3  ? -22.931 -16.071 -40.984 1.00 14.84 ? 979  THR A OG1 1 
ATOM   17   C  CG2 . THR A 1 3  ? -22.506 -17.456 -39.115 1.00 11.68 ? 979  THR A CG2 1 
ATOM   18   N  N   . SER A 1 4  ? -18.778 -16.643 -39.343 1.00 5.70  ? 980  SER A N   1 
ATOM   19   C  CA  . SER A 1 4  ? -17.728 -17.062 -38.406 1.00 5.25  ? 980  SER A CA  1 
ATOM   20   C  C   . SER A 1 4  ? -16.952 -15.824 -37.871 1.00 4.40  ? 980  SER A C   1 
ATOM   21   O  O   . SER A 1 4  ? -16.431 -15.864 -36.790 1.00 5.92  ? 980  SER A O   1 
ATOM   22   C  CB  . SER A 1 4  ? -16.777 -18.093 -39.016 1.00 5.35  ? 980  SER A CB  1 
ATOM   23   O  OG  . SER A 1 4  ? -16.101 -17.505 -40.129 1.00 6.95  ? 980  SER A OG  1 
ATOM   24   N  N   . ASP A 1 5  ? -16.869 -14.750 -38.650 1.00 6.19  ? 981  ASP A N   1 
ATOM   25   C  CA  . ASP A 1 5  ? -16.224 -13.509 -38.151 1.00 6.04  ? 981  ASP A CA  1 
ATOM   26   C  C   . ASP A 1 5  ? -16.981 -12.988 -36.943 1.00 6.07  ? 981  ASP A C   1 
ATOM   27   O  O   . ASP A 1 5  ? -16.391 -12.749 -35.903 1.00 7.82  ? 981  ASP A O   1 
ATOM   28   C  CB  . ASP A 1 5  ? -16.162 -12.381 -39.195 1.00 6.91  ? 981  ASP A CB  1 
ATOM   29   C  CG  . ASP A 1 5  ? -15.326 -12.735 -40.389 1.00 9.00  ? 981  ASP A CG  1 
ATOM   30   O  OD1 . ASP A 1 5  ? -14.522 -13.727 -40.309 1.00 10.12 ? 981  ASP A OD1 1 
ATOM   31   O  OD2 . ASP A 1 5  ? -15.319 -11.962 -41.413 1.00 11.30 ? 981  ASP A OD2 1 
ATOM   32   N  N   . VAL A 1 6  ? -18.299 -12.842 -37.071 1.00 5.36  ? 982  VAL A N   1 
ATOM   33   C  CA  . VAL A 1 6  ? -19.105 -12.450 -35.912 1.00 5.97  ? 982  VAL A CA  1 
ATOM   34   C  C   . VAL A 1 6  ? -18.878 -13.367 -34.711 1.00 5.34  ? 982  VAL A C   1 
ATOM   35   O  O   . VAL A 1 6  ? -18.684 -12.868 -33.610 1.00 5.78  ? 982  VAL A O   1 
ATOM   36   C  CB  . VAL A 1 6  ? -20.587 -12.383 -36.269 1.00 5.29  ? 982  VAL A CB  1 
ATOM   37   C  CG1 . VAL A 1 6  ? -21.492 -12.196 -35.049 1.00 7.54  ? 982  VAL A CG1 1 
ATOM   38   C  CG2 . VAL A 1 6  ? -20.802 -11.202 -37.242 1.00 7.24  ? 982  VAL A CG2 1 
ATOM   39   N  N   . ALA A 1 7  ? -18.985 -14.687 -34.910 1.00 4.13  ? 983  ALA A N   1 
ATOM   40   C  CA  . ALA A 1 7  ? -18.843 -15.678 -33.816 1.00 3.84  ? 983  ALA A CA  1 
ATOM   41   C  C   . ALA A 1 7  ? -17.533 -15.511 -33.085 1.00 5.30  ? 983  ALA A C   1 
ATOM   42   O  O   . ALA A 1 7  ? -17.475 -15.504 -31.836 1.00 4.09  ? 983  ALA A O   1 
ATOM   43   C  CB  . ALA A 1 7  ? -18.987 -17.159 -34.381 1.00 2.70  ? 983  ALA A CB  1 
ATOM   44   N  N   . ASN A 1 8  ? -16.436 -15.425 -33.858 1.00 4.97  ? 984  ASN A N   1 
ATOM   45   C  CA  . ASN A 1 8  ? -15.114 -15.235 -33.260 1.00 4.79  ? 984  ASN A CA  1 
ATOM   46   C  C   . ASN A 1 8  ? -14.938 -13.878 -32.554 1.00 4.68  ? 984  ASN A C   1 
ATOM   47   O  O   . ASN A 1 8  ? -14.362 -13.840 -31.491 1.00 4.74  ? 984  ASN A O   1 
ATOM   48   C  CB  . ASN A 1 8  ? -14.053 -15.367 -34.313 1.00 4.15  ? 984  ASN A CB  1 
ATOM   49   C  CG  . ASN A 1 8  ? -13.872 -16.846 -34.793 1.00 4.27  ? 984  ASN A CG  1 
ATOM   50   O  OD1 . ASN A 1 8  ? -14.104 -17.791 -34.043 1.00 6.54  ? 984  ASN A OD1 1 
ATOM   51   N  ND2 . ASN A 1 8  ? -13.410 -17.004 -36.003 1.00 4.49  ? 984  ASN A ND2 1 
ATOM   52   N  N   . LEU A 1 9  ? -15.497 -12.795 -33.096 1.00 5.14  ? 985  LEU A N   1 
ATOM   53   C  CA  . LEU A 1 9  ? -15.277 -11.484 -32.512 1.00 5.11  ? 985  LEU A CA  1 
ATOM   54   C  C   . LEU A 1 9  ? -16.137 -11.400 -31.276 1.00 6.94  ? 985  LEU A C   1 
ATOM   55   O  O   . LEU A 1 9  ? -15.707 -10.858 -30.265 1.00 6.86  ? 985  LEU A O   1 
ATOM   56   C  CB  . LEU A 1 9  ? -15.647 -10.360 -33.502 1.00 5.97  ? 985  LEU A CB  1 
ATOM   57   C  CG  . LEU A 1 9  ? -14.552 -10.164 -34.526 1.00 6.73  ? 985  LEU A CG  1 
ATOM   58   C  CD1 . LEU A 1 9  ? -15.260 -9.507  -35.735 1.00 8.73  ? 985  LEU A CD1 1 
ATOM   59   C  CD2 . LEU A 1 9  ? -13.449 -9.234  -33.963 1.00 8.08  ? 985  LEU A CD2 1 
ATOM   60   N  N   . ALA A 1 10 ? -17.329 -11.994 -31.307 1.00 6.72  ? 986  ALA A N   1 
ATOM   61   C  CA  . ALA A 1 10 ? -18.149 -11.965 -30.079 1.00 7.25  ? 986  ALA A CA  1 
ATOM   62   C  C   . ALA A 1 10 ? -17.461 -12.749 -28.938 1.00 9.30  ? 986  ALA A C   1 
ATOM   63   O  O   . ALA A 1 10 ? -17.537 -12.393 -27.753 1.00 8.32  ? 986  ALA A O   1 
ATOM   64   C  CB  . ALA A 1 10 ? -19.571 -12.524 -30.374 1.00 7.37  ? 986  ALA A CB  1 
ATOM   65   N  N   . ASN A 1 11 ? -16.813 -13.845 -29.297 1.00 10.50 ? 987  ASN A N   1 
ATOM   66   C  CA  . ASN A 1 11 ? -16.045 -14.576 -28.311 1.00 12.38 ? 987  ASN A CA  1 
ATOM   67   C  C   . ASN A 1 11 ? -14.868 -13.793 -27.714 1.00 11.79 ? 987  ASN A C   1 
ATOM   68   O  O   . ASN A 1 11 ? -14.607 -13.880 -26.529 1.00 11.47 ? 987  ASN A O   1 
ATOM   69   C  CB  . ASN A 1 11 ? -15.530 -15.824 -28.974 1.00 14.58 ? 987  ASN A CB  1 
ATOM   70   C  CG  . ASN A 1 11 ? -16.003 -17.022 -28.316 1.00 20.38 ? 987  ASN A CG  1 
ATOM   71   O  OD1 . ASN A 1 11 ? -17.018 -17.572 -28.690 1.00 23.88 ? 987  ASN A OD1 1 
ATOM   72   N  ND2 . ASN A 1 11 ? -15.258 -17.472 -27.292 1.00 26.35 ? 987  ASN A ND2 1 
ATOM   73   N  N   . GLU A 1 12 ? -14.135 -13.057 -28.549 1.00 10.63 ? 988  GLU A N   1 
ATOM   74   C  CA  . GLU A 1 12 ? -12.985 -12.282 -28.092 1.00 9.17  ? 988  GLU A CA  1 
ATOM   75   C  C   . GLU A 1 12 ? -13.444 -11.156 -27.238 1.00 9.71  ? 988  GLU A C   1 
ATOM   76   O  O   . GLU A 1 12 ? -12.799 -10.879 -26.223 1.00 9.17  ? 988  GLU A O   1 
ATOM   77   C  CB  . GLU A 1 12 ? -12.177 -11.725 -29.255 1.00 9.48  ? 988  GLU A CB  1 
ATOM   78   C  CG  . GLU A 1 12 ? -11.442 -12.783 -30.038 1.00 9.30  ? 988  GLU A CG  1 
ATOM   79   C  CD  . GLU A 1 12 ? -10.302 -12.189 -30.840 1.00 13.54 ? 988  GLU A CD  1 
ATOM   80   O  OE1 . GLU A 1 12 ? -9.271  -11.806 -30.230 1.00 14.96 ? 988  GLU A OE1 1 
ATOM   81   O  OE2 . GLU A 1 12 ? -10.445 -12.102 -32.044 1.00 18.08 ? 988  GLU A OE2 1 
ATOM   82   N  N   . LYS A 1 13 ? -14.567 -10.516 -27.588 1.00 8.30  ? 989  LYS A N   1 
ATOM   83   C  CA  . LYS A 1 13 ? -15.096 -9.436  -26.743 1.00 9.42  ? 989  LYS A CA  1 
ATOM   84   C  C   . LYS A 1 13 ? -15.484 -9.983  -25.369 1.00 11.07 ? 989  LYS A C   1 
ATOM   85   O  O   . LYS A 1 13 ? -15.205 -9.359  -24.351 1.00 11.91 ? 989  LYS A O   1 
ATOM   86   C  CB  . LYS A 1 13 ? -16.323 -8.721  -27.395 1.00 7.43  ? 989  LYS A CB  1 
ATOM   87   C  CG  . LYS A 1 13 ? -15.962 -7.859  -28.552 1.00 7.36  ? 989  LYS A CG  1 
ATOM   88   C  CD  . LYS A 1 13 ? -17.237 -7.299  -29.137 1.00 9.35  ? 989  LYS A CD  1 
ATOM   89   C  CE  . LYS A 1 13 ? -17.880 -6.254  -28.256 1.00 8.51  ? 989  LYS A CE  1 
ATOM   90   N  NZ  . LYS A 1 13 ? -19.130 -5.789  -28.922 1.00 8.15  ? 989  LYS A NZ  1 
ATOM   91   N  N   . GLU A 1 14 ? -16.119 -11.144 -25.350 1.00 11.79 ? 990  GLU A N   1 
ATOM   92   C  CA  . GLU A 1 14 ? -16.489 -11.781 -24.078 1.00 12.97 ? 990  GLU A CA  1 
ATOM   93   C  C   . GLU A 1 14 ? -15.205 -12.074 -23.251 1.00 12.42 ? 990  GLU A C   1 
ATOM   94   O  O   . GLU A 1 14 ? -15.110 -11.665 -22.098 1.00 12.37 ? 990  GLU A O   1 
ATOM   95   C  CB  . GLU A 1 14 ? -17.265 -13.079 -24.340 1.00 11.42 ? 990  GLU A CB  1 
ATOM   96   C  CG  . GLU A 1 14 ? -17.611 -13.855 -23.045 1.00 16.90 ? 990  GLU A CG  1 
ATOM   97   C  CD  . GLU A 1 14 ? -18.513 -15.080 -23.248 1.00 23.59 ? 990  GLU A CD  1 
ATOM   98   O  OE1 . GLU A 1 14 ? -18.792 -15.756 -22.232 1.00 27.88 ? 990  GLU A OE1 1 
ATOM   99   O  OE2 . GLU A 1 14 ? -18.970 -15.388 -24.380 1.00 28.24 ? 990  GLU A OE2 1 
ATOM   100  N  N   . GLU A 1 15 ? -14.211 -12.716 -23.877 1.00 12.56 ? 991  GLU A N   1 
ATOM   101  C  CA  . GLU A 1 15 ? -12.923 -12.982 -23.197 1.00 12.35 ? 991  GLU A CA  1 
ATOM   102  C  C   . GLU A 1 15 ? -12.238 -11.707 -22.642 1.00 12.82 ? 991  GLU A C   1 
ATOM   103  O  O   . GLU A 1 15 ? -11.867 -11.655 -21.467 1.00 12.07 ? 991  GLU A O   1 
ATOM   104  C  CB  . GLU A 1 15 ? -11.976 -13.741 -24.118 1.00 12.74 ? 991  GLU A CB  1 
ATOM   105  C  CG  . GLU A 1 15 ? -10.573 -13.988 -23.519 1.00 17.92 ? 991  GLU A CG  1 
ATOM   106  C  CD  . GLU A 1 15 ? -10.600 -14.846 -22.248 1.00 24.54 ? 991  GLU A CD  1 
ATOM   107  O  OE1 . GLU A 1 15 ? -9.743  -14.615 -21.338 1.00 26.84 ? 991  GLU A OE1 1 
ATOM   108  O  OE2 . GLU A 1 15 ? -11.478 -15.769 -22.170 1.00 23.68 ? 991  GLU A OE2 1 
ATOM   109  N  N   . LEU A 1 16 ? -12.078 -10.679 -23.477 1.00 11.79 ? 992  LEU A N   1 
ATOM   110  C  CA  . LEU A 1 16 ? -11.478 -9.435  -23.043 1.00 11.74 ? 992  LEU A CA  1 
ATOM   111  C  C   . LEU A 1 16 ? -12.279 -8.746  -21.937 1.00 12.92 ? 992  LEU A C   1 
ATOM   112  O  O   . LEU A 1 16 ? -11.694 -8.239  -21.004 1.00 12.25 ? 992  LEU A O   1 
ATOM   113  C  CB  . LEU A 1 16 ? -11.311 -8.464  -24.219 1.00 11.33 ? 992  LEU A CB  1 
ATOM   114  C  CG  . LEU A 1 16 ? -10.265 -8.891  -25.252 1.00 9.82  ? 992  LEU A CG  1 
ATOM   115  C  CD1 . LEU A 1 16 ? -10.494 -8.112  -26.629 1.00 10.52 ? 992  LEU A CD1 1 
ATOM   116  C  CD2 . LEU A 1 16 ? -8.875  -8.627  -24.689 1.00 9.45  ? 992  LEU A CD2 1 
ATOM   117  N  N   . ASN A 1 17 ? -13.591 -8.690  -22.084 1.00 14.25 ? 993  ASN A N   1 
ATOM   118  C  CA  . ASN A 1 17 ? -14.435 -8.080  -21.074 1.00 17.28 ? 993  ASN A CA  1 
ATOM   119  C  C   . ASN A 1 17 ? -14.266 -8.751  -19.698 1.00 17.19 ? 993  ASN A C   1 
ATOM   120  O  O   . ASN A 1 17 ? -14.155 -8.058  -18.679 1.00 17.17 ? 993  ASN A O   1 
ATOM   121  C  CB  . ASN A 1 17 ? -15.911 -8.047  -21.481 1.00 16.65 ? 993  ASN A CB  1 
ATOM   122  C  CG  . ASN A 1 17 ? -16.756 -7.238  -20.503 1.00 22.16 ? 993  ASN A CG  1 
ATOM   123  O  OD1 . ASN A 1 17 ? -17.553 -7.799  -19.730 1.00 21.37 ? 993  ASN A OD1 1 
ATOM   124  N  ND2 . ASN A 1 17 ? -16.527 -5.926  -20.472 1.00 21.21 ? 993  ASN A ND2 1 
ATOM   125  N  N   . ASN A 1 18 ? -14.256 -10.084 -19.692 1.00 18.41 ? 994  ASN A N   1 
ATOM   126  C  CA  . ASN A 1 18 ? -14.038 -10.887 -18.479 1.00 17.89 ? 994  ASN A CA  1 
ATOM   127  C  C   . ASN A 1 18 ? -12.685 -10.564 -17.815 1.00 18.47 ? 994  ASN A C   1 
ATOM   128  O  O   . ASN A 1 18 ? -12.614 -10.386 -16.589 1.00 18.54 ? 994  ASN A O   1 
ATOM   129  C  CB  . ASN A 1 18 ? -14.131 -12.394 -18.807 1.00 18.21 ? 994  ASN A CB  1 
ATOM   130  C  CG  . ASN A 1 18 ? -15.559 -12.875 -19.052 1.00 19.57 ? 994  ASN A CG  1 
ATOM   131  O  OD1 . ASN A 1 18 ? -16.512 -12.194 -18.711 1.00 23.50 ? 994  ASN A OD1 1 
ATOM   132  N  ND2 . ASN A 1 18 ? -15.709 -14.065 -19.650 1.00 23.67 ? 994  ASN A ND2 1 
ATOM   133  N  N   . LYS A 1 19 ? -11.621 -10.509 -18.616 1.00 18.06 ? 995  LYS A N   1 
ATOM   134  C  CA  . LYS A 1 19 ? -10.264 -10.169 -18.132 1.00 19.14 ? 995  LYS A CA  1 
ATOM   135  C  C   . LYS A 1 19 ? -10.222 -8.743  -17.645 1.00 19.16 ? 995  LYS A C   1 
ATOM   136  O  O   . LYS A 1 19 ? -9.572  -8.458  -16.651 1.00 18.83 ? 995  LYS A O   1 
ATOM   137  C  CB  . LYS A 1 19 ? -9.205  -10.357 -19.212 1.00 18.99 ? 995  LYS A CB  1 
ATOM   138  C  CG  . LYS A 1 19 ? -8.760  -11.798 -19.346 1.00 24.85 ? 995  LYS A CG  1 
ATOM   139  C  CD  . LYS A 1 19 ? -7.682  -11.951 -20.422 1.00 32.04 ? 995  LYS A CD  1 
ATOM   140  C  CE  . LYS A 1 19 ? -6.281  -11.916 -19.804 1.00 35.84 ? 995  LYS A CE  1 
ATOM   141  N  NZ  . LYS A 1 19 ? -5.206  -11.998 -20.852 1.00 38.38 ? 995  LYS A NZ  1 
ATOM   142  N  N   . LEU A 1 20 ? -10.959 -7.857  -18.322 1.00 18.11 ? 996  LEU A N   1 
ATOM   143  C  CA  . LEU A 1 20 ? -11.049 -6.476  -17.892 1.00 18.06 ? 996  LEU A CA  1 
ATOM   144  C  C   . LEU A 1 20 ? -11.740 -6.349  -16.542 1.00 18.09 ? 996  LEU A C   1 
ATOM   145  O  O   . LEU A 1 20 ? -11.229 -5.676  -15.640 1.00 17.37 ? 996  LEU A O   1 
ATOM   146  C  CB  . LEU A 1 20 ? -11.782 -5.610  -18.938 1.00 17.76 ? 996  LEU A CB  1 
ATOM   147  C  CG  . LEU A 1 20 ? -11.960 -4.137  -18.588 1.00 15.51 ? 996  LEU A CG  1 
ATOM   148  C  CD1 . LEU A 1 20 ? -10.606 -3.448  -18.358 1.00 16.98 ? 996  LEU A CD1 1 
ATOM   149  C  CD2 . LEU A 1 20 ? -12.789 -3.426  -19.730 1.00 14.46 ? 996  LEU A CD2 1 
ATOM   150  N  N   . LYS A 1 21 ? -12.885 -7.009  -16.409 1.00 18.21 ? 997  LYS A N   1 
ATOM   151  C  CA  . LYS A 1 21 ? -13.620 -7.022  -15.153 1.00 19.62 ? 997  LYS A CA  1 
ATOM   152  C  C   . LYS A 1 21 ? -12.763 -7.524  -13.975 1.00 21.00 ? 997  LYS A C   1 
ATOM   153  O  O   . LYS A 1 21 ? -12.778 -6.912  -12.898 1.00 21.29 ? 997  LYS A O   1 
ATOM   154  C  CB  . LYS A 1 21 ? -14.901 -7.853  -15.297 1.00 19.92 ? 997  LYS A CB  1 
ATOM   155  N  N   . GLU A 1 22 ? -12.031 -8.621  -14.190 1.00 21.62 ? 998  GLU A N   1 
ATOM   156  C  CA  . GLU A 1 22 ? -11.118 -9.176  -13.182 1.00 22.64 ? 998  GLU A CA  1 
ATOM   157  C  C   . GLU A 1 22 ? -10.090 -8.126  -12.825 1.00 23.18 ? 998  GLU A C   1 
ATOM   158  O  O   . GLU A 1 22 ? -9.832  -7.912  -11.651 1.00 23.72 ? 998  GLU A O   1 
ATOM   159  C  CB  . GLU A 1 22 ? -10.424 -10.446 -13.689 1.00 22.48 ? 998  GLU A CB  1 
ATOM   160  N  N   . ALA A 1 23 ? -9.533  -7.448  -13.826 1.00 22.48 ? 999  ALA A N   1 
ATOM   161  C  CA  . ALA A 1 23 ? -8.527  -6.415  -13.560 1.00 23.48 ? 999  ALA A CA  1 
ATOM   162  C  C   . ALA A 1 23 ? -9.081  -5.242  -12.740 1.00 24.64 ? 999  ALA A C   1 
ATOM   163  O  O   . ALA A 1 23 ? -8.420  -4.759  -11.790 1.00 24.30 ? 999  ALA A O   1 
ATOM   164  C  CB  . ALA A 1 23 ? -7.889  -5.912  -14.842 1.00 21.98 ? 999  ALA A CB  1 
ATOM   165  N  N   . GLN A 1 24 ? -10.279 -4.791  -13.098 1.00 25.22 ? 1000 GLN A N   1 
ATOM   166  C  CA  . GLN A 1 24 ? -10.899 -3.649  -12.420 1.00 27.57 ? 1000 GLN A CA  1 
ATOM   167  C  C   . GLN A 1 24 ? -11.357 -3.984  -10.990 1.00 28.16 ? 1000 GLN A C   1 
ATOM   168  O  O   . GLN A 1 24 ? -11.415 -3.099  -10.148 1.00 27.50 ? 1000 GLN A O   1 
ATOM   169  C  CB  . GLN A 1 24 ? -12.044 -3.047  -13.257 1.00 27.46 ? 1000 GLN A CB  1 
ATOM   170  C  CG  . GLN A 1 24 ? -11.640 -2.871  -14.708 1.00 31.28 ? 1000 GLN A CG  1 
ATOM   171  C  CD  . GLN A 1 24 ? -11.925 -1.502  -15.288 1.00 37.73 ? 1000 GLN A CD  1 
ATOM   172  O  OE1 . GLN A 1 24 ? -12.954 -1.316  -15.941 1.00 39.40 ? 1000 GLN A OE1 1 
ATOM   173  N  NE2 . GLN A 1 24 ? -10.996 -0.552  -15.100 1.00 41.56 ? 1000 GLN A NE2 1 
ATOM   174  N  N   . GLU A 1 25 ? -11.690 -5.252  -10.739 1.00 29.10 ? 1001 GLU A N   1 
ATOM   175  C  CA  . GLU A 1 25 ? -11.985 -5.721  -9.392  1.00 30.42 ? 1001 GLU A CA  1 
ATOM   176  C  C   . GLU A 1 25 ? -10.702 -5.727  -8.533  1.00 31.23 ? 1001 GLU A C   1 
ATOM   177  O  O   . GLU A 1 25 ? -10.724 -5.307  -7.371  1.00 30.91 ? 1001 GLU A O   1 
ATOM   178  C  CB  . GLU A 1 25 ? -12.641 -7.099  -9.429  1.00 30.98 ? 1001 GLU A CB  1 
ATOM   179  C  CG  . GLU A 1 25 ? -14.032 -7.099  -10.083 1.00 32.80 ? 1001 GLU A CG  1 
ATOM   180  C  CD  . GLU A 1 25 ? -14.600 -8.496  -10.366 1.00 36.92 ? 1001 GLU A CD  1 
ATOM   181  O  OE1 . GLU A 1 25 ? -13.899 -9.512  -10.113 1.00 38.64 ? 1001 GLU A OE1 1 
ATOM   182  O  OE2 . GLU A 1 25 ? -15.766 -8.585  -10.852 1.00 37.66 ? 1001 GLU A OE2 1 
ATOM   183  N  N   . GLN A 1 26 ? -9.597  -6.189  -9.107  1.00 31.34 ? 1002 GLN A N   1 
ATOM   184  C  CA  . GLN A 1 26 ? -8.297  -6.096  -8.450  1.00 32.51 ? 1002 GLN A CA  1 
ATOM   185  C  C   . GLN A 1 26 ? -7.969  -4.647  -8.131  1.00 32.81 ? 1002 GLN A C   1 
ATOM   186  O  O   . GLN A 1 26 ? -7.693  -4.336  -6.983  1.00 33.20 ? 1002 GLN A O   1 
ATOM   187  C  CB  . GLN A 1 26 ? -7.198  -6.689  -9.300  1.00 32.55 ? 1002 GLN A CB  1 
ATOM   188  C  CG  . GLN A 1 26 ? -7.238  -8.186  -9.422  1.00 35.47 ? 1002 GLN A CG  1 
ATOM   189  C  CD  . GLN A 1 26 ? -6.124  -8.707  -10.310 1.00 40.95 ? 1002 GLN A CD  1 
ATOM   190  O  OE1 . GLN A 1 26 ? -6.378  -9.428  -11.277 1.00 44.28 ? 1002 GLN A OE1 1 
ATOM   191  N  NE2 . GLN A 1 26 ? -4.887  -8.340  -9.990  1.00 42.07 ? 1002 GLN A NE2 1 
ATOM   192  N  N   . LEU A 1 27 ? -8.021  -3.762  -9.126  1.00 32.58 ? 1003 LEU A N   1 
ATOM   193  C  CA  . LEU A 1 27 ? -7.728  -2.338  -8.923  1.00 33.27 ? 1003 LEU A CA  1 
ATOM   194  C  C   . LEU A 1 27 ? -8.566  -1.710  -7.821  1.00 34.26 ? 1003 LEU A C   1 
ATOM   195  O  O   . LEU A 1 27 ? -8.096  -0.838  -7.105  1.00 34.11 ? 1003 LEU A O   1 
ATOM   196  C  CB  . LEU A 1 27 ? -7.927  -1.531  -10.216 1.00 32.96 ? 1003 LEU A CB  1 
ATOM   197  C  CG  . LEU A 1 27 ? -6.898  -1.752  -11.324 1.00 32.27 ? 1003 LEU A CG  1 
ATOM   198  C  CD1 . LEU A 1 27 ? -7.462  -1.280  -12.671 1.00 31.80 ? 1003 LEU A CD1 1 
ATOM   199  C  CD2 . LEU A 1 27 ? -5.574  -1.036  -10.996 1.00 32.24 ? 1003 LEU A CD2 1 
ATOM   200  N  N   . SER A 1 28 ? -9.812  -2.154  -7.691  1.00 35.38 ? 1004 SER A N   1 
ATOM   201  C  CA  . SER A 1 28 ? -10.732 -1.556  -6.735  1.00 36.99 ? 1004 SER A CA  1 
ATOM   202  C  C   . SER A 1 28 ? -10.395 -2.002  -5.307  1.00 37.79 ? 1004 SER A C   1 
ATOM   203  O  O   . SER A 1 28 ? -10.444 -1.200  -4.383  1.00 37.95 ? 1004 SER A O   1 
ATOM   204  C  CB  . SER A 1 28 ? -12.171 -1.908  -7.102  1.00 36.90 ? 1004 SER A CB  1 
ATOM   205  O  OG  . SER A 1 28 ? -13.074 -1.297  -6.206  1.00 37.99 ? 1004 SER A OG  1 
ATOM   206  N  N   . ARG A 1 29 ? -10.041 -3.278  -5.148  1.00 39.01 ? 1005 ARG A N   1 
ATOM   207  C  CA  . ARG A 1 29 ? -9.571  -3.825  -3.873  1.00 40.00 ? 1005 ARG A CA  1 
ATOM   208  C  C   . ARG A 1 29 ? -8.297  -3.099  -3.444  1.00 40.80 ? 1005 ARG A C   1 
ATOM   209  O  O   . ARG A 1 29 ? -8.146  -2.736  -2.271  1.00 41.14 ? 1005 ARG A O   1 
ATOM   210  C  CB  . ARG A 1 29 ? -9.319  -5.317  -3.993  1.00 40.06 ? 1005 ARG A CB  1 
ATOM   211  N  N   . LEU A 1 30 ? -7.399  -2.865  -4.400  1.00 40.89 ? 1006 LEU A N   1 
ATOM   212  C  CA  . LEU A 1 30 ? -6.158  -2.140  -4.142  1.00 41.28 ? 1006 LEU A CA  1 
ATOM   213  C  C   . LEU A 1 30 ? -6.418  -0.680  -3.755  1.00 41.33 ? 1006 LEU A C   1 
ATOM   214  O  O   . LEU A 1 30 ? -5.761  -0.157  -2.849  1.00 40.86 ? 1006 LEU A O   1 
ATOM   215  C  CB  . LEU A 1 30 ? -5.197  -2.239  -5.333  1.00 41.07 ? 1006 LEU A CB  1 
ATOM   216  C  CG  . LEU A 1 30 ? -4.340  -3.504  -5.495  1.00 41.96 ? 1006 LEU A CG  1 
ATOM   217  C  CD1 . LEU A 1 30 ? -3.071  -3.420  -4.665  1.00 42.99 ? 1006 LEU A CD1 1 
ATOM   218  C  CD2 . LEU A 1 30 ? -5.100  -4.774  -5.135  1.00 43.72 ? 1006 LEU A CD2 1 
ATOM   219  N  N   . LYS A 1 31 ? -7.385  -0.042  -4.417  1.00 41.61 ? 1007 LYS A N   1 
ATOM   220  C  CA  . LYS A 1 31 ? -7.770  1.338   -4.107  1.00 41.95 ? 1007 LYS A CA  1 
ATOM   221  C  C   . LYS A 1 31 ? -8.302  1.464   -2.678  1.00 42.44 ? 1007 LYS A C   1 
ATOM   222  O  O   . LYS A 1 31 ? -8.067  2.473   -2.005  1.00 42.31 ? 1007 LYS A O   1 
ATOM   223  C  CB  . LYS A 1 31 ? -8.793  1.841   -5.087  1.00 41.64 ? 1007 LYS A CB  1 
ATOM   224  N  N   . ASP A 1 32 ? -9.031  0.441   -2.232  1.00 42.79 ? 1008 ASP A N   1 
ATOM   225  C  CA  . ASP A 1 32 ? -9.547  0.388   -0.864  1.00 43.24 ? 1008 ASP A CA  1 
ATOM   226  C  C   . ASP A 1 32 ? -8.407  0.199   0.136   1.00 43.29 ? 1008 ASP A C   1 
ATOM   227  O  O   . ASP A 1 32 ? -8.453  0.749   1.241   1.00 43.74 ? 1008 ASP A O   1 
ATOM   228  C  CB  . ASP A 1 32 ? -10.594 -0.725  -0.703  1.00 43.14 ? 1008 ASP A CB  1 
ATOM   229  C  CG  . ASP A 1 32 ? -11.917 -0.404  -1.405  1.00 44.30 ? 1008 ASP A CG  1 
ATOM   230  O  OD1 . ASP A 1 32 ? -12.767 -1.324  -1.538  1.00 43.78 ? 1008 ASP A OD1 1 
ATOM   231  O  OD2 . ASP A 1 32 ? -12.199 0.731   -1.864  1.00 45.48 ? 1008 ASP A OD2 1 
ATOM   232  N  N   . GLU A 1 33 ? -7.395  -0.571  -0.260  1.00 43.28 ? 1009 GLU A N   1 
ATOM   233  C  CA  . GLU A 1 33 ? -6.187  -0.760  0.540   1.00 43.43 ? 1009 GLU A CA  1 
ATOM   234  C  C   . GLU A 1 33 ? -5.324  0.522   0.676   1.00 43.40 ? 1009 GLU A C   1 
ATOM   235  O  O   . GLU A 1 33 ? -4.757  0.776   1.740   1.00 43.27 ? 1009 GLU A O   1 
ATOM   236  C  CB  . GLU A 1 33 ? -5.361  -1.940  0.005   1.00 43.46 ? 1009 GLU A CB  1 
ATOM   237  N  N   . GLU A 1 34 ? -5.239  1.323   -0.385  1.00 43.26 ? 1010 GLU A N   1 
ATOM   238  C  CA  . GLU A 1 34 ? -4.508  2.594   -0.359  1.00 43.13 ? 1010 GLU A CA  1 
ATOM   239  C  C   . GLU A 1 34 ? -5.152  3.617   0.577   1.00 43.52 ? 1010 GLU A C   1 
ATOM   240  O  O   . GLU A 1 34 ? -4.452  4.430   1.191   1.00 43.61 ? 1010 GLU A O   1 
ATOM   241  C  CB  . GLU A 1 34 ? -4.383  3.164   -1.744  1.00 42.92 ? 1010 GLU A CB  1 
ATOM   242  N  N   . ILE A 1 35 ? -6.480  3.586   0.687   1.00 43.55 ? 1011 ILE A N   1 
ATOM   243  C  CA  . ILE A 1 35 ? -7.175  4.454   1.623   1.00 43.49 ? 1011 ILE A CA  1 
ATOM   244  C  C   . ILE A 1 35 ? -6.892  3.990   3.052   1.00 43.81 ? 1011 ILE A C   1 
ATOM   245  O  O   . ILE A 1 35 ? -6.579  4.810   3.927   1.00 43.63 ? 1011 ILE A O   1 
ATOM   246  C  CB  . ILE A 1 35 ? -8.683  4.484   1.330   1.00 43.76 ? 1011 ILE A CB  1 
ATOM   247  N  N   . SER A 1 36 ? -6.968  2.674   3.270   1.00 43.66 ? 1012 SER A N   1 
ATOM   248  C  CA  . SER A 1 36 ? -6.678  2.073   4.573   1.00 43.53 ? 1012 SER A CA  1 
ATOM   249  C  C   . SER A 1 36 ? -5.179  2.103   4.931   1.00 43.75 ? 1012 SER A C   1 
ATOM   250  O  O   . SER A 1 36 ? -4.800  1.809   6.076   1.00 44.16 ? 1012 SER A O   1 
ATOM   251  C  CB  . SER A 1 36 ? -7.223  0.660   4.640   1.00 43.19 ? 1012 SER A CB  1 
ATOM   252  N  N   . ALA A 1 37 ? -4.334  2.456   3.961   1.00 43.29 ? 1013 ALA A N   1 
ATOM   253  C  CA  . ALA A 1 37 ? -2.913  2.693   4.211   1.00 42.68 ? 1013 ALA A CA  1 
ATOM   254  C  C   . ALA A 1 37 ? -2.687  4.081   4.796   1.00 42.37 ? 1013 ALA A C   1 
ATOM   255  O  O   . ALA A 1 37 ? -1.803  4.262   5.628   1.00 42.56 ? 1013 ALA A O   1 
ATOM   256  C  CB  . ALA A 1 37 ? -2.093  2.518   2.942   1.00 42.89 ? 1013 ALA A CB  1 
ATOM   257  N  N   . ALA A 1 38 ? -3.486  5.054   4.359   1.00 41.60 ? 1014 ALA A N   1 
ATOM   258  C  CA  . ALA A 1 38 ? -3.380  6.422   4.847   1.00 41.00 ? 1014 ALA A CA  1 
ATOM   259  C  C   . ALA A 1 38 ? -3.705  6.513   6.330   1.00 40.63 ? 1014 ALA A C   1 
ATOM   260  O  O   . ALA A 1 38 ? -3.074  7.286   7.057   1.00 40.01 ? 1014 ALA A O   1 
ATOM   261  C  CB  . ALA A 1 38 ? -4.280  7.339   4.060   1.00 41.24 ? 1014 ALA A CB  1 
ATOM   262  N  N   . ALA A 1 39 ? -4.691  5.727   6.760   1.00 40.30 ? 1015 ALA A N   1 
ATOM   263  C  CA  . ALA A 1 39 ? -5.086  5.652   8.165   1.00 39.91 ? 1015 ALA A CA  1 
ATOM   264  C  C   . ALA A 1 39 ? -4.020  4.947   8.999   1.00 39.57 ? 1015 ALA A C   1 
ATOM   265  O  O   . ALA A 1 39 ? -3.733  5.369   10.125  1.00 39.40 ? 1015 ALA A O   1 
ATOM   266  C  CB  . ALA A 1 39 ? -6.442  4.957   8.326   1.00 39.84 ? 1015 ALA A CB  1 
ATOM   267  N  N   . ILE A 1 40 ? -3.435  3.883   8.450   1.00 38.89 ? 1016 ILE A N   1 
ATOM   268  C  CA  . ILE A 1 40 ? -2.359  3.170   9.145   1.00 38.63 ? 1016 ILE A CA  1 
ATOM   269  C  C   . ILE A 1 40 ? -1.080  4.011   9.250   1.00 38.35 ? 1016 ILE A C   1 
ATOM   270  O  O   . ILE A 1 40 ? -0.376  3.965   10.264  1.00 38.95 ? 1016 ILE A O   1 
ATOM   271  C  CB  . ILE A 1 40 ? -2.078  1.802   8.497   1.00 38.44 ? 1016 ILE A CB  1 
ATOM   272  N  N   . LYS A 1 41 ? -0.787  4.777   8.205   1.00 37.50 ? 1017 LYS A N   1 
ATOM   273  C  CA  . LYS A 1 41 ? 0.311   5.725   8.246   1.00 36.92 ? 1017 LYS A CA  1 
ATOM   274  C  C   . LYS A 1 41 ? 0.097   6.735   9.382   1.00 36.62 ? 1017 LYS A C   1 
ATOM   275  O  O   . LYS A 1 41 ? 1.001   6.940   10.191  1.00 36.13 ? 1017 LYS A O   1 
ATOM   276  C  CB  . LYS A 1 41 ? 0.472   6.419   6.893   1.00 36.97 ? 1017 LYS A CB  1 
ATOM   277  C  CG  . LYS A 1 41 ? 1.266   7.683   6.906   1.00 37.58 ? 1017 LYS A CG  1 
ATOM   278  C  CD  . LYS A 1 41 ? 2.023   7.854   5.598   1.00 39.85 ? 1017 LYS A CD  1 
ATOM   279  C  CE  . LYS A 1 41 ? 2.785   9.165   5.612   1.00 40.07 ? 1017 LYS A CE  1 
ATOM   280  N  NZ  . LYS A 1 41 ? 3.221   9.574   4.243   1.00 41.93 ? 1017 LYS A NZ  1 
ATOM   281  N  N   . ALA A 1 42 ? -1.093  7.346   9.443   1.00 35.89 ? 1018 ALA A N   1 
ATOM   282  C  CA  . ALA A 1 42 ? -1.428  8.335   10.478  1.00 35.38 ? 1018 ALA A CA  1 
ATOM   283  C  C   . ALA A 1 42 ? -1.304  7.760   11.891  1.00 34.85 ? 1018 ALA A C   1 
ATOM   284  O  O   . ALA A 1 42 ? -0.827  8.438   12.807  1.00 35.15 ? 1018 ALA A O   1 
ATOM   285  C  CB  . ALA A 1 42 ? -2.839  8.904   10.259  1.00 35.25 ? 1018 ALA A CB  1 
ATOM   286  N  N   . GLN A 1 43 ? -1.750  6.520   12.051  1.00 34.37 ? 1019 GLN A N   1 
ATOM   287  C  CA  . GLN A 1 43 ? -1.620  5.788   13.296  1.00 33.89 ? 1019 GLN A CA  1 
ATOM   288  C  C   . GLN A 1 43 ? -0.144  5.581   13.659  1.00 33.44 ? 1019 GLN A C   1 
ATOM   289  O  O   . GLN A 1 43 ? 0.228   5.746   14.832  1.00 32.94 ? 1019 GLN A O   1 
ATOM   290  C  CB  . GLN A 1 43 ? -2.347  4.452   13.205  1.00 33.73 ? 1019 GLN A CB  1 
ATOM   291  N  N   . PHE A 1 44 ? 0.687   5.242   12.660  1.00 32.67 ? 1020 PHE A N   1 
ATOM   292  C  CA  . PHE A 1 44 ? 2.134   5.065   12.855  1.00 31.35 ? 1020 PHE A CA  1 
ATOM   293  C  C   . PHE A 1 44 ? 2.794   6.385   13.241  1.00 30.58 ? 1020 PHE A C   1 
ATOM   294  O  O   . PHE A 1 44 ? 3.709   6.407   14.065  1.00 30.29 ? 1020 PHE A O   1 
ATOM   295  C  CB  . PHE A 1 44 ? 2.815   4.569   11.582  1.00 31.85 ? 1020 PHE A CB  1 
ATOM   296  C  CG  . PHE A 1 44 ? 3.016   3.074   11.510  1.00 33.00 ? 1020 PHE A CG  1 
ATOM   297  C  CD1 . PHE A 1 44 ? 2.526   2.346   10.412  1.00 37.04 ? 1020 PHE A CD1 1 
ATOM   298  C  CD2 . PHE A 1 44 ? 3.743   2.395   12.481  1.00 35.43 ? 1020 PHE A CD2 1 
ATOM   299  C  CE1 . PHE A 1 44 ? 2.728   0.951   10.311  1.00 37.09 ? 1020 PHE A CE1 1 
ATOM   300  C  CE2 . PHE A 1 44 ? 3.943   1.003   12.392  1.00 36.40 ? 1020 PHE A CE2 1 
ATOM   301  C  CZ  . PHE A 1 44 ? 3.431   0.282   11.305  1.00 37.08 ? 1020 PHE A CZ  1 
ATOM   302  N  N   . GLU A 1 45 ? 2.339   7.478   12.632  1.00 29.31 ? 1021 GLU A N   1 
ATOM   303  C  CA  . GLU A 1 45 ? 2.933   8.785   12.857  1.00 28.08 ? 1021 GLU A CA  1 
ATOM   304  C  C   . GLU A 1 45 ? 2.659   9.215   14.283  1.00 27.75 ? 1021 GLU A C   1 
ATOM   305  O  O   . GLU A 1 45 ? 3.515   9.834   14.916  1.00 26.83 ? 1021 GLU A O   1 
ATOM   306  C  CB  . GLU A 1 45 ? 2.382   9.798   11.877  1.00 28.12 ? 1021 GLU A CB  1 
ATOM   307  N  N   . LYS A 1 46 ? 1.451   8.900   14.757  1.00 27.32 ? 1022 LYS A N   1 
ATOM   308  C  CA  . LYS A 1 46 ? 1.001   9.152   16.128  1.00 26.74 ? 1022 LYS A CA  1 
ATOM   309  C  C   . LYS A 1 46 ? 1.773   8.324   17.140  1.00 26.09 ? 1022 LYS A C   1 
ATOM   310  O  O   . LYS A 1 46 ? 2.213   8.838   18.156  1.00 25.58 ? 1022 LYS A O   1 
ATOM   311  C  CB  . LYS A 1 46 ? -0.479  8.818   16.254  1.00 26.21 ? 1022 LYS A CB  1 
ATOM   312  N  N   . GLN A 1 47 ? 1.884   7.027   16.883  1.00 25.96 ? 1023 GLN A N   1 
ATOM   313  C  CA  . GLN A 1 47 ? 2.609   6.136   17.771  1.00 26.71 ? 1023 GLN A CA  1 
ATOM   314  C  C   . GLN A 1 47 ? 4.062   6.563   17.886  1.00 25.95 ? 1023 GLN A C   1 
ATOM   315  O  O   . GLN A 1 47 ? 4.661   6.451   18.974  1.00 24.60 ? 1023 GLN A O   1 
ATOM   316  C  CB  . GLN A 1 47 ? 2.563   4.702   17.272  1.00 27.16 ? 1023 GLN A CB  1 
ATOM   317  C  CG  . GLN A 1 47 ? 1.531   3.847   17.958  1.00 32.03 ? 1023 GLN A CG  1 
ATOM   318  C  CD  . GLN A 1 47 ? 1.223   2.572   17.190  1.00 37.10 ? 1023 GLN A CD  1 
ATOM   319  O  OE1 . GLN A 1 47 ? 2.137   1.813   16.817  1.00 38.80 ? 1023 GLN A OE1 1 
ATOM   320  N  NE2 . GLN A 1 47 ? -0.069  2.328   16.945  1.00 39.14 ? 1023 GLN A NE2 1 
ATOM   321  N  N   . LEU A 1 48 ? 4.622   7.019   16.763  1.00 24.92 ? 1024 LEU A N   1 
ATOM   322  C  CA  . LEU A 1 48 ? 6.014   7.473   16.736  1.00 25.33 ? 1024 LEU A CA  1 
ATOM   323  C  C   . LEU A 1 48 ? 6.211   8.763   17.525  1.00 24.45 ? 1024 LEU A C   1 
ATOM   324  O  O   . LEU A 1 48 ? 7.196   8.878   18.271  1.00 24.22 ? 1024 LEU A O   1 
ATOM   325  C  CB  . LEU A 1 48 ? 6.533   7.644   15.306  1.00 24.84 ? 1024 LEU A CB  1 
ATOM   326  C  CG  . LEU A 1 48 ? 8.034   7.750   15.025  1.00 26.84 ? 1024 LEU A CG  1 
ATOM   327  C  CD1 . LEU A 1 48 ? 8.513   9.180   15.238  1.00 30.11 ? 1024 LEU A CD1 1 
ATOM   328  C  CD2 . LEU A 1 48 ? 8.874   6.762   15.820  1.00 25.43 ? 1024 LEU A CD2 1 
ATOM   329  N  N   . LEU A 1 49 ? 5.300   9.723   17.355  1.00 23.41 ? 1025 LEU A N   1 
ATOM   330  C  CA  . LEU A 1 49 ? 5.318   10.934  18.175  1.00 24.02 ? 1025 LEU A CA  1 
ATOM   331  C  C   . LEU A 1 49 ? 5.316   10.529  19.634  1.00 23.13 ? 1025 LEU A C   1 
ATOM   332  O  O   . LEU A 1 49 ? 6.183   10.968  20.394  1.00 23.17 ? 1025 LEU A O   1 
ATOM   333  C  CB  . LEU A 1 49 ? 4.132   11.865  17.865  1.00 24.15 ? 1025 LEU A CB  1 
ATOM   334  C  CG  . LEU A 1 49 ? 3.822   13.063  18.780  1.00 27.97 ? 1025 LEU A CG  1 
ATOM   335  C  CD1 . LEU A 1 49 ? 3.037   14.132  18.023  1.00 28.18 ? 1025 LEU A CD1 1 
ATOM   336  C  CD2 . LEU A 1 49 ? 3.061   12.702  20.080  1.00 29.73 ? 1025 LEU A CD2 1 
ATOM   337  N  N   . THR A 1 50 ? 4.355   9.682   20.013  1.00 21.83 ? 1026 THR A N   1 
ATOM   338  C  CA  . THR A 1 50 ? 4.233   9.200   21.387  1.00 20.88 ? 1026 THR A CA  1 
ATOM   339  C  C   . THR A 1 50 ? 5.490   8.507   21.887  1.00 19.44 ? 1026 THR A C   1 
ATOM   340  O  O   . THR A 1 50 ? 5.943   8.796   22.975  1.00 18.64 ? 1026 THR A O   1 
ATOM   341  C  CB  . THR A 1 50 ? 3.030   8.272   21.538  1.00 21.56 ? 1026 THR A CB  1 
ATOM   342  O  OG1 . THR A 1 50 ? 1.832   9.040   21.393  1.00 22.94 ? 1026 THR A OG1 1 
ATOM   343  C  CG2 . THR A 1 50 ? 2.949   7.705   22.961  1.00 20.80 ? 1026 THR A CG2 1 
ATOM   344  N  N   . GLU A 1 51 ? 6.035   7.567   21.126  1.00 17.99 ? 1027 GLU A N   1 
ATOM   345  C  CA  . GLU A 1 51 ? 7.246   6.886   21.567  1.00 17.51 ? 1027 GLU A CA  1 
ATOM   346  C  C   . GLU A 1 51 ? 8.426   7.858   21.762  1.00 16.53 ? 1027 GLU A C   1 
ATOM   347  O  O   . GLU A 1 51 ? 9.171   7.707   22.735  1.00 16.39 ? 1027 GLU A O   1 
ATOM   348  C  CB  . GLU A 1 51 ? 7.700   5.791   20.597  1.00 17.90 ? 1027 GLU A CB  1 
ATOM   349  C  CG  . GLU A 1 51 ? 6.917   4.474   20.616  1.00 20.17 ? 1027 GLU A CG  1 
ATOM   350  C  CD  . GLU A 1 51 ? 6.642   3.866   21.988  1.00 22.57 ? 1027 GLU A CD  1 
ATOM   351  O  OE1 . GLU A 1 51 ? 7.364   4.090   22.992  1.00 26.44 ? 1027 GLU A OE1 1 
ATOM   352  O  OE2 . GLU A 1 51 ? 5.700   3.084   22.061  1.00 29.26 ? 1027 GLU A OE2 1 
ATOM   353  N  N   . ARG A 1 52 ? 8.610   8.781   20.823  1.00 15.83 ? 1028 ARG A N   1 
ATOM   354  C  CA  . ARG A 1 52 ? 9.644   9.809   20.897  1.00 15.48 ? 1028 ARG A CA  1 
ATOM   355  C  C   . ARG A 1 52 ? 9.488   10.591  22.188  1.00 14.93 ? 1028 ARG A C   1 
ATOM   356  O  O   . ARG A 1 52 ? 10.451  10.871  22.898  1.00 13.53 ? 1028 ARG A O   1 
ATOM   357  C  CB  . ARG A 1 52 ? 9.579   10.794  19.719  1.00 17.73 ? 1028 ARG A CB  1 
ATOM   358  C  CG  . ARG A 1 52 ? 10.029  10.323  18.334  1.00 20.92 ? 1028 ARG A CG  1 
ATOM   359  C  CD  . ARG A 1 52 ? 10.780  11.420  17.551  1.00 27.53 ? 1028 ARG A CD  1 
ATOM   360  N  NE  . ARG A 1 52 ? 11.979  11.745  18.328  1.00 35.45 ? 1028 ARG A NE  1 
ATOM   361  C  CZ  . ARG A 1 52 ? 12.433  12.956  18.631  1.00 36.12 ? 1028 ARG A CZ  1 
ATOM   362  N  NH1 . ARG A 1 52 ? 11.838  14.061  18.156  1.00 38.07 ? 1028 ARG A NH1 1 
ATOM   363  N  NH2 . ARG A 1 52 ? 13.512  13.045  19.409  1.00 31.46 ? 1028 ARG A NH2 1 
ATOM   364  N  N   . THR A 1 53 ? 8.251   10.992  22.464  1.00 14.33 ? 1029 THR A N   1 
ATOM   365  C  CA  . THR A 1 53 ? 7.980   11.802  23.634  1.00 13.34 ? 1029 THR A CA  1 
ATOM   366  C  C   . THR A 1 53 ? 8.357   11.047  24.906  1.00 12.92 ? 1029 THR A C   1 
ATOM   367  O  O   . THR A 1 53 ? 8.998   11.633  25.800  1.00 12.38 ? 1029 THR A O   1 
ATOM   368  C  CB  . THR A 1 53 ? 6.497   12.232  23.626  1.00 14.52 ? 1029 THR A CB  1 
ATOM   369  O  OG1 . THR A 1 53 ? 6.275   13.092  22.490  1.00 17.67 ? 1029 THR A OG1 1 
ATOM   370  C  CG2 . THR A 1 53 ? 6.204   13.155  24.858  1.00 12.83 ? 1029 THR A CG2 1 
ATOM   371  N  N   . LEU A 1 54 ? 7.960   9.767   24.981  1.00 12.74 ? 1030 LEU A N   1 
ATOM   372  C  CA  . LEU A 1 54 ? 8.215   8.913   26.122  1.00 12.15 ? 1030 LEU A CA  1 
ATOM   373  C  C   . LEU A 1 54 ? 9.715   8.705   26.255  1.00 12.22 ? 1030 LEU A C   1 
ATOM   374  O  O   . LEU A 1 54 ? 10.252  8.749   27.363  1.00 10.99 ? 1030 LEU A O   1 
ATOM   375  C  CB  . LEU A 1 54 ? 7.511   7.565   25.971  1.00 13.57 ? 1030 LEU A CB  1 
ATOM   376  C  CG  . LEU A 1 54 ? 5.977   7.689   26.109  1.00 12.90 ? 1030 LEU A CG  1 
ATOM   377  C  CD1 . LEU A 1 54 ? 5.355   6.382   25.737  1.00 17.38 ? 1030 LEU A CD1 1 
ATOM   378  C  CD2 . LEU A 1 54 ? 5.534   8.120   27.551  1.00 12.81 ? 1030 LEU A CD2 1 
ATOM   379  N  N   . LYS A 1 55 ? 10.387  8.518   25.119  1.00 10.80 ? 1031 LYS A N   1 
ATOM   380  C  CA  . LYS A 1 55 ? 11.860  8.369   25.114  1.00 9.34  ? 1031 LYS A CA  1 
ATOM   381  C  C   . LYS A 1 55 ? 12.544  9.610   25.737  1.00 10.21 ? 1031 LYS A C   1 
ATOM   382  O  O   . LYS A 1 55 ? 13.414  9.497   26.631  1.00 7.67  ? 1031 LYS A O   1 
ATOM   383  C  CB  . LYS A 1 55 ? 12.331  8.133   23.662  1.00 9.70  ? 1031 LYS A CB  1 
ATOM   384  C  CG  . LYS A 1 55 ? 13.797  8.157   23.449  1.00 9.44  ? 1031 LYS A CG  1 
ATOM   385  C  CD  . LYS A 1 55 ? 14.146  9.470   22.692  1.00 18.74 ? 1031 LYS A CD  1 
ATOM   386  C  CE  . LYS A 1 55 ? 14.663  9.180   21.339  1.00 21.43 ? 1031 LYS A CE  1 
ATOM   387  N  NZ  . LYS A 1 55 ? 14.395  10.355  20.487  1.00 12.88 ? 1031 LYS A NZ  1 
ATOM   388  N  N   . THR A 1 56 ? 12.122  10.803  25.309  1.00 10.20 ? 1032 THR A N   1 
ATOM   389  C  CA  . THR A 1 56 ? 12.776  12.031  25.826  1.00 10.46 ? 1032 THR A CA  1 
ATOM   390  C  C   . THR A 1 56 ? 12.493  12.218  27.307  1.00 9.69  ? 1032 THR A C   1 
ATOM   391  O  O   . THR A 1 56 ? 13.354  12.658  28.088  1.00 8.86  ? 1032 THR A O   1 
ATOM   392  C  CB  . THR A 1 56 ? 12.253  13.209  25.008  1.00 9.66  ? 1032 THR A CB  1 
ATOM   393  O  OG1 . THR A 1 56 ? 12.767  13.092  23.658  1.00 14.31 ? 1032 THR A OG1 1 
ATOM   394  C  CG2 . THR A 1 56 ? 12.829  14.511  25.502  1.00 10.83 ? 1032 THR A CG2 1 
ATOM   395  N  N   . GLN A 1 57 ? 11.275  11.876  27.714  1.00 10.04 ? 1033 GLN A N   1 
ATOM   396  C  CA  . GLN A 1 57 ? 10.964  11.886  29.142  1.00 10.28 ? 1033 GLN A CA  1 
ATOM   397  C  C   . GLN A 1 57 ? 11.936  11.020  29.970  1.00 10.33 ? 1033 GLN A C   1 
ATOM   398  O  O   . GLN A 1 57 ? 12.464  11.467  30.990  1.00 7.59  ? 1033 GLN A O   1 
ATOM   399  C  CB  . GLN A 1 57 ? 9.495   11.420  29.414  1.00 10.79 ? 1033 GLN A CB  1 
ATOM   400  C  CG  . GLN A 1 57 ? 8.472   12.511  29.033  1.00 14.40 ? 1033 GLN A CG  1 
ATOM   401  C  CD  . GLN A 1 57 ? 6.980   12.040  29.113  1.00 17.88 ? 1033 GLN A CD  1 
ATOM   402  O  OE1 . GLN A 1 57 ? 6.685   10.886  29.448  1.00 20.61 ? 1033 GLN A OE1 1 
ATOM   403  N  NE2 . GLN A 1 57 ? 6.071   12.961  28.843  1.00 18.97 ? 1033 GLN A NE2 1 
ATOM   404  N  N   . ALA A 1 58 ? 12.115  9.768   29.547  1.00 10.36 ? 1034 ALA A N   1 
ATOM   405  C  CA  . ALA A 1 58 ? 13.012  8.847   30.240  1.00 8.80  ? 1034 ALA A CA  1 
ATOM   406  C  C   . ALA A 1 58 ? 14.456  9.291   30.134  1.00 7.62  ? 1034 ALA A C   1 
ATOM   407  O  O   . ALA A 1 58 ? 15.126  9.324   31.113  1.00 6.96  ? 1034 ALA A O   1 
ATOM   408  C  CB  . ALA A 1 58 ? 12.848  7.411   29.701  1.00 8.30  ? 1034 ALA A CB  1 
ATOM   409  N  N   . VAL A 1 59 ? 14.914  9.635   28.929  1.00 7.14  ? 1035 VAL A N   1 
ATOM   410  C  CA  . VAL A 1 59 ? 16.309  10.053  28.747  1.00 6.37  ? 1035 VAL A CA  1 
ATOM   411  C  C   . VAL A 1 59 ? 16.628  11.297  29.604  1.00 7.22  ? 1035 VAL A C   1 
ATOM   412  O  O   . VAL A 1 59 ? 17.675  11.355  30.308  1.00 7.64  ? 1035 VAL A O   1 
ATOM   413  C  CB  . VAL A 1 59 ? 16.536  10.309  27.256  1.00 6.59  ? 1035 VAL A CB  1 
ATOM   414  C  CG1 . VAL A 1 59 ? 17.817  11.112  27.017  1.00 8.08  ? 1035 VAL A CG1 1 
ATOM   415  C  CG2 . VAL A 1 59 ? 16.632  8.941   26.501  1.00 6.33  ? 1035 VAL A CG2 1 
ATOM   416  N  N   . ASN A 1 60 ? 15.768  12.304  29.527  1.00 6.67  ? 1036 ASN A N   1 
ATOM   417  C  CA  . ASN A 1 60 ? 15.987  13.525  30.306  1.00 7.50  ? 1036 ASN A CA  1 
ATOM   418  C  C   . ASN A 1 60 ? 15.970  13.316  31.828  1.00 6.83  ? 1036 ASN A C   1 
ATOM   419  O  O   . ASN A 1 60 ? 16.723  13.951  32.593  1.00 6.85  ? 1036 ASN A O   1 
ATOM   420  C  CB  . ASN A 1 60 ? 15.064  14.674  29.851  1.00 7.04  ? 1036 ASN A CB  1 
ATOM   421  C  CG  . ASN A 1 60 ? 15.592  15.339  28.539  1.00 9.22  ? 1036 ASN A CG  1 
ATOM   422  O  OD1 . ASN A 1 60 ? 16.666  14.969  28.029  1.00 8.65  ? 1036 ASN A OD1 1 
ATOM   423  N  ND2 . ASN A 1 60 ? 14.832  16.242  27.978  1.00 12.25 ? 1036 ASN A ND2 1 
ATOM   424  N  N   . LYS A 1 61 ? 15.094  12.443  32.284  1.00 5.94  ? 1037 LYS A N   1 
ATOM   425  C  CA  . LYS A 1 61 ? 15.041  12.229  33.714  1.00 6.94  ? 1037 LYS A CA  1 
ATOM   426  C  C   . LYS A 1 61 ? 16.304  11.457  34.163  1.00 6.15  ? 1037 LYS A C   1 
ATOM   427  O  O   . LYS A 1 61 ? 16.880  11.769  35.233  1.00 7.06  ? 1037 LYS A O   1 
ATOM   428  C  CB  . LYS A 1 61 ? 13.754  11.523  34.118  1.00 5.98  ? 1037 LYS A CB  1 
ATOM   429  C  CG  . LYS A 1 61 ? 13.587  11.387  35.622  1.00 7.93  ? 1037 LYS A CG  1 
ATOM   430  C  CD  . LYS A 1 61 ? 13.371  12.794  36.328  1.00 7.92  ? 1037 LYS A CD  1 
ATOM   431  C  CE  . LYS A 1 61 ? 12.230  13.582  35.647  1.00 11.48 ? 1037 LYS A CE  1 
ATOM   432  N  NZ  . LYS A 1 61 ? 12.363  15.019  36.105  1.00 12.18 ? 1037 LYS A NZ  1 
ATOM   433  N  N   . LEU A 1 62 ? 16.751  10.489  33.343  1.00 8.11  ? 1038 LEU A N   1 
ATOM   434  C  CA  . LEU A 1 62 ? 17.987  9.760   33.621  1.00 7.23  ? 1038 LEU A CA  1 
ATOM   435  C  C   . LEU A 1 62 ? 19.176  10.764  33.636  1.00 7.97  ? 1038 LEU A C   1 
ATOM   436  O  O   . LEU A 1 62 ? 20.029  10.712  34.517  1.00 8.67  ? 1038 LEU A O   1 
ATOM   437  C  CB  . LEU A 1 62 ? 18.268  8.702   32.539  1.00 6.61  ? 1038 LEU A CB  1 
ATOM   438  C  CG  . LEU A 1 62 ? 19.599  7.924   32.610  1.00 6.18  ? 1038 LEU A CG  1 
ATOM   439  C  CD1 . LEU A 1 62 ? 19.756  7.259   34.048  1.00 8.50  ? 1038 LEU A CD1 1 
ATOM   440  C  CD2 . LEU A 1 62 ? 19.677  6.897   31.514  1.00 7.67  ? 1038 LEU A CD2 1 
ATOM   441  N  N   . ALA A 1 63 ? 19.252  11.667  32.650  1.00 8.02  ? 1039 ALA A N   1 
ATOM   442  C  CA  . ALA A 1 63 ? 20.363  12.630  32.632  1.00 8.37  ? 1039 ALA A CA  1 
ATOM   443  C  C   . ALA A 1 63 ? 20.324  13.502  33.898  1.00 9.89  ? 1039 ALA A C   1 
ATOM   444  O  O   . ALA A 1 63 ? 21.369  13.788  34.529  1.00 10.22 ? 1039 ALA A O   1 
ATOM   445  C  CB  . ALA A 1 63 ? 20.288  13.565  31.353  1.00 10.98 ? 1039 ALA A CB  1 
ATOM   446  N  N   . GLU A 1 64 ? 19.130  13.963  34.241  1.00 9.60  ? 1040 GLU A N   1 
ATOM   447  C  CA  . GLU A 1 64 ? 18.917  14.766  35.448  1.00 10.10 ? 1040 GLU A CA  1 
ATOM   448  C  C   . GLU A 1 64 ? 19.393  14.053  36.713  1.00 11.55 ? 1040 GLU A C   1 
ATOM   449  O  O   . GLU A 1 64 ? 20.154  14.615  37.505  1.00 11.44 ? 1040 GLU A O   1 
ATOM   450  C  CB  . GLU A 1 64 ? 17.454  15.172  35.585  1.00 8.42  ? 1040 GLU A CB  1 
ATOM   451  C  CG  . GLU A 1 64 ? 17.208  15.937  36.868  1.00 8.66  ? 1040 GLU A CG  1 
ATOM   452  C  CD  . GLU A 1 64 ? 15.759  16.096  37.161  1.00 13.05 ? 1040 GLU A CD  1 
ATOM   453  O  OE1 . GLU A 1 64 ? 14.955  16.174  36.221  1.00 13.17 ? 1040 GLU A OE1 1 
ATOM   454  O  OE2 . GLU A 1 64 ? 15.461  16.144  38.348  1.00 13.78 ? 1040 GLU A OE2 1 
ATOM   455  N  N   . ILE A 1 65 ? 18.992  12.798  36.892  1.00 12.68 ? 1041 ILE A N   1 
ATOM   456  C  CA  . ILE A 1 65 ? 19.451  12.043  38.063  1.00 13.45 ? 1041 ILE A CA  1 
ATOM   457  C  C   . ILE A 1 65 ? 20.956  11.805  38.024  1.00 14.33 ? 1041 ILE A C   1 
ATOM   458  O  O   . ILE A 1 65 ? 21.641  11.796  39.098  1.00 13.07 ? 1041 ILE A O   1 
ATOM   459  C  CB  . ILE A 1 65 ? 18.681  10.704  38.178  1.00 14.82 ? 1041 ILE A CB  1 
ATOM   460  C  CG1 . ILE A 1 65 ? 17.191  10.930  38.485  1.00 16.03 ? 1041 ILE A CG1 1 
ATOM   461  C  CG2 . ILE A 1 65 ? 19.333  9.761   39.230  1.00 16.79 ? 1041 ILE A CG2 1 
ATOM   462  C  CD1 . ILE A 1 65 ? 16.781  12.212  39.193  1.00 24.39 ? 1041 ILE A CD1 1 
HETATM 463  N  N   . MSE A 1 66 ? 21.508  11.566  36.838  1.00 13.45 ? 1042 MSE A N   1 
HETATM 464  C  CA  . MSE A 1 66 ? 22.950  11.336  36.775  1.00 15.45 ? 1042 MSE A CA  1 
HETATM 465  C  C   . MSE A 1 66 ? 23.706  12.593  37.080  1.00 15.75 ? 1042 MSE A C   1 
HETATM 466  O  O   . MSE A 1 66 ? 24.814  12.508  37.602  1.00 15.04 ? 1042 MSE A O   1 
HETATM 467  C  CB  . MSE A 1 66 ? 23.416  10.855  35.413  1.00 14.60 ? 1042 MSE A CB  1 
HETATM 468  C  CG  . MSE A 1 66 ? 22.505  9.859   34.795  1.00 19.81 ? 1042 MSE A CG  1 
HETATM 469  SE SE  . MSE A 1 66 ? 23.606  8.553   33.928  1.00 30.66 ? 1042 MSE A SE  1 
HETATM 470  C  CE  . MSE A 1 66 ? 24.259  7.982   35.556  1.00 5.15  ? 1042 MSE A CE  1 
ATOM   471  N  N   . ASN A 1 67 ? 23.132  13.747  36.736  1.00 15.51 ? 1043 ASN A N   1 
ATOM   472  C  CA  . ASN A 1 67 ? 23.743  15.048  37.033  1.00 17.43 ? 1043 ASN A CA  1 
ATOM   473  C  C   . ASN A 1 67 ? 23.540  15.625  38.445  1.00 19.02 ? 1043 ASN A C   1 
ATOM   474  O  O   . ASN A 1 67 ? 24.094  16.684  38.784  1.00 17.96 ? 1043 ASN A O   1 
ATOM   475  C  CB  . ASN A 1 67 ? 23.292  16.065  36.012  1.00 16.81 ? 1043 ASN A CB  1 
ATOM   476  C  CG  . ASN A 1 67 ? 23.746  15.701  34.601  1.00 20.81 ? 1043 ASN A CG  1 
ATOM   477  O  OD1 . ASN A 1 67 ? 23.243  16.223  33.662  1.00 25.14 ? 1043 ASN A OD1 1 
ATOM   478  N  ND2 . ASN A 1 67 ? 24.727  14.818  34.480  1.00 18.88 ? 1043 ASN A ND2 1 
ATOM   479  N  N   . ARG A 1 68 ? 22.740  14.940  39.248  1.00 21.47 ? 1044 ARG A N   1 
ATOM   480  C  CA  . ARG A 1 68 ? 22.420  15.374  40.609  1.00 25.19 ? 1044 ARG A CA  1 
ATOM   481  C  C   . ARG A 1 68 ? 23.686  15.345  41.493  1.00 27.89 ? 1044 ARG A C   1 
ATOM   482  O  O   . ARG A 1 68 ? 24.435  14.371  41.503  1.00 29.71 ? 1044 ARG A O   1 
ATOM   483  C  CB  . ARG A 1 68 ? 21.301  14.479  41.179  1.00 24.90 ? 1044 ARG A CB  1 
ATOM   484  N  N   . LYS A 1 69 ? 23.950  16.433  42.193  1.00 31.26 ? 1045 LYS A N   1 
ATOM   485  C  CA  . LYS A 1 69 ? 25.050  16.449  43.137  1.00 33.83 ? 1045 LYS A CA  1 
ATOM   486  C  C   . LYS A 1 69 ? 24.650  17.417  44.206  1.00 35.73 ? 1045 LYS A C   1 
ATOM   487  O  O   . LYS A 1 69 ? 24.602  18.609  43.867  1.00 38.05 ? 1045 LYS A O   1 
ATOM   488  C  CB  . LYS A 1 69 ? 26.395  16.853  42.468  1.00 34.63 ? 1045 LYS A CB  1 
ATOM   489  N  N   . GLY B 1 1  ? -25.990 -4.030  -41.767 1.00 18.89 ? -2   GLY B N   1 
ATOM   490  C  CA  . GLY B 1 1  ? -26.091 -5.484  -42.096 1.00 17.48 ? -2   GLY B CA  1 
ATOM   491  C  C   . GLY B 1 1  ? -24.853 -6.193  -41.572 1.00 17.11 ? -2   GLY B C   1 
ATOM   492  O  O   . GLY B 1 1  ? -24.059 -5.602  -40.813 1.00 14.16 ? -2   GLY B O   1 
ATOM   493  N  N   . SER B 1 2  ? -24.659 -7.433  -42.014 1.00 16.42 ? -1   SER B N   1 
ATOM   494  C  CA  . SER B 1 2  ? -23.612 -8.295  -41.461 1.00 15.34 ? -1   SER B CA  1 
ATOM   495  C  C   . SER B 1 2  ? -22.212 -7.795  -41.590 1.00 15.33 ? -1   SER B C   1 
ATOM   496  O  O   . SER B 1 2  ? -21.468 -7.913  -40.645 1.00 13.12 ? -1   SER B O   1 
ATOM   497  C  CB  . SER B 1 2  ? -23.658 -9.675  -42.087 1.00 14.83 ? -1   SER B CB  1 
ATOM   498  O  OG  . SER B 1 2  ? -24.725 -10.398 -41.537 1.00 14.38 ? -1   SER B OG  1 
ATOM   499  N  N   . THR B 1 3  ? -21.818 -7.315  -42.778 1.00 15.80 ? 979  THR B N   1 
ATOM   500  C  CA  . THR B 1 3  ? -20.445 -6.796  -42.947 1.00 16.75 ? 979  THR B CA  1 
ATOM   501  C  C   . THR B 1 3  ? -20.150 -5.560  -42.125 1.00 15.82 ? 979  THR B C   1 
ATOM   502  O  O   . THR B 1 3  ? -19.025 -5.422  -41.602 1.00 16.42 ? 979  THR B O   1 
ATOM   503  C  CB  . THR B 1 3  ? -20.050 -6.529  -44.422 1.00 15.96 ? 979  THR B CB  1 
ATOM   504  O  OG1 . THR B 1 3  ? -20.901 -5.534  -44.952 1.00 22.64 ? 979  THR B OG1 1 
ATOM   505  C  CG2 . THR B 1 3  ? -20.362 -7.680  -45.252 1.00 21.80 ? 979  THR B CG2 1 
ATOM   506  N  N   . SER B 1 4  ? -21.135 -4.689  -41.970 1.00 15.07 ? 980  SER B N   1 
ATOM   507  C  CA  . SER B 1 4  ? -21.010 -3.549  -41.060 1.00 14.11 ? 980  SER B CA  1 
ATOM   508  C  C   . SER B 1 4  ? -20.808 -4.014  -39.629 1.00 11.44 ? 980  SER B C   1 
ATOM   509  O  O   . SER B 1 4  ? -19.924 -3.523  -38.913 1.00 11.44 ? 980  SER B O   1 
ATOM   510  C  CB  . SER B 1 4  ? -22.240 -2.679  -41.141 1.00 15.61 ? 980  SER B CB  1 
ATOM   511  O  OG  . SER B 1 4  ? -22.358 -2.148  -42.425 1.00 22.64 ? 980  SER B OG  1 
ATOM   512  N  N   . ASP B 1 5  ? -21.612 -4.992  -39.229 1.00 9.62  ? 981  ASP B N   1 
ATOM   513  C  CA  . ASP B 1 5  ? -21.473 -5.577  -37.901 1.00 7.71  ? 981  ASP B CA  1 
ATOM   514  C  C   . ASP B 1 5  ? -20.060 -6.090  -37.637 1.00 7.37  ? 981  ASP B C   1 
ATOM   515  O  O   . ASP B 1 5  ? -19.583 -5.871  -36.553 1.00 8.22  ? 981  ASP B O   1 
ATOM   516  C  CB  . ASP B 1 5  ? -22.454 -6.728  -37.672 1.00 8.46  ? 981  ASP B CB  1 
ATOM   517  C  CG  . ASP B 1 5  ? -23.925 -6.264  -37.692 1.00 5.75  ? 981  ASP B CG  1 
ATOM   518  O  OD1 . ASP B 1 5  ? -24.168 -5.032  -37.556 1.00 7.38  ? 981  ASP B OD1 1 
ATOM   519  O  OD2 . ASP B 1 5  ? -24.878 -7.082  -37.836 1.00 6.20  ? 981  ASP B OD2 1 
ATOM   520  N  N   . VAL B 1 6  ? -19.427 -6.808  -38.604 1.00 5.03  ? 982  VAL B N   1 
ATOM   521  C  CA  . VAL B 1 6  ? -18.075 -7.303  -38.438 1.00 6.04  ? 982  VAL B CA  1 
ATOM   522  C  C   . VAL B 1 6  ? -17.092 -6.143  -38.225 1.00 5.77  ? 982  VAL B C   1 
ATOM   523  O  O   . VAL B 1 6  ? -16.250 -6.221  -37.350 1.00 8.29  ? 982  VAL B O   1 
ATOM   524  C  CB  . VAL B 1 6  ? -17.676 -8.174  -39.676 1.00 4.44  ? 982  VAL B CB  1 
ATOM   525  C  CG1 . VAL B 1 6  ? -16.168 -8.564  -39.606 1.00 7.66  ? 982  VAL B CG1 1 
ATOM   526  C  CG2 . VAL B 1 6  ? -18.599 -9.445  -39.666 1.00 5.55  ? 982  VAL B CG2 1 
ATOM   527  N  N   . ALA B 1 7  ? -17.220 -5.070  -39.021 1.00 6.26  ? 983  ALA B N   1 
ATOM   528  C  CA  . ALA B 1 7  ? -16.319 -3.908  -38.907 1.00 7.48  ? 983  ALA B CA  1 
ATOM   529  C  C   . ALA B 1 7  ? -16.466 -3.329  -37.497 1.00 6.85  ? 983  ALA B C   1 
ATOM   530  O  O   . ALA B 1 7  ? -15.478 -3.006  -36.839 1.00 6.08  ? 983  ALA B O   1 
ATOM   531  C  CB  . ALA B 1 7  ? -16.711 -2.825  -39.976 1.00 8.24  ? 983  ALA B CB  1 
ATOM   532  N  N   . ASN B 1 8  ? -17.718 -3.198  -37.056 1.00 6.50  ? 984  ASN B N   1 
ATOM   533  C  CA  . ASN B 1 8  ? -17.982 -2.567  -35.768 1.00 6.67  ? 984  ASN B CA  1 
ATOM   534  C  C   . ASN B 1 8  ? -17.475 -3.462  -34.604 1.00 6.60  ? 984  ASN B C   1 
ATOM   535  O  O   . ASN B 1 8  ? -16.797 -2.979  -33.695 1.00 6.79  ? 984  ASN B O   1 
ATOM   536  C  CB  . ASN B 1 8  ? -19.481 -2.268  -35.643 1.00 6.14  ? 984  ASN B CB  1 
ATOM   537  C  CG  . ASN B 1 8  ? -19.897 -1.082  -36.457 1.00 9.23  ? 984  ASN B CG  1 
ATOM   538  O  OD1 . ASN B 1 8  ? -19.096 -0.128  -36.685 1.00 8.92  ? 984  ASN B OD1 1 
ATOM   539  N  ND2 . ASN B 1 8  ? -21.129 -1.167  -37.035 1.00 7.16  ? 984  ASN B ND2 1 
ATOM   540  N  N   . LEU B 1 9  ? -17.691 -4.776  -34.710 1.00 6.28  ? 985  LEU B N   1 
ATOM   541  C  CA  . LEU B 1 9  ? -17.142 -5.741  -33.759 1.00 4.48  ? 985  LEU B CA  1 
ATOM   542  C  C   . LEU B 1 9  ? -15.596 -5.679  -33.713 1.00 4.19  ? 985  LEU B C   1 
ATOM   543  O  O   . LEU B 1 9  ? -14.994 -5.810  -32.632 1.00 3.43  ? 985  LEU B O   1 
ATOM   544  C  CB  . LEU B 1 9  ? -17.560 -7.181  -34.122 1.00 4.71  ? 985  LEU B CB  1 
ATOM   545  C  CG  . LEU B 1 9  ? -19.009 -7.497  -33.696 1.00 3.82  ? 985  LEU B CG  1 
ATOM   546  C  CD1 . LEU B 1 9  ? -19.402 -8.688  -34.635 1.00 4.37  ? 985  LEU B CD1 1 
ATOM   547  C  CD2 . LEU B 1 9  ? -19.164 -7.870  -32.234 1.00 6.84  ? 985  LEU B CD2 1 
ATOM   548  N  N   . ALA B 1 10 ? -14.945 -5.433  -34.838 1.00 5.37  ? 986  ALA B N   1 
ATOM   549  C  CA  . ALA B 1 10 ? -13.472 -5.413  -34.785 1.00 3.72  ? 986  ALA B CA  1 
ATOM   550  C  C   . ALA B 1 10 ? -12.991 -4.202  -34.007 1.00 4.74  ? 986  ALA B C   1 
ATOM   551  O  O   . ALA B 1 10 ? -11.991 -4.238  -33.265 1.00 5.43  ? 986  ALA B O   1 
ATOM   552  C  CB  . ALA B 1 10 ? -12.871 -5.409  -36.173 1.00 5.14  ? 986  ALA B CB  1 
ATOM   553  N  N   . ASN B 1 11 ? -13.656 -3.089  -34.242 1.00 4.62  ? 987  ASN B N   1 
ATOM   554  C  CA  . ASN B 1 11 ? -13.341 -1.865  -33.495 1.00 4.54  ? 987  ASN B CA  1 
ATOM   555  C  C   . ASN B 1 11 ? -13.603 -2.034  -31.988 1.00 5.69  ? 987  ASN B C   1 
ATOM   556  O  O   . ASN B 1 11 ? -12.893 -1.492  -31.168 1.00 5.67  ? 987  ASN B O   1 
ATOM   557  C  CB  . ASN B 1 11 ? -14.172 -0.715  -34.067 1.00 4.86  ? 987  ASN B CB  1 
ATOM   558  C  CG  . ASN B 1 11 ? -13.617 -0.200  -35.368 1.00 5.85  ? 987  ASN B CG  1 
ATOM   559  O  OD1 . ASN B 1 11 ? -12.418 -0.215  -35.570 1.00 7.49  ? 987  ASN B OD1 1 
ATOM   560  N  ND2 . ASN B 1 11 ? -14.510 0.321   -36.265 1.00 4.61  ? 987  ASN B ND2 1 
ATOM   561  N  N   . GLU B 1 12 ? -14.716 -2.678  -31.648 1.00 5.50  ? 988  GLU B N   1 
ATOM   562  C  CA  . GLU B 1 12 ? -15.096 -2.902  -30.248 1.00 4.80  ? 988  GLU B CA  1 
ATOM   563  C  C   . GLU B 1 12 ? -14.082 -3.852  -29.563 1.00 5.11  ? 988  GLU B C   1 
ATOM   564  O  O   . GLU B 1 12 ? -13.739 -3.619  -28.418 1.00 4.34  ? 988  GLU B O   1 
ATOM   565  C  CB  . GLU B 1 12 ? -16.526 -3.460  -30.223 1.00 4.11  ? 988  GLU B CB  1 
ATOM   566  C  CG  . GLU B 1 12 ? -17.465 -2.387  -30.735 1.00 5.24  ? 988  GLU B CG  1 
ATOM   567  C  CD  . GLU B 1 12 ? -18.821 -2.885  -31.227 1.00 6.00  ? 988  GLU B CD  1 
ATOM   568  O  OE1 . GLU B 1 12 ? -19.109 -4.130  -31.087 1.00 8.83  ? 988  GLU B OE1 1 
ATOM   569  O  OE2 . GLU B 1 12 ? -19.555 -2.029  -31.748 1.00 8.51  ? 988  GLU B OE2 1 
ATOM   570  N  N   . LYS B 1 13 ? -13.603 -4.882  -30.257 1.00 5.06  ? 989  LYS B N   1 
ATOM   571  C  CA  . LYS B 1 13 ? -12.447 -5.718  -29.753 1.00 5.83  ? 989  LYS B CA  1 
ATOM   572  C  C   . LYS B 1 13 ? -11.208 -4.918  -29.494 1.00 6.45  ? 989  LYS B C   1 
ATOM   573  O  O   . LYS B 1 13 ? -10.550 -5.048  -28.447 1.00 5.80  ? 989  LYS B O   1 
ATOM   574  C  CB  . LYS B 1 13 ? -12.095 -6.797  -30.788 1.00 5.92  ? 989  LYS B CB  1 
ATOM   575  C  CG  . LYS B 1 13 ? -10.796 -7.584  -30.492 1.00 5.03  ? 989  LYS B CG  1 
ATOM   576  C  CD  . LYS B 1 13 ? -10.559 -8.652  -31.583 1.00 4.94  ? 989  LYS B CD  1 
ATOM   577  C  CE  . LYS B 1 13 ? -9.106  -8.945  -31.671 1.00 5.61  ? 989  LYS B CE  1 
ATOM   578  N  NZ  . LYS B 1 13 ? -8.750  -9.931  -32.753 1.00 3.65  ? 989  LYS B NZ  1 
ATOM   579  N  N   . GLU B 1 14 ? -10.871 -4.076  -30.462 1.00 7.09  ? 990  GLU B N   1 
ATOM   580  C  CA  . GLU B 1 14 ? -9.656  -3.252  -30.353 1.00 6.22  ? 990  GLU B CA  1 
ATOM   581  C  C   . GLU B 1 14 ? -9.800  -2.334  -29.139 1.00 6.00  ? 990  GLU B C   1 
ATOM   582  O  O   . GLU B 1 14 ? -8.823  -2.123  -28.389 1.00 7.52  ? 990  GLU B O   1 
ATOM   583  C  CB  . GLU B 1 14 ? -9.464  -2.409  -31.638 1.00 4.26  ? 990  GLU B CB  1 
ATOM   584  C  CG  . GLU B 1 14 ? -8.367  -1.356  -31.528 1.00 3.73  ? 990  GLU B CG  1 
ATOM   585  C  CD  . GLU B 1 14 ? -6.946  -1.926  -31.320 1.00 7.99  ? 990  GLU B CD  1 
ATOM   586  O  OE1 . GLU B 1 14 ? -6.066  -1.114  -31.105 1.00 8.01  ? 990  GLU B OE1 1 
ATOM   587  O  OE2 . GLU B 1 14 ? -6.673  -3.156  -31.369 1.00 5.66  ? 990  GLU B OE2 1 
ATOM   588  N  N   . GLU B 1 15 ? -10.976 -1.743  -28.942 1.00 5.45  ? 991  GLU B N   1 
ATOM   589  C  CA  . GLU B 1 15 ? -11.164 -0.836  -27.788 1.00 5.91  ? 991  GLU B CA  1 
ATOM   590  C  C   . GLU B 1 15 ? -11.071 -1.617  -26.454 1.00 7.84  ? 991  GLU B C   1 
ATOM   591  O  O   . GLU B 1 15 ? -10.488 -1.141  -25.501 1.00 7.71  ? 991  GLU B O   1 
ATOM   592  C  CB  . GLU B 1 15 ? -12.505 -0.058  -27.868 1.00 5.58  ? 991  GLU B CB  1 
ATOM   593  C  CG  . GLU B 1 15 ? -12.828 0.786   -26.573 1.00 8.86  ? 991  GLU B CG  1 
ATOM   594  C  CD  . GLU B 1 15 ? -11.756 1.807   -26.214 1.00 12.65 ? 991  GLU B CD  1 
ATOM   595  O  OE1 . GLU B 1 15 ? -10.976 2.199   -27.131 1.00 14.64 ? 991  GLU B OE1 1 
ATOM   596  O  OE2 . GLU B 1 15 ? -11.643 2.226   -25.005 1.00 12.38 ? 991  GLU B OE2 1 
ATOM   597  N  N   . LEU B 1 16 ? -11.641 -2.804  -26.415 1.00 7.83  ? 992  LEU B N   1 
ATOM   598  C  CA  . LEU B 1 16 ? -11.460 -3.630  -25.241 1.00 9.21  ? 992  LEU B CA  1 
ATOM   599  C  C   . LEU B 1 16 ? -9.977  -3.981  -25.031 1.00 9.50  ? 992  LEU B C   1 
ATOM   600  O  O   . LEU B 1 16 ? -9.544  -3.971  -23.888 1.00 11.28 ? 992  LEU B O   1 
ATOM   601  C  CB  . LEU B 1 16 ? -12.338 -4.894  -25.315 1.00 8.23  ? 992  LEU B CB  1 
ATOM   602  C  CG  . LEU B 1 16 ? -13.800 -4.659  -24.951 1.00 12.44 ? 992  LEU B CG  1 
ATOM   603  C  CD1 . LEU B 1 16 ? -14.666 -5.846  -25.440 1.00 12.11 ? 992  LEU B CD1 1 
ATOM   604  C  CD2 . LEU B 1 16 ? -13.833 -4.558  -23.410 1.00 16.13 ? 992  LEU B CD2 1 
ATOM   605  N  N   . ASN B 1 17 ? -9.207  -4.236  -26.100 1.00 9.12  ? 993  ASN B N   1 
ATOM   606  C  CA  . ASN B 1 17 ? -7.747  -4.429  -25.951 1.00 11.39 ? 993  ASN B CA  1 
ATOM   607  C  C   . ASN B 1 17 ? -7.105  -3.245  -25.235 1.00 12.25 ? 993  ASN B C   1 
ATOM   608  O  O   . ASN B 1 17 ? -6.284  -3.419  -24.322 1.00 9.98  ? 993  ASN B O   1 
ATOM   609  C  CB  . ASN B 1 17 ? -7.027  -4.628  -27.292 1.00 12.42 ? 993  ASN B CB  1 
ATOM   610  C  CG  . ASN B 1 17 ? -7.013  -6.056  -27.768 1.00 16.80 ? 993  ASN B CG  1 
ATOM   611  O  OD1 . ASN B 1 17 ? -7.040  -6.971  -26.977 1.00 21.53 ? 993  ASN B OD1 1 
ATOM   612  N  ND2 . ASN B 1 17 ? -6.875  -6.253  -29.101 1.00 19.66 ? 993  ASN B ND2 1 
ATOM   613  N  N   . ASN B 1 18 ? -7.462  -2.054  -25.699 1.00 9.61  ? 994  ASN B N   1 
ATOM   614  C  CA  . ASN B 1 18 ? -6.990  -0.817  -25.109 1.00 12.30 ? 994  ASN B CA  1 
ATOM   615  C  C   . ASN B 1 18 ? -7.294  -0.699  -23.602 1.00 11.75 ? 994  ASN B C   1 
ATOM   616  O  O   . ASN B 1 18 ? -6.400  -0.310  -22.825 1.00 11.48 ? 994  ASN B O   1 
ATOM   617  C  CB  . ASN B 1 18 ? -7.553  0.416   -25.842 1.00 11.06 ? 994  ASN B CB  1 
ATOM   618  C  CG  . ASN B 1 18 ? -6.969  0.599   -27.201 1.00 15.98 ? 994  ASN B CG  1 
ATOM   619  O  OD1 . ASN B 1 18 ? -5.860  0.161   -27.476 1.00 15.59 ? 994  ASN B OD1 1 
ATOM   620  N  ND2 . ASN B 1 18 ? -7.722  1.307   -28.081 1.00 13.92 ? 994  ASN B ND2 1 
ATOM   621  N  N   . LYS B 1 19 ? -8.537  -0.981  -23.221 1.00 11.22 ? 995  LYS B N   1 
ATOM   622  C  CA  . LYS B 1 19 ? -8.982  -0.813  -21.834 1.00 13.16 ? 995  LYS B CA  1 
ATOM   623  C  C   . LYS B 1 19 ? -8.270  -1.799  -20.967 1.00 13.10 ? 995  LYS B C   1 
ATOM   624  O  O   . LYS B 1 19 ? -7.888  -1.464  -19.848 1.00 13.18 ? 995  LYS B O   1 
ATOM   625  C  CB  . LYS B 1 19 ? -10.482 -1.028  -21.692 1.00 11.97 ? 995  LYS B CB  1 
ATOM   626  C  CG  . LYS B 1 19 ? -11.273 0.111   -22.189 1.00 14.62 ? 995  LYS B CG  1 
ATOM   627  C  CD  . LYS B 1 19 ? -12.749 -0.014  -21.748 1.00 18.49 ? 995  LYS B CD  1 
ATOM   628  C  CE  . LYS B 1 19 ? -13.680 0.719   -22.717 1.00 23.38 ? 995  LYS B CE  1 
ATOM   629  N  NZ  . LYS B 1 19 ? -13.645 2.155   -22.636 1.00 27.98 ? 995  LYS B NZ  1 
ATOM   630  N  N   . LEU B 1 20 ? -8.100  -3.029  -21.474 1.00 11.33 ? 996  LEU B N   1 
ATOM   631  C  CA  . LEU B 1 20 ? -7.432  -4.067  -20.671 1.00 12.42 ? 996  LEU B CA  1 
ATOM   632  C  C   . LEU B 1 20 ? -5.963  -3.735  -20.478 1.00 12.94 ? 996  LEU B C   1 
ATOM   633  O  O   . LEU B 1 20 ? -5.416  -3.947  -19.389 1.00 14.59 ? 996  LEU B O   1 
ATOM   634  C  CB  . LEU B 1 20 ? -7.580  -5.465  -21.317 1.00 11.02 ? 996  LEU B CB  1 
ATOM   635  C  CG  . LEU B 1 20 ? -6.833  -6.651  -20.690 1.00 13.76 ? 996  LEU B CG  1 
ATOM   636  C  CD1 . LEU B 1 20 ? -7.314  -6.796  -19.252 1.00 11.78 ? 996  LEU B CD1 1 
ATOM   637  C  CD2 . LEU B 1 20 ? -7.112  -7.972  -21.462 1.00 14.26 ? 996  LEU B CD2 1 
ATOM   638  N  N   . LYS B 1 21 ? -5.308  -3.243  -21.532 1.00 13.29 ? 997  LYS B N   1 
ATOM   639  C  CA  . LYS B 1 21 ? -3.902  -2.839  -21.453 1.00 15.36 ? 997  LYS B CA  1 
ATOM   640  C  C   . LYS B 1 21 ? -3.758  -1.730  -20.400 1.00 16.70 ? 997  LYS B C   1 
ATOM   641  O  O   . LYS B 1 21 ? -2.841  -1.758  -19.546 1.00 16.78 ? 997  LYS B O   1 
ATOM   642  C  CB  . LYS B 1 21 ? -3.432  -2.360  -22.824 1.00 15.50 ? 997  LYS B CB  1 
ATOM   643  C  CG  . LYS B 1 21 ? -2.083  -1.672  -22.877 1.00 19.38 ? 997  LYS B CG  1 
ATOM   644  C  CD  . LYS B 1 21 ? -1.689  -1.407  -24.348 1.00 25.96 ? 997  LYS B CD  1 
ATOM   645  C  CE  . LYS B 1 21 ? -0.655  -0.307  -24.464 1.00 30.73 ? 997  LYS B CE  1 
ATOM   646  N  NZ  . LYS B 1 21 ? 0.733   -0.832  -24.655 1.00 33.88 ? 997  LYS B NZ  1 
ATOM   647  N  N   . GLU B 1 22 ? -4.670  -0.776  -20.451 1.00 17.23 ? 998  GLU B N   1 
ATOM   648  C  CA  . GLU B 1 22 ? -4.645  0.360   -19.529 1.00 17.95 ? 998  GLU B CA  1 
ATOM   649  C  C   . GLU B 1 22 ? -4.787  -0.142  -18.088 1.00 18.77 ? 998  GLU B C   1 
ATOM   650  O  O   . GLU B 1 22 ? -4.018  0.255   -17.199 1.00 19.02 ? 998  GLU B O   1 
ATOM   651  C  CB  . GLU B 1 22 ? -5.734  1.331   -19.879 1.00 18.22 ? 998  GLU B CB  1 
ATOM   652  N  N   . ALA B 1 23 ? -5.749  -1.033  -17.868 1.00 18.89 ? 999  ALA B N   1 
ATOM   653  C  CA  . ALA B 1 23 ? -5.944  -1.627  -16.559 1.00 20.14 ? 999  ALA B CA  1 
ATOM   654  C  C   . ALA B 1 23 ? -4.690  -2.385  -16.079 1.00 21.11 ? 999  ALA B C   1 
ATOM   655  O  O   . ALA B 1 23 ? -4.303  -2.268  -14.916 1.00 20.80 ? 999  ALA B O   1 
ATOM   656  C  CB  . ALA B 1 23 ? -7.139  -2.525  -16.571 1.00 19.90 ? 999  ALA B CB  1 
ATOM   657  N  N   . GLN B 1 24 ? -4.064  -3.155  -16.970 1.00 22.13 ? 1000 GLN B N   1 
ATOM   658  C  CA  . GLN B 1 24 ? -2.909  -3.965  -16.620 1.00 24.33 ? 1000 GLN B CA  1 
ATOM   659  C  C   . GLN B 1 24 ? -1.698  -3.088  -16.308 1.00 26.58 ? 1000 GLN B C   1 
ATOM   660  O  O   . GLN B 1 24 ? -0.869  -3.440  -15.459 1.00 26.89 ? 1000 GLN B O   1 
ATOM   661  C  CB  . GLN B 1 24 ? -2.570  -4.980  -17.708 1.00 24.60 ? 1000 GLN B CB  1 
ATOM   662  C  CG  . GLN B 1 24 ? -3.668  -6.003  -17.919 1.00 23.23 ? 1000 GLN B CG  1 
ATOM   663  C  CD  . GLN B 1 24 ? -3.417  -6.936  -19.087 1.00 23.82 ? 1000 GLN B CD  1 
ATOM   664  O  OE1 . GLN B 1 24 ? -2.769  -6.566  -20.070 1.00 27.56 ? 1000 GLN B OE1 1 
ATOM   665  N  NE2 . GLN B 1 24 ? -3.938  -8.134  -18.987 1.00 24.20 ? 1000 GLN B NE2 1 
ATOM   666  N  N   . GLU B 1 25 ? -1.597  -1.951  -16.987 1.00 28.27 ? 1001 GLU B N   1 
ATOM   667  C  CA  . GLU B 1 25 ? -0.561  -0.981  -16.659 1.00 30.73 ? 1001 GLU B CA  1 
ATOM   668  C  C   . GLU B 1 25 ? -0.850  -0.292  -15.316 1.00 31.26 ? 1001 GLU B C   1 
ATOM   669  O  O   . GLU B 1 25 ? 0.064   -0.107  -14.500 1.00 32.10 ? 1001 GLU B O   1 
ATOM   670  C  CB  . GLU B 1 25 ? -0.401  0.029   -17.782 1.00 31.08 ? 1001 GLU B CB  1 
ATOM   671  C  CG  . GLU B 1 25 ? 0.558   -0.456  -18.878 1.00 34.77 ? 1001 GLU B CG  1 
ATOM   672  C  CD  . GLU B 1 25 ? 0.312   0.199   -20.233 1.00 39.65 ? 1001 GLU B CD  1 
ATOM   673  O  OE1 . GLU B 1 25 ? -0.091  1.388   -20.275 1.00 41.95 ? 1001 GLU B OE1 1 
ATOM   674  O  OE2 . GLU B 1 25 ? 0.533   -0.484  -21.269 1.00 42.08 ? 1001 GLU B OE2 1 
ATOM   675  N  N   . GLN B 1 26 ? -2.105  0.079   -15.089 1.00 32.07 ? 1002 GLN B N   1 
ATOM   676  C  CA  . GLN B 1 26 ? -2.542  0.652   -13.810 1.00 33.42 ? 1002 GLN B CA  1 
ATOM   677  C  C   . GLN B 1 26 ? -2.211  -0.305  -12.661 1.00 34.17 ? 1002 GLN B C   1 
ATOM   678  O  O   . GLN B 1 26 ? -1.775  0.136   -11.588 1.00 34.47 ? 1002 GLN B O   1 
ATOM   679  C  CB  . GLN B 1 26 ? -4.046  0.990   -13.808 1.00 33.39 ? 1002 GLN B CB  1 
ATOM   680  C  CG  . GLN B 1 26 ? -4.397  2.356   -14.434 1.00 35.17 ? 1002 GLN B CG  1 
ATOM   681  C  CD  . GLN B 1 26 ? -5.891  2.578   -14.747 1.00 37.98 ? 1002 GLN B CD  1 
ATOM   682  O  OE1 . GLN B 1 26 ? -6.770  1.820   -14.312 1.00 40.45 ? 1002 GLN B OE1 1 
ATOM   683  N  NE2 . GLN B 1 26 ? -6.171  3.637   -15.500 1.00 38.62 ? 1002 GLN B NE2 1 
ATOM   684  N  N   . LEU B 1 27 ? -2.379  -1.604  -12.915 1.00 34.51 ? 1003 LEU B N   1 
ATOM   685  C  CA  . LEU B 1 27 ? -2.106  -2.656  -11.943 1.00 36.30 ? 1003 LEU B CA  1 
ATOM   686  C  C   . LEU B 1 27 ? -0.636  -2.805  -11.628 1.00 37.84 ? 1003 LEU B C   1 
ATOM   687  O  O   . LEU B 1 27 ? -0.287  -3.112  -10.489 1.00 38.32 ? 1003 LEU B O   1 
ATOM   688  C  CB  . LEU B 1 27 ? -2.658  -4.009  -12.401 1.00 35.97 ? 1003 LEU B CB  1 
ATOM   689  C  CG  . LEU B 1 27 ? -4.119  -4.334  -12.112 1.00 35.91 ? 1003 LEU B CG  1 
ATOM   690  C  CD1 . LEU B 1 27 ? -4.538  -5.520  -12.959 1.00 35.93 ? 1003 LEU B CD1 1 
ATOM   691  C  CD2 . LEU B 1 27 ? -4.343  -4.619  -10.619 1.00 35.75 ? 1003 LEU B CD2 1 
ATOM   692  N  N   . SER B 1 28 ? 0.224   -2.605  -12.624 1.00 39.13 ? 1004 SER B N   1 
ATOM   693  C  CA  . SER B 1 28 ? 1.665   -2.569  -12.391 1.00 40.89 ? 1004 SER B CA  1 
ATOM   694  C  C   . SER B 1 28 ? 2.077   -1.343  -11.575 1.00 42.11 ? 1004 SER B C   1 
ATOM   695  O  O   . SER B 1 28 ? 2.921   -1.447  -10.680 1.00 42.74 ? 1004 SER B O   1 
ATOM   696  C  CB  . SER B 1 28 ? 2.440   -2.647  -13.704 1.00 40.89 ? 1004 SER B CB  1 
ATOM   697  O  OG  . SER B 1 28 ? 2.507   -3.996  -14.155 1.00 41.62 ? 1004 SER B OG  1 
ATOM   698  N  N   . ARG B 1 29 ? 1.463   -0.196  -11.857 1.00 43.27 ? 1005 ARG B N   1 
ATOM   699  C  CA  . ARG B 1 29 ? 1.691   1.007   -11.056 1.00 44.75 ? 1005 ARG B CA  1 
ATOM   700  C  C   . ARG B 1 29 ? 1.270   0.803   -9.595  1.00 45.48 ? 1005 ARG B C   1 
ATOM   701  O  O   . ARG B 1 29 ? 2.052   1.061   -8.680  1.00 46.15 ? 1005 ARG B O   1 
ATOM   702  C  CB  . ARG B 1 29 ? 0.981   2.213   -11.656 1.00 44.88 ? 1005 ARG B CB  1 
ATOM   703  N  N   . LEU B 1 30 ? 0.043   0.332   -9.385  1.00 46.16 ? 1006 LEU B N   1 
ATOM   704  C  CA  . LEU B 1 30 ? -0.463  0.066   -8.047  1.00 47.12 ? 1006 LEU B CA  1 
ATOM   705  C  C   . LEU B 1 30 ? 0.303   -1.068  -7.349  1.00 47.96 ? 1006 LEU B C   1 
ATOM   706  O  O   . LEU B 1 30 ? 0.284   -1.162  -6.113  1.00 48.41 ? 1006 LEU B O   1 
ATOM   707  C  CB  . LEU B 1 30 ? -1.969  -0.211  -8.086  1.00 46.95 ? 1006 LEU B CB  1 
ATOM   708  C  CG  . LEU B 1 30 ? -2.895  0.945   -7.688  1.00 47.84 ? 1006 LEU B CG  1 
ATOM   709  C  CD1 . LEU B 1 30 ? -2.342  2.320   -8.083  1.00 47.83 ? 1006 LEU B CD1 1 
ATOM   710  C  CD2 . LEU B 1 30 ? -4.307  0.760   -8.236  1.00 47.19 ? 1006 LEU B CD2 1 
ATOM   711  N  N   . LYS B 1 31 ? 0.993   -1.898  -8.138  1.00 48.49 ? 1007 LYS B N   1 
ATOM   712  C  CA  . LYS B 1 31 ? 1.797   -3.003  -7.617  1.00 49.27 ? 1007 LYS B CA  1 
ATOM   713  C  C   . LYS B 1 31 ? 3.067   -2.533  -6.920  1.00 49.99 ? 1007 LYS B C   1 
ATOM   714  O  O   . LYS B 1 31 ? 3.370   -2.992  -5.819  1.00 50.36 ? 1007 LYS B O   1 
ATOM   715  C  CB  . LYS B 1 31 ? 2.143   -3.993  -8.715  1.00 49.01 ? 1007 LYS B CB  1 
ATOM   716  N  N   . ASP B 1 32 ? 3.814   -1.634  -7.563  1.00 50.98 ? 1008 ASP B N   1 
ATOM   717  C  CA  . ASP B 1 32 ? 5.069   -1.134  -6.996  1.00 51.92 ? 1008 ASP B CA  1 
ATOM   718  C  C   . ASP B 1 32 ? 4.818   -0.057  -5.943  1.00 52.29 ? 1008 ASP B C   1 
ATOM   719  O  O   . ASP B 1 32 ? 5.710   0.267   -5.151  1.00 52.71 ? 1008 ASP B O   1 
ATOM   720  C  CB  . ASP B 1 32 ? 6.026   -0.645  -8.087  1.00 52.02 ? 1008 ASP B CB  1 
ATOM   721  C  CG  . ASP B 1 32 ? 6.025   -1.547  -9.323  1.00 52.94 ? 1008 ASP B CG  1 
ATOM   722  O  OD1 . ASP B 1 32 ? 5.881   -2.787  -9.178  1.00 53.04 ? 1008 ASP B OD1 1 
ATOM   723  O  OD2 . ASP B 1 32 ? 6.156   -1.095  -10.485 1.00 53.91 ? 1008 ASP B OD2 1 
ATOM   724  N  N   . GLU B 1 33 ? 3.598   0.476   -5.937  1.00 52.51 ? 1009 GLU B N   1 
ATOM   725  C  CA  . GLU B 1 33 ? 3.108   1.325   -4.855  1.00 52.79 ? 1009 GLU B CA  1 
ATOM   726  C  C   . GLU B 1 33 ? 2.836   0.523   -3.576  1.00 53.19 ? 1009 GLU B C   1 
ATOM   727  O  O   . GLU B 1 33 ? 2.886   1.081   -2.470  1.00 53.34 ? 1009 GLU B O   1 
ATOM   728  C  CB  . GLU B 1 33 ? 1.863   2.070   -5.287  1.00 52.69 ? 1009 GLU B CB  1 
ATOM   729  N  N   . GLU B 1 34 ? 2.543   -0.773  -3.723  1.00 53.18 ? 1010 GLU B N   1 
ATOM   730  C  CA  . GLU B 1 34 ? 2.439   -1.680  -2.577  1.00 53.28 ? 1010 GLU B CA  1 
ATOM   731  C  C   . GLU B 1 34 ? 3.827   -2.095  -2.086  1.00 53.54 ? 1010 GLU B C   1 
ATOM   732  O  O   . GLU B 1 34 ? 3.984   -2.534  -0.937  1.00 53.52 ? 1010 GLU B O   1 
ATOM   733  C  CB  . GLU B 1 34 ? 1.603   -2.905  -2.919  1.00 53.22 ? 1010 GLU B CB  1 
ATOM   734  N  N   . ILE B 1 35 ? 4.824   -1.953  -2.962  1.00 53.40 ? 1011 ILE B N   1 
ATOM   735  C  CA  . ILE B 1 35 ? 6.220   -2.258  -2.633  1.00 53.21 ? 1011 ILE B CA  1 
ATOM   736  C  C   . ILE B 1 35 ? 6.856   -1.088  -1.890  1.00 52.91 ? 1011 ILE B C   1 
ATOM   737  O  O   . ILE B 1 35 ? 7.570   -1.278  -0.909  1.00 52.62 ? 1011 ILE B O   1 
ATOM   738  C  CB  . ILE B 1 35 ? 7.019   -2.619  -3.922  1.00 53.31 ? 1011 ILE B CB  1 
ATOM   739  C  CG1 . ILE B 1 35 ? 6.830   -4.105  -4.260  1.00 53.24 ? 1011 ILE B CG1 1 
ATOM   740  C  CG2 . ILE B 1 35 ? 8.502   -2.264  -3.784  1.00 52.74 ? 1011 ILE B CG2 1 
ATOM   741  C  CD1 . ILE B 1 35 ? 6.491   -4.364  -5.708  1.00 53.30 ? 1011 ILE B CD1 1 
ATOM   742  N  N   . SER B 1 36 ? 6.579   0.120   -2.371  1.00 52.81 ? 1012 SER B N   1 
ATOM   743  C  CA  . SER B 1 36 ? 7.029   1.340   -1.726  1.00 52.28 ? 1012 SER B CA  1 
ATOM   744  C  C   . SER B 1 36 ? 6.362   1.538   -0.360  1.00 52.02 ? 1012 SER B C   1 
ATOM   745  O  O   . SER B 1 36 ? 7.032   1.958   0.591   1.00 52.18 ? 1012 SER B O   1 
ATOM   746  C  CB  . SER B 1 36 ? 6.787   2.540   -2.630  1.00 52.45 ? 1012 SER B CB  1 
ATOM   747  N  N   . ALA B 1 37 ? 5.062   1.227   -0.264  1.00 51.26 ? 1013 ALA B N   1 
ATOM   748  C  CA  . ALA B 1 37 ? 4.306   1.368   0.987   1.00 50.65 ? 1013 ALA B CA  1 
ATOM   749  C  C   . ALA B 1 37 ? 4.775   0.388   2.059   1.00 50.36 ? 1013 ALA B C   1 
ATOM   750  O  O   . ALA B 1 37 ? 4.856   0.752   3.231   1.00 49.86 ? 1013 ALA B O   1 
ATOM   751  C  CB  . ALA B 1 37 ? 2.805   1.223   0.756   1.00 50.59 ? 1013 ALA B CB  1 
ATOM   752  N  N   . ALA B 1 38 ? 5.088   -0.841  1.644   1.00 49.75 ? 1014 ALA B N   1 
ATOM   753  C  CA  . ALA B 1 38 ? 5.597   -1.873  2.551   1.00 49.14 ? 1014 ALA B CA  1 
ATOM   754  C  C   . ALA B 1 38 ? 7.046   -1.616  2.977   1.00 48.75 ? 1014 ALA B C   1 
ATOM   755  O  O   . ALA B 1 38 ? 7.481   -2.093  4.031   1.00 48.46 ? 1014 ALA B O   1 
ATOM   756  C  CB  . ALA B 1 38 ? 5.449   -3.270  1.931   1.00 49.06 ? 1014 ALA B CB  1 
ATOM   757  N  N   . ALA B 1 39 ? 7.787   -0.873  2.155   1.00 48.00 ? 1015 ALA B N   1 
ATOM   758  C  CA  . ALA B 1 39 ? 9.125   -0.413  2.522   1.00 47.14 ? 1015 ALA B CA  1 
ATOM   759  C  C   . ALA B 1 39 ? 9.040   0.798   3.452   1.00 46.73 ? 1015 ALA B C   1 
ATOM   760  O  O   . ALA B 1 39 ? 10.001  1.106   4.158   1.00 47.07 ? 1015 ALA B O   1 
ATOM   761  C  CB  . ALA B 1 39 ? 9.922   -0.065  1.303   1.00 46.98 ? 1015 ALA B CB  1 
ATOM   762  N  N   . ILE B 1 40 ? 7.901   1.489   3.427   1.00 45.67 ? 1016 ILE B N   1 
ATOM   763  C  CA  . ILE B 1 40 ? 7.623   2.590   4.351   1.00 44.80 ? 1016 ILE B CA  1 
ATOM   764  C  C   . ILE B 1 40 ? 7.110   2.022   5.678   1.00 44.08 ? 1016 ILE B C   1 
ATOM   765  O  O   . ILE B 1 40 ? 7.403   2.568   6.751   1.00 44.09 ? 1016 ILE B O   1 
ATOM   766  C  CB  . ILE B 1 40 ? 6.613   3.625   3.731   1.00 44.70 ? 1016 ILE B CB  1 
ATOM   767  C  CG1 . ILE B 1 40 ? 7.315   4.542   2.724   1.00 44.68 ? 1016 ILE B CG1 1 
ATOM   768  C  CG2 . ILE B 1 40 ? 5.919   4.473   4.802   1.00 44.49 ? 1016 ILE B CG2 1 
ATOM   769  C  CD1 . ILE B 1 40 ? 6.359   5.224   1.741   1.00 44.12 ? 1016 ILE B CD1 1 
ATOM   770  N  N   . LYS B 1 41 ? 6.351   0.932   5.604   1.00 42.81 ? 1017 LYS B N   1 
ATOM   771  C  CA  . LYS B 1 41 ? 5.927   0.218   6.799   1.00 42.27 ? 1017 LYS B CA  1 
ATOM   772  C  C   . LYS B 1 41 ? 7.148   -0.232  7.597   1.00 41.66 ? 1017 LYS B C   1 
ATOM   773  O  O   . LYS B 1 41 ? 7.193   -0.047  8.819   1.00 41.50 ? 1017 LYS B O   1 
ATOM   774  C  CB  . LYS B 1 41 ? 5.066   -0.992  6.441   1.00 42.40 ? 1017 LYS B CB  1 
ATOM   775  C  CG  . LYS B 1 41 ? 4.141   -1.438  7.566   1.00 43.78 ? 1017 LYS B CG  1 
ATOM   776  C  CD  . LYS B 1 41 ? 3.194   -2.558  7.121   1.00 45.44 ? 1017 LYS B CD  1 
ATOM   777  C  CE  . LYS B 1 41 ? 2.428   -3.119  8.297   1.00 45.56 ? 1017 LYS B CE  1 
ATOM   778  N  NZ  . LYS B 1 41 ? 3.108   -4.342  8.818   1.00 47.35 ? 1017 LYS B NZ  1 
ATOM   779  N  N   . ALA B 1 42 ? 8.129   -0.811  6.898   1.00 40.39 ? 1018 ALA B N   1 
ATOM   780  C  CA  . ALA B 1 42 ? 9.332   -1.352  7.526   1.00 39.41 ? 1018 ALA B CA  1 
ATOM   781  C  C   . ALA B 1 42 ? 10.242  -0.248  8.104   1.00 38.70 ? 1018 ALA B C   1 
ATOM   782  O  O   . ALA B 1 42 ? 10.872  -0.421  9.155   1.00 37.29 ? 1018 ALA B O   1 
ATOM   783  C  CB  . ALA B 1 42 ? 10.095  -2.229  6.539   1.00 39.26 ? 1018 ALA B CB  1 
ATOM   784  N  N   . GLN B 1 43 ? 10.287  0.881   7.409   1.00 37.68 ? 1019 GLN B N   1 
ATOM   785  C  CA  . GLN B 1 43 ? 11.018  2.047   7.869   1.00 37.21 ? 1019 GLN B CA  1 
ATOM   786  C  C   . GLN B 1 43 ? 10.383  2.596   9.168   1.00 35.74 ? 1019 GLN B C   1 
ATOM   787  O  O   . GLN B 1 43 ? 11.097  2.763   10.157  1.00 35.10 ? 1019 GLN B O   1 
ATOM   788  C  CB  . GLN B 1 43 ? 11.117  3.079   6.738   1.00 37.97 ? 1019 GLN B CB  1 
ATOM   789  C  CG  . GLN B 1 43 ? 11.166  4.553   7.147   1.00 42.13 ? 1019 GLN B CG  1 
ATOM   790  C  CD  . GLN B 1 43 ? 10.148  5.433   6.399   1.00 45.66 ? 1019 GLN B CD  1 
ATOM   791  O  OE1 . GLN B 1 43 ? 9.816   6.536   6.851   1.00 48.11 ? 1019 GLN B OE1 1 
ATOM   792  N  NE2 . GLN B 1 43 ? 9.672   4.951   5.257   1.00 48.16 ? 1019 GLN B NE2 1 
ATOM   793  N  N   . PHE B 1 44 ? 9.062   2.835   9.168   1.00 34.14 ? 1020 PHE B N   1 
ATOM   794  C  CA  . PHE B 1 44 ? 8.320   3.210   10.380  1.00 33.33 ? 1020 PHE B CA  1 
ATOM   795  C  C   . PHE B 1 44 ? 8.560   2.207   11.499  1.00 31.96 ? 1020 PHE B C   1 
ATOM   796  O  O   . PHE B 1 44 ? 8.777   2.599   12.639  1.00 31.09 ? 1020 PHE B O   1 
ATOM   797  C  CB  . PHE B 1 44 ? 6.806   3.286   10.153  1.00 33.39 ? 1020 PHE B CB  1 
ATOM   798  C  CG  . PHE B 1 44 ? 6.318   4.623   9.654   1.00 35.46 ? 1020 PHE B CG  1 
ATOM   799  C  CD1 . PHE B 1 44 ? 6.641   5.817   10.324  1.00 36.33 ? 1020 PHE B CD1 1 
ATOM   800  C  CD2 . PHE B 1 44 ? 5.497   4.691   8.525   1.00 36.82 ? 1020 PHE B CD2 1 
ATOM   801  C  CE1 . PHE B 1 44 ? 6.169   7.055   9.863   1.00 37.76 ? 1020 PHE B CE1 1 
ATOM   802  C  CE2 . PHE B 1 44 ? 5.017   5.925   8.048   1.00 36.99 ? 1020 PHE B CE2 1 
ATOM   803  C  CZ  . PHE B 1 44 ? 5.359   7.114   8.716   1.00 37.82 ? 1020 PHE B CZ  1 
ATOM   804  N  N   . GLU B 1 45 ? 8.504   0.919   11.176  1.00 30.90 ? 1021 GLU B N   1 
ATOM   805  C  CA  . GLU B 1 45 ? 8.692   -0.121  12.189  1.00 30.93 ? 1021 GLU B CA  1 
ATOM   806  C  C   . GLU B 1 45 ? 10.076  -0.036  12.813  1.00 29.25 ? 1021 GLU B C   1 
ATOM   807  O  O   . GLU B 1 45 ? 10.184  -0.078  14.031  1.00 29.77 ? 1021 GLU B O   1 
ATOM   808  C  CB  . GLU B 1 45 ? 8.422   -1.524  11.654  1.00 30.71 ? 1021 GLU B CB  1 
ATOM   809  C  CG  . GLU B 1 45 ? 6.944   -1.895  11.675  1.00 34.94 ? 1021 GLU B CG  1 
ATOM   810  C  CD  . GLU B 1 45 ? 6.559   -2.983  10.665  1.00 39.55 ? 1021 GLU B CD  1 
ATOM   811  O  OE1 . GLU B 1 45 ? 7.396   -3.366  9.811   1.00 40.23 ? 1021 GLU B OE1 1 
ATOM   812  O  OE2 . GLU B 1 45 ? 5.400   -3.456  10.723  1.00 42.01 ? 1021 GLU B OE2 1 
ATOM   813  N  N   . LYS B 1 46 ? 11.114  0.093   11.993  1.00 28.22 ? 1022 LYS B N   1 
ATOM   814  C  CA  . LYS B 1 46 ? 12.464  0.311   12.514  1.00 26.88 ? 1022 LYS B CA  1 
ATOM   815  C  C   . LYS B 1 46 ? 12.585  1.542   13.425  1.00 25.42 ? 1022 LYS B C   1 
ATOM   816  O  O   . LYS B 1 46 ? 13.182  1.452   14.491  1.00 24.72 ? 1022 LYS B O   1 
ATOM   817  C  CB  . LYS B 1 46 ? 13.507  0.395   11.404  1.00 27.91 ? 1022 LYS B CB  1 
ATOM   818  C  CG  . LYS B 1 46 ? 14.980  0.602   11.918  1.00 29.74 ? 1022 LYS B CG  1 
ATOM   819  C  CD  . LYS B 1 46 ? 15.535  -0.670  12.536  1.00 35.60 ? 1022 LYS B CD  1 
ATOM   820  C  CE  . LYS B 1 46 ? 16.553  -0.402  13.669  1.00 38.71 ? 1022 LYS B CE  1 
ATOM   821  N  NZ  . LYS B 1 46 ? 16.128  -1.024  14.995  1.00 41.48 ? 1022 LYS B NZ  1 
ATOM   822  N  N   . GLN B 1 47 ? 12.027  2.674   13.004  1.00 23.83 ? 1023 GLN B N   1 
ATOM   823  C  CA  . GLN B 1 47 ? 12.089  3.892   13.811  1.00 22.95 ? 1023 GLN B CA  1 
ATOM   824  C  C   . GLN B 1 47 ? 11.358  3.683   15.134  1.00 21.29 ? 1023 GLN B C   1 
ATOM   825  O  O   . GLN B 1 47 ? 11.835  4.119   16.173  1.00 20.94 ? 1023 GLN B O   1 
ATOM   826  C  CB  . GLN B 1 47 ? 11.523  5.089   13.074  1.00 22.37 ? 1023 GLN B CB  1 
ATOM   827  C  CG  . GLN B 1 47 ? 12.482  5.628   12.041  1.00 28.29 ? 1023 GLN B CG  1 
ATOM   828  C  CD  . GLN B 1 47 ? 11.793  6.303   10.853  1.00 34.28 ? 1023 GLN B CD  1 
ATOM   829  O  OE1 . GLN B 1 47 ? 10.701  6.876   10.985  1.00 37.45 ? 1023 GLN B OE1 1 
ATOM   830  N  NE2 . GLN B 1 47 ? 12.437  6.237   9.689   1.00 36.91 ? 1023 GLN B NE2 1 
ATOM   831  N  N   . LEU B 1 48 ? 10.229  2.990   15.100  1.00 21.26 ? 1024 LEU B N   1 
ATOM   832  C  CA  . LEU B 1 48 ? 9.437   2.779   16.310  1.00 21.01 ? 1024 LEU B CA  1 
ATOM   833  C  C   . LEU B 1 48 ? 10.234  1.927   17.288  1.00 19.93 ? 1024 LEU B C   1 
ATOM   834  O  O   . LEU B 1 48 ? 10.372  2.288   18.468  1.00 18.93 ? 1024 LEU B O   1 
ATOM   835  C  CB  . LEU B 1 48 ? 8.101   2.107   16.002  1.00 22.35 ? 1024 LEU B CB  1 
ATOM   836  C  CG  . LEU B 1 48 ? 6.847   2.941   15.749  1.00 25.09 ? 1024 LEU B CG  1 
ATOM   837  C  CD1 . LEU B 1 48 ? 5.640   1.991   15.498  1.00 26.20 ? 1024 LEU B CD1 1 
ATOM   838  C  CD2 . LEU B 1 48 ? 6.527   3.909   16.886  1.00 24.23 ? 1024 LEU B CD2 1 
ATOM   839  N  N   . LEU B 1 49 ? 10.747  0.792   16.813  1.00 19.05 ? 1025 LEU B N   1 
ATOM   840  C  CA  . LEU B 1 49 ? 11.674  -0.025  17.619  1.00 18.83 ? 1025 LEU B CA  1 
ATOM   841  C  C   . LEU B 1 49 ? 12.804  0.791   18.246  1.00 18.13 ? 1025 LEU B C   1 
ATOM   842  O  O   . LEU B 1 49 ? 13.070  0.649   19.454  1.00 18.15 ? 1025 LEU B O   1 
ATOM   843  C  CB  . LEU B 1 49 ? 12.285  -1.134  16.782  1.00 19.86 ? 1025 LEU B CB  1 
ATOM   844  C  CG  . LEU B 1 49 ? 13.083  -2.237  17.466  1.00 20.82 ? 1025 LEU B CG  1 
ATOM   845  C  CD1 . LEU B 1 49 ? 12.430  -2.727  18.745  1.00 21.18 ? 1025 LEU B CD1 1 
ATOM   846  C  CD2 . LEU B 1 49 ? 13.249  -3.383  16.462  1.00 24.10 ? 1025 LEU B CD2 1 
ATOM   847  N  N   . THR B 1 50 ? 13.475  1.609   17.441  1.00 17.19 ? 1026 THR B N   1 
ATOM   848  C  CA  . THR B 1 50 ? 14.564  2.440   17.919  1.00 17.01 ? 1026 THR B CA  1 
ATOM   849  C  C   . THR B 1 50 ? 14.107  3.368   19.031  1.00 15.93 ? 1026 THR B C   1 
ATOM   850  O  O   . THR B 1 50 ? 14.775  3.440   20.067  1.00 14.19 ? 1026 THR B O   1 
ATOM   851  C  CB  . THR B 1 50 ? 15.181  3.246   16.810  1.00 17.58 ? 1026 THR B CB  1 
ATOM   852  O  OG1 . THR B 1 50 ? 15.751  2.351   15.839  1.00 19.92 ? 1026 THR B OG1 1 
ATOM   853  C  CG2 . THR B 1 50 ? 16.392  4.038   17.319  1.00 19.50 ? 1026 THR B CG2 1 
ATOM   854  N  N   . GLU B 1 51 ? 12.977  4.065   18.840  1.00 14.24 ? 1027 GLU B N   1 
ATOM   855  C  CA  . GLU B 1 51 ? 12.500  4.954   19.890  1.00 13.46 ? 1027 GLU B CA  1 
ATOM   856  C  C   . GLU B 1 51 ? 12.130  4.172   21.157  1.00 13.95 ? 1027 GLU B C   1 
ATOM   857  O  O   . GLU B 1 51 ? 12.467  4.602   22.262  1.00 11.11 ? 1027 GLU B O   1 
ATOM   858  C  CB  . GLU B 1 51 ? 11.318  5.807   19.425  1.00 14.06 ? 1027 GLU B CB  1 
ATOM   859  C  CG  . GLU B 1 51 ? 11.630  6.672   18.211  1.00 15.26 ? 1027 GLU B CG  1 
ATOM   860  C  CD  . GLU B 1 51 ? 12.679  7.763   18.448  1.00 20.37 ? 1027 GLU B CD  1 
ATOM   861  O  OE1 . GLU B 1 51 ? 13.239  8.275   17.464  1.00 20.75 ? 1027 GLU B OE1 1 
ATOM   862  O  OE2 . GLU B 1 51 ? 12.906  8.156   19.601  1.00 20.33 ? 1027 GLU B OE2 1 
ATOM   863  N  N   . ARG B 1 52 ? 11.456  3.033   21.009  1.00 12.57 ? 1028 ARG B N   1 
ATOM   864  C  CA  . ARG B 1 52 ? 11.020  2.296   22.181  1.00 14.99 ? 1028 ARG B CA  1 
ATOM   865  C  C   . ARG B 1 52 ? 12.226  1.763   22.911  1.00 13.77 ? 1028 ARG B C   1 
ATOM   866  O  O   . ARG B 1 52 ? 12.224  1.653   24.130  1.00 12.66 ? 1028 ARG B O   1 
ATOM   867  C  CB  . ARG B 1 52 ? 10.174  1.073   21.809  1.00 15.04 ? 1028 ARG B CB  1 
ATOM   868  C  CG  . ARG B 1 52 ? 8.887   1.338   21.127  1.00 23.27 ? 1028 ARG B CG  1 
ATOM   869  C  CD  . ARG B 1 52 ? 7.897   0.136   21.187  1.00 28.22 ? 1028 ARG B CD  1 
ATOM   870  N  NE  . ARG B 1 52 ? 8.492   -1.181  20.927  1.00 31.23 ? 1028 ARG B NE  1 
ATOM   871  C  CZ  . ARG B 1 52 ? 8.451   -1.801  19.741  1.00 33.30 ? 1028 ARG B CZ  1 
ATOM   872  N  NH1 . ARG B 1 52 ? 7.860   -1.228  18.695  1.00 32.28 ? 1028 ARG B NH1 1 
ATOM   873  N  NH2 . ARG B 1 52 ? 9.006   -2.992  19.594  1.00 34.21 ? 1028 ARG B NH2 1 
ATOM   874  N  N   . THR B 1 53 ? 13.242  1.377   22.143  1.00 12.72 ? 1029 THR B N   1 
ATOM   875  C  CA  . THR B 1 53 ? 14.443  0.785   22.720  1.00 12.88 ? 1029 THR B CA  1 
ATOM   876  C  C   . THR B 1 53 ? 15.227  1.793   23.576  1.00 11.39 ? 1029 THR B C   1 
ATOM   877  O  O   . THR B 1 53 ? 15.637  1.460   24.684  1.00 11.37 ? 1029 THR B O   1 
ATOM   878  C  CB  . THR B 1 53 ? 15.303  0.155   21.582  1.00 13.49 ? 1029 THR B CB  1 
ATOM   879  O  OG1 . THR B 1 53 ? 14.563  -0.972  21.050  1.00 13.87 ? 1029 THR B OG1 1 
ATOM   880  C  CG2 . THR B 1 53 ? 16.506  -0.482  22.146  1.00 15.82 ? 1029 THR B CG2 1 
ATOM   881  N  N   . LEU B 1 54 ? 15.441  2.994   23.047  1.00 8.81  ? 1030 LEU B N   1 
ATOM   882  C  CA  . LEU B 1 54 ? 16.120  4.050   23.756  1.00 9.53  ? 1030 LEU B CA  1 
ATOM   883  C  C   . LEU B 1 54 ? 15.288  4.373   24.968  1.00 9.66  ? 1030 LEU B C   1 
ATOM   884  O  O   . LEU B 1 54 ? 15.828  4.516   26.061  1.00 10.31 ? 1030 LEU B O   1 
ATOM   885  C  CB  . LEU B 1 54 ? 16.258  5.278   22.905  1.00 8.89  ? 1030 LEU B CB  1 
ATOM   886  C  CG  . LEU B 1 54 ? 17.123  4.979   21.673  1.00 10.62 ? 1030 LEU B CG  1 
ATOM   887  C  CD1 . LEU B 1 54 ? 16.998  6.183   20.707  1.00 13.97 ? 1030 LEU B CD1 1 
ATOM   888  C  CD2 . LEU B 1 54 ? 18.525  4.871   22.296  1.00 11.67 ? 1030 LEU B CD2 1 
ATOM   889  N  N   . LYS B 1 55 ? 13.970  4.451   24.784  1.00 8.54  ? 1031 LYS B N   1 
ATOM   890  C  CA  . LYS B 1 55 ? 13.101  4.677   25.970  1.00 8.71  ? 1031 LYS B CA  1 
ATOM   891  C  C   . LYS B 1 55 ? 13.357  3.621   27.063  1.00 8.80  ? 1031 LYS B C   1 
ATOM   892  O  O   . LYS B 1 55 ? 13.599  3.957   28.209  1.00 8.96  ? 1031 LYS B O   1 
ATOM   893  C  CB  . LYS B 1 55 ? 11.629  4.606   25.566  1.00 9.96  ? 1031 LYS B CB  1 
ATOM   894  C  CG  . LYS B 1 55 ? 10.689  4.791   26.723  1.00 9.63  ? 1031 LYS B CG  1 
ATOM   895  C  CD  . LYS B 1 55 ? 9.237   4.320   26.337  1.00 15.68 ? 1031 LYS B CD  1 
ATOM   896  C  CE  . LYS B 1 55 ? 9.164   2.832   26.177  1.00 14.97 ? 1031 LYS B CE  1 
ATOM   897  N  NZ  . LYS B 1 55 ? 7.815   2.484   25.644  1.00 20.23 ? 1031 LYS B NZ  1 
ATOM   898  N  N   . THR B 1 56 ? 13.299  2.346   26.689  1.00 6.98  ? 1032 THR B N   1 
ATOM   899  C  CA  . THR B 1 56 ? 13.393  1.237   27.669  1.00 9.14  ? 1032 THR B CA  1 
ATOM   900  C  C   . THR B 1 56 ? 14.804  1.148   28.333  1.00 6.84  ? 1032 THR B C   1 
ATOM   901  O  O   . THR B 1 56 ? 14.911  0.929   29.549  1.00 5.31  ? 1032 THR B O   1 
ATOM   902  C  CB  . THR B 1 56 ? 12.999  -0.078  26.919  1.00 8.83  ? 1032 THR B CB  1 
ATOM   903  O  OG1 . THR B 1 56 ? 11.548  -0.146  26.852  1.00 14.11 ? 1032 THR B OG1 1 
ATOM   904  C  CG2 . THR B 1 56 ? 13.355  -1.274  27.728  1.00 17.18 ? 1032 THR B CG2 1 
ATOM   905  N  N   . GLN B 1 57 ? 15.872  1.412   27.564  1.00 6.56  ? 1033 GLN B N   1 
ATOM   906  C  CA  . GLN B 1 57 ? 17.238  1.492   28.110  1.00 6.50  ? 1033 GLN B CA  1 
ATOM   907  C  C   . GLN B 1 57 ? 17.378  2.590   29.141  1.00 5.92  ? 1033 GLN B C   1 
ATOM   908  O  O   . GLN B 1 57 ? 17.962  2.412   30.204  1.00 6.73  ? 1033 GLN B O   1 
ATOM   909  C  CB  . GLN B 1 57 ? 18.227  1.799   26.985  1.00 6.86  ? 1033 GLN B CB  1 
ATOM   910  C  CG  . GLN B 1 57 ? 18.453  0.538   26.073  1.00 7.01  ? 1033 GLN B CG  1 
ATOM   911  C  CD  . GLN B 1 57 ? 19.231  0.892   24.787  1.00 11.71 ? 1033 GLN B CD  1 
ATOM   912  O  OE1 . GLN B 1 57 ? 19.585  2.063   24.542  1.00 12.19 ? 1033 GLN B OE1 1 
ATOM   913  N  NE2 . GLN B 1 57 ? 19.412  -0.121  23.926  1.00 11.96 ? 1033 GLN B NE2 1 
ATOM   914  N  N   . ALA B 1 58 ? 16.824  3.738   28.829  1.00 5.78  ? 1034 ALA B N   1 
ATOM   915  C  CA  . ALA B 1 58 ? 16.884  4.850   29.775  1.00 6.35  ? 1034 ALA B CA  1 
ATOM   916  C  C   . ALA B 1 58 ? 16.119  4.507   31.050  1.00 6.20  ? 1034 ALA B C   1 
ATOM   917  O  O   . ALA B 1 58 ? 16.577  4.793   32.124  1.00 6.34  ? 1034 ALA B O   1 
ATOM   918  C  CB  . ALA B 1 58 ? 16.311  6.128   29.156  1.00 7.84  ? 1034 ALA B CB  1 
ATOM   919  N  N   . VAL B 1 59 ? 14.948  3.911   30.905  1.00 5.73  ? 1035 VAL B N   1 
ATOM   920  C  CA  . VAL B 1 59 ? 14.091  3.515   32.041  1.00 6.83  ? 1035 VAL B CA  1 
ATOM   921  C  C   . VAL B 1 59 ? 14.864  2.514   32.940  1.00 6.10  ? 1035 VAL B C   1 
ATOM   922  O  O   . VAL B 1 59 ? 14.902  2.637   34.180  1.00 4.39  ? 1035 VAL B O   1 
ATOM   923  C  CB  . VAL B 1 59 ? 12.782  2.880   31.524  1.00 6.36  ? 1035 VAL B CB  1 
ATOM   924  C  CG1 . VAL B 1 59 ? 12.022  2.086   32.637  1.00 6.99  ? 1035 VAL B CG1 1 
ATOM   925  C  CG2 . VAL B 1 59 ? 11.865  3.904   30.846  1.00 6.88  ? 1035 VAL B CG2 1 
ATOM   926  N  N   . ASN B 1 60 ? 15.505  1.540   32.298  1.00 4.81  ? 1036 ASN B N   1 
ATOM   927  C  CA  . ASN B 1 60 ? 16.072  0.460   33.064  1.00 6.71  ? 1036 ASN B CA  1 
ATOM   928  C  C   . ASN B 1 60 ? 17.349  0.910   33.774  1.00 6.18  ? 1036 ASN B C   1 
ATOM   929  O  O   . ASN B 1 60 ? 17.671  0.453   34.886  1.00 5.89  ? 1036 ASN B O   1 
ATOM   930  C  CB  . ASN B 1 60 ? 16.350  -0.736  32.110  1.00 5.56  ? 1036 ASN B CB  1 
ATOM   931  C  CG  . ASN B 1 60 ? 15.067  -1.472  31.695  1.00 6.54  ? 1036 ASN B CG  1 
ATOM   932  O  OD1 . ASN B 1 60 ? 14.025  -1.355  32.359  1.00 9.42  ? 1036 ASN B OD1 1 
ATOM   933  N  ND2 . ASN B 1 60 ? 15.128  -2.214  30.588  1.00 6.72  ? 1036 ASN B ND2 1 
ATOM   934  N  N   . LYS B 1 61 ? 18.103  1.775   33.111  1.00 6.66  ? 1037 LYS B N   1 
ATOM   935  C  CA  . LYS B 1 61 ? 19.301  2.346   33.777  1.00 6.90  ? 1037 LYS B CA  1 
ATOM   936  C  C   . LYS B 1 61 ? 18.882  3.281   34.924  1.00 6.71  ? 1037 LYS B C   1 
ATOM   937  O  O   . LYS B 1 61 ? 19.474  3.264   35.991  1.00 7.82  ? 1037 LYS B O   1 
ATOM   938  C  CB  . LYS B 1 61 ? 20.182  3.102   32.779  1.00 6.47  ? 1037 LYS B CB  1 
ATOM   939  C  CG  . LYS B 1 61 ? 21.431  3.726   33.461  1.00 6.16  ? 1037 LYS B CG  1 
ATOM   940  C  CD  . LYS B 1 61 ? 22.306  2.577   34.066  1.00 5.64  ? 1037 LYS B CD  1 
ATOM   941  C  CE  . LYS B 1 61 ? 23.705  3.138   34.499  1.00 9.13  ? 1037 LYS B CE  1 
ATOM   942  N  NZ  . LYS B 1 61 ? 24.428  2.173   35.425  1.00 7.02  ? 1037 LYS B NZ  1 
ATOM   943  N  N   . LEU B 1 62 ? 17.817  4.042   34.714  1.00 7.24  ? 1038 LEU B N   1 
ATOM   944  C  CA  . LEU B 1 62 ? 17.331  4.946   35.767  1.00 8.41  ? 1038 LEU B CA  1 
ATOM   945  C  C   . LEU B 1 62 ? 16.837  4.098   36.956  1.00 7.62  ? 1038 LEU B C   1 
ATOM   946  O  O   . LEU B 1 62 ? 17.173  4.393   38.109  1.00 8.98  ? 1038 LEU B O   1 
ATOM   947  C  CB  . LEU B 1 62 ? 16.180  5.800   35.246  1.00 7.53  ? 1038 LEU B CB  1 
ATOM   948  C  CG  . LEU B 1 62 ? 15.974  7.228   35.752  1.00 15.41 ? 1038 LEU B CG  1 
ATOM   949  C  CD1 . LEU B 1 62 ? 14.550  7.683   35.641  1.00 17.36 ? 1038 LEU B CD1 1 
ATOM   950  C  CD2 . LEU B 1 62 ? 16.660  7.596   37.059  1.00 10.93 ? 1038 LEU B CD2 1 
ATOM   951  N  N   . ALA B 1 63 ? 16.102  3.028   36.683  1.00 6.17  ? 1039 ALA B N   1 
ATOM   952  C  CA  . ALA B 1 63 ? 15.611  2.181   37.794  1.00 5.78  ? 1039 ALA B CA  1 
ATOM   953  C  C   . ALA B 1 63 ? 16.827  1.632   38.595  1.00 6.98  ? 1039 ALA B C   1 
ATOM   954  O  O   . ALA B 1 63 ? 16.843  1.655   39.820  1.00 6.16  ? 1039 ALA B O   1 
ATOM   955  C  CB  . ALA B 1 63 ? 14.730  1.045   37.274  1.00 6.03  ? 1039 ALA B CB  1 
ATOM   956  N  N   . GLU B 1 64 ? 17.871  1.187   37.892  1.00 5.08  ? 1040 GLU B N   1 
ATOM   957  C  CA  . GLU B 1 64 ? 19.022  0.582   38.554  1.00 6.29  ? 1040 GLU B CA  1 
ATOM   958  C  C   . GLU B 1 64 ? 19.672  1.629   39.465  1.00 7.11  ? 1040 GLU B C   1 
ATOM   959  O  O   . GLU B 1 64 ? 20.026  1.307   40.591  1.00 7.86  ? 1040 GLU B O   1 
ATOM   960  C  CB  . GLU B 1 64 ? 20.054  0.179   37.481  1.00 5.20  ? 1040 GLU B CB  1 
ATOM   961  C  CG  . GLU B 1 64 ? 21.288  -0.497  38.001  1.00 7.17  ? 1040 GLU B CG  1 
ATOM   962  C  CD  . GLU B 1 64 ? 22.094  -1.016  36.866  1.00 8.77  ? 1040 GLU B CD  1 
ATOM   963  O  OE1 . GLU B 1 64 ? 22.433  -0.230  35.974  1.00 12.02 ? 1040 GLU B OE1 1 
ATOM   964  O  OE2 . GLU B 1 64 ? 22.350  -2.228  36.876  1.00 8.29  ? 1040 GLU B OE2 1 
ATOM   965  N  N   . ILE B 1 65 ? 19.838  2.853   38.959  1.00 8.86  ? 1041 ILE B N   1 
ATOM   966  C  CA  . ILE B 1 65 ? 20.431  3.945   39.749  1.00 11.73 ? 1041 ILE B CA  1 
ATOM   967  C  C   . ILE B 1 65 ? 19.598  4.237   40.974  1.00 13.78 ? 1041 ILE B C   1 
ATOM   968  O  O   . ILE B 1 65 ? 20.155  4.400   42.091  1.00 14.34 ? 1041 ILE B O   1 
ATOM   969  C  CB  . ILE B 1 65 ? 20.592  5.282   38.915  1.00 12.23 ? 1041 ILE B CB  1 
ATOM   970  C  CG1 . ILE B 1 65 ? 21.650  5.140   37.810  1.00 13.45 ? 1041 ILE B CG1 1 
ATOM   971  C  CG2 . ILE B 1 65 ? 21.002  6.459   39.814  1.00 15.72 ? 1041 ILE B CG2 1 
ATOM   972  C  CD1 . ILE B 1 65 ? 22.828  4.377   38.178  1.00 20.35 ? 1041 ILE B CD1 1 
HETATM 973  N  N   A MSE B 1 66 ? 18.287  4.322   40.799  0.50 14.55 ? 1042 MSE B N   1 
HETATM 974  N  N   B MSE B 1 66 ? 18.283  4.337   40.772  0.50 14.74 ? 1042 MSE B N   1 
HETATM 975  C  CA  A MSE B 1 66 ? 17.413  4.610   41.939  0.50 15.94 ? 1042 MSE B CA  1 
HETATM 976  C  CA  B MSE B 1 66 ? 17.334  4.585   41.869  0.50 16.28 ? 1042 MSE B CA  1 
HETATM 977  C  C   A MSE B 1 66 ? 17.346  3.486   42.984  0.50 16.25 ? 1042 MSE B C   1 
HETATM 978  C  C   B MSE B 1 66 ? 17.354  3.498   42.960  0.50 16.47 ? 1042 MSE B C   1 
HETATM 979  O  O   A MSE B 1 66 ? 17.037  3.751   44.151  0.50 16.45 ? 1042 MSE B O   1 
HETATM 980  O  O   B MSE B 1 66 ? 17.116  3.800   44.134  0.50 16.61 ? 1042 MSE B O   1 
HETATM 981  C  CB  A MSE B 1 66 ? 16.013  4.994   41.481  0.50 15.74 ? 1042 MSE B CB  1 
HETATM 982  C  CB  B MSE B 1 66 ? 15.897  4.763   41.348  0.50 16.56 ? 1042 MSE B CB  1 
HETATM 983  C  CG  A MSE B 1 66 ? 15.988  6.022   40.408  0.50 17.21 ? 1042 MSE B CG  1 
HETATM 984  C  CG  B MSE B 1 66 ? 15.633  5.997   40.510  0.50 18.54 ? 1042 MSE B CG  1 
HETATM 985  SE SE  A MSE B 1 66 ? 14.188  6.404   39.953  0.50 21.58 ? 1042 MSE B SE  1 
HETATM 986  SE SE  B MSE B 1 66 ? 16.277  7.651   41.284  0.50 27.03 ? 1042 MSE B SE  1 
HETATM 987  C  CE  A MSE B 1 66 ? 14.433  8.363   39.509  0.50 20.32 ? 1042 MSE B CE  1 
HETATM 988  C  CE  B MSE B 1 66 ? 15.125  8.883   40.304  0.50 24.12 ? 1042 MSE B CE  1 
ATOM   989  N  N   . ASN B 1 67 ? 17.628  2.249   42.577  1.00 15.79 ? 1043 ASN B N   1 
ATOM   990  C  CA  . ASN B 1 67 ? 17.503  1.101   43.492  1.00 18.19 ? 1043 ASN B CA  1 
ATOM   991  C  C   . ASN B 1 67 ? 18.779  0.766   44.267  1.00 21.20 ? 1043 ASN B C   1 
ATOM   992  O  O   . ASN B 1 67 ? 18.876  -0.268  44.962  1.00 21.99 ? 1043 ASN B O   1 
ATOM   993  C  CB  . ASN B 1 67 ? 16.966  -0.127  42.750  1.00 14.99 ? 1043 ASN B CB  1 
ATOM   994  C  CG  . ASN B 1 67 ? 15.505  -0.010  42.447  1.00 14.16 ? 1043 ASN B CG  1 
ATOM   995  O  OD1 . ASN B 1 67 ? 14.773  0.638   43.180  1.00 12.42 ? 1043 ASN B OD1 1 
ATOM   996  N  ND2 . ASN B 1 67 ? 15.060  -0.653  41.391  1.00 13.91 ? 1043 ASN B ND2 1 
ATOM   997  N  N   . ARG B 1 68 ? 19.729  1.684   44.140  1.00 25.18 ? 1044 ARG B N   1 
ATOM   998  C  CA  . ARG B 1 68 ? 21.027  1.689   44.811  1.00 28.32 ? 1044 ARG B CA  1 
ATOM   999  C  C   . ARG B 1 68 ? 21.937  0.788   44.020  1.00 30.11 ? 1044 ARG B C   1 
ATOM   1000 O  O   . ARG B 1 68 ? 22.842  1.391   43.419  1.00 31.46 ? 1044 ARG B O   1 
ATOM   1001 C  CB  . ARG B 1 68 ? 20.930  1.281   46.318  1.00 28.00 ? 1044 ARG B CB  1 
HETATM 1002 O  O   . HOH C 2 .  ? 10.342  14.434  38.201  1.00 5.23  ? 3    HOH A O   1 
HETATM 1003 O  O   . HOH C 2 .  ? -12.213 -12.821 -34.085 1.00 5.52  ? 10   HOH A O   1 
HETATM 1004 O  O   . HOH C 2 .  ? 13.974  15.457  33.132  1.00 9.30  ? 12   HOH A O   1 
HETATM 1005 O  O   . HOH C 2 .  ? 12.852  16.529  38.535  1.00 7.45  ? 13   HOH A O   1 
HETATM 1006 O  O   . HOH C 2 .  ? -19.583 -10.557 -27.015 1.00 8.60  ? 14   HOH A O   1 
HETATM 1007 O  O   . HOH C 2 .  ? 11.962  13.949  31.694  1.00 12.12 ? 19   HOH A O   1 
HETATM 1008 O  O   . HOH C 2 .  ? -11.904 -15.074 -41.288 1.00 6.12  ? 20   HOH A O   1 
HETATM 1009 O  O   . HOH C 2 .  ? -9.631  -12.578 -34.977 1.00 10.56 ? 22   HOH A O   1 
HETATM 1010 O  O   . HOH C 2 .  ? -14.370 -15.509 -42.377 1.00 10.71 ? 26   HOH A O   1 
HETATM 1011 O  O   . HOH C 2 .  ? -19.683 -3.011  -28.120 1.00 8.46  ? 27   HOH A O   1 
HETATM 1012 O  O   . HOH C 2 .  ? -17.179 -10.490 -42.964 1.00 11.85 ? 28   HOH A O   1 
HETATM 1013 O  O   . HOH C 2 .  ? -11.978 -13.307 -39.106 1.00 11.31 ? 29   HOH A O   1 
HETATM 1014 O  O   . HOH C 2 .  ? -14.393 -15.521 -45.763 1.00 16.93 ? 32   HOH A O   1 
HETATM 1015 O  O   . HOH C 2 .  ? -16.652 -17.822 -45.812 1.00 17.94 ? 33   HOH A O   1 
HETATM 1016 O  O   . HOH C 2 .  ? -14.611 -12.771 -43.956 1.00 19.58 ? 35   HOH A O   1 
HETATM 1017 O  O   . HOH C 2 .  ? -13.352 -17.681 -39.502 1.00 13.12 ? 37   HOH A O   1 
HETATM 1018 O  O   . HOH C 2 .  ? 20.242  17.223  38.237  1.00 23.30 ? 38   HOH A O   1 
HETATM 1019 O  O   . HOH C 2 .  ? -19.076 -16.943 -30.511 1.00 16.24 ? 39   HOH A O   1 
HETATM 1020 O  O   . HOH C 2 .  ? 13.465  14.972  15.346  1.00 50.22 ? 40   HOH A O   1 
HETATM 1021 O  O   . HOH C 2 .  ? -17.262 -10.356 -19.879 1.00 32.72 ? 41   HOH A O   1 
HETATM 1022 O  O   . HOH C 2 .  ? -22.576 -11.784 -45.095 1.00 28.20 ? 43   HOH A O   1 
HETATM 1023 O  O   . HOH C 2 .  ? -13.582 -9.659  -42.031 1.00 11.03 ? 44   HOH A O   1 
HETATM 1024 O  O   . HOH C 2 .  ? -20.544 -8.603  -28.273 1.00 18.98 ? 45   HOH A O   1 
HETATM 1025 O  O   . HOH C 2 .  ? -3.991  -15.026 -20.675 1.00 36.32 ? 49   HOH A O   1 
HETATM 1026 O  O   . HOH C 2 .  ? -13.372 -18.005 -31.192 1.00 16.89 ? 53   HOH A O   1 
HETATM 1027 O  O   . HOH C 2 .  ? -15.101 -17.733 -24.248 1.00 58.72 ? 55   HOH A O   1 
HETATM 1028 O  O   . HOH C 2 .  ? -7.633  -14.229 -31.684 1.00 40.58 ? 56   HOH A O   1 
HETATM 1029 O  O   . HOH C 2 .  ? -17.650 -18.020 -25.170 1.00 46.77 ? 58   HOH A O   1 
HETATM 1030 O  O   . HOH C 2 .  ? -17.330 -3.941  -22.095 1.00 37.81 ? 59   HOH A O   1 
HETATM 1031 O  O   . HOH C 2 .  ? 26.976  15.101  39.537  1.00 34.96 ? 60   HOH A O   1 
HETATM 1032 O  O   . HOH C 2 .  ? 6.966   15.389  28.218  1.00 22.25 ? 61   HOH A O   1 
HETATM 1033 O  O   . HOH C 2 .  ? 0.654   11.246  18.806  1.00 50.17 ? 62   HOH A O   1 
HETATM 1034 O  O   . HOH C 2 .  ? 4.916   1.561   23.889  1.00 51.75 ? 64   HOH A O   1 
HETATM 1035 O  O   . HOH C 2 .  ? -11.947 -17.303 -23.840 1.00 27.33 ? 65   HOH A O   1 
HETATM 1036 O  O   . HOH C 2 .  ? -0.943  12.649  4.732   1.00 70.49 ? 68   HOH A O   1 
HETATM 1037 O  O   . HOH C 2 .  ? 6.346   8.910   5.561   1.00 55.11 ? 72   HOH A O   1 
HETATM 1038 O  O   . HOH C 2 .  ? 17.131  15.982  40.443  1.00 29.66 ? 73   HOH A O   1 
HETATM 1039 O  O   . HOH C 2 .  ? 23.003  21.202  44.514  1.00 43.16 ? 74   HOH A O   1 
HETATM 1040 O  O   . HOH C 2 .  ? -11.215 0.731   2.847   1.00 57.37 ? 79   HOH A O   1 
HETATM 1041 O  O   . HOH C 2 .  ? 11.482  13.769  21.510  1.00 28.10 ? 80   HOH A O   1 
HETATM 1042 O  O   . HOH C 2 .  ? -11.230 -10.885 -40.597 1.00 10.71 ? 84   HOH A O   1 
HETATM 1043 O  O   . HOH C 2 .  ? -11.927 -14.816 -36.792 1.00 9.79  ? 86   HOH A O   1 
HETATM 1044 O  O   . HOH C 2 .  ? -11.258 -17.445 -41.417 1.00 8.28  ? 88   HOH A O   1 
HETATM 1045 O  O   . HOH C 2 .  ? 12.303  15.864  40.955  1.00 7.54  ? 89   HOH A O   1 
HETATM 1046 O  O   . HOH C 2 .  ? 11.016  15.835  29.790  1.00 16.89 ? 90   HOH A O   1 
HETATM 1047 O  O   . HOH C 2 .  ? 8.120   16.257  30.822  1.00 13.38 ? 91   HOH A O   1 
HETATM 1048 O  O   . HOH C 2 .  ? 9.808   14.438  40.180  1.00 17.39 ? 92   HOH A O   1 
HETATM 1049 O  O   . HOH C 2 .  ? 11.201  6.666   34.826  1.00 22.44 ? 96   HOH A O   1 
HETATM 1050 O  O   . HOH C 2 .  ? 9.874   11.842  38.076  1.00 21.19 ? 100  HOH A O   1 
HETATM 1051 O  O   . HOH C 2 .  ? 18.516  17.641  40.273  1.00 22.59 ? 101  HOH A O   1 
HETATM 1052 O  O   . HOH C 2 .  ? -16.708 -8.213  -43.820 1.00 30.91 ? 102  HOH A O   1 
HETATM 1053 O  O   . HOH C 2 .  ? 8.787   14.752  20.778  1.00 36.21 ? 103  HOH A O   1 
HETATM 1054 O  O   . HOH C 2 .  ? 6.085   18.092  27.074  1.00 23.43 ? 105  HOH A O   1 
HETATM 1055 O  O   . HOH C 2 .  ? -21.990 -8.699  -29.375 1.00 24.83 ? 106  HOH A O   1 
HETATM 1056 O  O   . HOH C 2 .  ? -17.498 -11.862 -45.358 1.00 23.21 ? 107  HOH A O   1 
HETATM 1057 O  O   . HOH C 2 .  ? -21.925 -10.422 -47.452 1.00 52.45 ? 110  HOH A O   1 
HETATM 1058 O  O   . HOH C 2 .  ? 8.503   7.899   29.381  1.00 57.76 ? 113  HOH A O   1 
HETATM 1059 O  O   . HOH C 2 .  ? 21.100  19.702  36.859  1.00 40.08 ? 114  HOH A O   1 
HETATM 1060 O  O   . HOH C 2 .  ? -13.952 -8.883  -44.623 1.00 27.56 ? 115  HOH A O   1 
HETATM 1061 O  O   . HOH C 2 .  ? -7.219  -9.494  -15.738 1.00 33.41 ? 116  HOH A O   1 
HETATM 1062 O  O   . HOH C 2 .  ? 11.357  7.528   40.741  1.00 25.37 ? 117  HOH A O   1 
HETATM 1063 O  O   . HOH C 2 .  ? -12.276 -18.869 -26.868 1.00 28.50 ? 118  HOH A O   1 
HETATM 1064 O  O   . HOH C 2 .  ? -16.553 -15.513 -47.838 1.00 39.21 ? 119  HOH A O   1 
HETATM 1065 O  O   . HOH C 2 .  ? -20.175 -13.382 -45.487 1.00 21.08 ? 121  HOH A O   1 
HETATM 1066 O  O   . HOH C 2 .  ? -17.778 -3.293  -26.392 1.00 43.46 ? 122  HOH A O   1 
HETATM 1067 O  O   . HOH C 2 .  ? -20.488 -17.541 -24.856 1.00 34.07 ? 123  HOH A O   1 
HETATM 1068 O  O   . HOH C 2 .  ? -2.536  -12.778 -27.287 1.00 41.81 ? 128  HOH A O   1 
HETATM 1069 O  O   . HOH C 2 .  ? -23.284 -13.020 -47.386 1.00 62.32 ? 131  HOH A O   1 
HETATM 1070 O  O   . HOH C 2 .  ? -3.335  -10.220 -21.036 1.00 45.64 ? 132  HOH A O   1 
HETATM 1071 O  O   . HOH C 2 .  ? 3.189   1.462   19.641  1.00 52.29 ? 134  HOH A O   1 
HETATM 1072 O  O   . HOH C 2 .  ? -2.600  10.531  6.269   1.00 60.72 ? 137  HOH A O   1 
HETATM 1073 O  O   . HOH C 2 .  ? 0.885   1.954   5.296   1.00 59.81 ? 140  HOH A O   1 
HETATM 1074 O  O   . HOH C 2 .  ? 23.852  21.121  47.454  1.00 62.37 ? 142  HOH A O   1 
HETATM 1075 O  O   . HOH C 2 .  ? -9.505  -18.847 -43.218 1.00 9.32  ? 146  HOH A O   1 
HETATM 1076 O  O   . HOH C 2 .  ? 10.473  10.024  33.513  1.00 29.66 ? 147  HOH A O   1 
HETATM 1077 O  O   . HOH C 2 .  ? 13.989  17.502  43.787  1.00 42.54 ? 148  HOH A O   1 
HETATM 1078 O  O   . HOH C 2 .  ? 9.071   18.895  27.355  1.00 21.08 ? 149  HOH A O   1 
HETATM 1079 O  O   . HOH C 2 .  ? -21.479 -6.882  -29.970 1.00 20.34 ? 151  HOH A O   1 
HETATM 1080 O  O   . HOH C 2 .  ? 10.152  9.531   38.509  1.00 30.68 ? 152  HOH A O   1 
HETATM 1081 O  O   . HOH C 2 .  ? -20.897 -19.518 -29.470 1.00 27.59 ? 153  HOH A O   1 
HETATM 1082 O  O   . HOH C 2 .  ? -24.145 -6.240  -28.655 1.00 43.38 ? 156  HOH A O   1 
HETATM 1083 O  O   . HOH C 2 .  ? -10.629 -20.118 -44.191 1.00 10.61 ? 157  HOH A O   1 
HETATM 1084 O  O   . HOH C 2 .  ? -22.560 -15.493 -44.134 1.00 37.71 ? 158  HOH A O   1 
HETATM 1085 O  O   . HOH C 2 .  ? -11.949 -17.747 -43.081 1.00 37.74 ? 159  HOH A O   1 
HETATM 1086 O  O   . HOH C 2 .  ? 13.670  15.007  43.014  1.00 41.91 ? 162  HOH A O   1 
HETATM 1087 O  O   . HOH C 2 .  ? 13.212  13.259  39.810  1.00 37.86 ? 171  HOH A O   1 
HETATM 1088 O  O   . HOH C 2 .  ? -10.020 -9.709  -9.542  1.00 35.17 ? 173  HOH A O   1 
HETATM 1089 O  O   . HOH C 2 .  ? 3.210   -0.479  23.392  1.00 70.46 ? 174  HOH A O   1 
HETATM 1090 O  O   . HOH D 2 .  ? -11.845 1.015   -31.380 1.00 8.96  ? 1    HOH B O   1 
HETATM 1091 O  O   . HOH D 2 .  ? -18.571 0.356   -32.913 1.00 11.19 ? 2    HOH B O   1 
HETATM 1092 O  O   . HOH D 2 .  ? -9.784  -5.797  -34.048 1.00 7.09  ? 4    HOH B O   1 
HETATM 1093 O  O   . HOH D 2 .  ? -9.824  -8.312  -34.851 1.00 8.83  ? 5    HOH B O   1 
HETATM 1094 O  O   . HOH D 2 .  ? -10.485 0.518   -33.671 1.00 2.57  ? 6    HOH B O   1 
HETATM 1095 O  O   . HOH D 2 .  ? -21.319 -5.416  -32.007 1.00 8.75  ? 7    HOH B O   1 
HETATM 1096 O  O   . HOH D 2 .  ? -19.817 -0.010  -30.029 1.00 11.35 ? 8    HOH B O   1 
HETATM 1097 O  O   . HOH D 2 .  ? 26.196  0.551   33.639  1.00 9.65  ? 9    HOH B O   1 
HETATM 1098 O  O   . HOH D 2 .  ? -22.014 -2.541  -32.533 1.00 7.71  ? 11   HOH B O   1 
HETATM 1099 O  O   . HOH D 2 .  ? 23.159  -3.929  38.862  1.00 14.31 ? 15   HOH B O   1 
HETATM 1100 O  O   . HOH D 2 .  ? -11.370 2.969   -29.485 1.00 10.14 ? 16   HOH B O   1 
HETATM 1101 O  O   . HOH D 2 .  ? -7.657  -5.398  -32.414 1.00 9.28  ? 17   HOH B O   1 
HETATM 1102 O  O   . HOH D 2 .  ? 17.026  -1.887  36.349  1.00 13.16 ? 18   HOH B O   1 
HETATM 1103 O  O   . HOH D 2 .  ? -24.647 -2.867  -32.795 1.00 5.11  ? 21   HOH B O   1 
HETATM 1104 O  O   . HOH D 2 .  ? -27.134 -6.459  -38.966 1.00 8.59  ? 23   HOH B O   1 
HETATM 1105 O  O   . HOH D 2 .  ? -17.140 0.846   -35.277 1.00 9.47  ? 24   HOH B O   1 
HETATM 1106 O  O   . HOH D 2 .  ? 19.978  0.792   29.937  1.00 13.64 ? 25   HOH B O   1 
HETATM 1107 O  O   . HOH D 2 .  ? -23.681 -4.197  -43.665 1.00 27.75 ? 30   HOH B O   1 
HETATM 1108 O  O   . HOH D 2 .  ? -23.937 -7.033  -44.992 1.00 24.81 ? 31   HOH B O   1 
HETATM 1109 O  O   . HOH D 2 .  ? 18.640  -2.838  24.462  1.00 14.03 ? 34   HOH B O   1 
HETATM 1110 O  O   . HOH D 2 .  ? -15.634 3.151   -22.950 1.00 21.13 ? 36   HOH B O   1 
HETATM 1111 O  O   . HOH D 2 .  ? 21.564  -1.393  41.713  1.00 46.00 ? 42   HOH B O   1 
HETATM 1112 O  O   . HOH D 2 .  ? 11.619  4.589   36.421  1.00 41.27 ? 46   HOH B O   1 
HETATM 1113 O  O   . HOH D 2 .  ? 25.910  3.503   37.283  1.00 22.99 ? 47   HOH B O   1 
HETATM 1114 O  O   . HOH D 2 .  ? 23.027  4.652   42.757  1.00 37.83 ? 48   HOH B O   1 
HETATM 1115 O  O   . HOH D 2 .  ? -15.513 -1.892  -27.025 1.00 17.39 ? 50   HOH B O   1 
HETATM 1116 O  O   . HOH D 2 .  ? -24.736 -2.858  -39.172 1.00 30.16 ? 51   HOH B O   1 
HETATM 1117 O  O   . HOH D 2 .  ? -26.629 -3.878  -36.879 1.00 17.32 ? 52   HOH B O   1 
HETATM 1118 O  O   . HOH D 2 .  ? 17.053  -1.982  39.490  1.00 16.43 ? 54   HOH B O   1 
HETATM 1119 O  O   . HOH D 2 .  ? 18.471  6.101   45.880  1.00 34.11 ? 57   HOH B O   1 
HETATM 1120 O  O   . HOH D 2 .  ? -24.819 -1.421  -43.674 1.00 44.40 ? 63   HOH B O   1 
HETATM 1121 O  O   . HOH D 2 .  ? 14.399  -4.517  23.226  1.00 30.38 ? 66   HOH B O   1 
HETATM 1122 O  O   . HOH D 2 .  ? 4.468   0.126   -13.370 1.00 48.32 ? 67   HOH B O   1 
HETATM 1123 O  O   . HOH D 2 .  ? -16.659 -5.823  -42.889 1.00 14.78 ? 69   HOH B O   1 
HETATM 1124 O  O   . HOH D 2 .  ? -4.319  -2.201  -27.833 1.00 29.42 ? 70   HOH B O   1 
HETATM 1125 O  O   . HOH D 2 .  ? -7.214  -9.371  -28.133 1.00 26.49 ? 71   HOH B O   1 
HETATM 1126 O  O   . HOH D 2 .  ? 5.922   0.524   19.278  1.00 31.41 ? 75   HOH B O   1 
HETATM 1127 O  O   . HOH D 2 .  ? 15.881  -6.206  19.557  1.00 42.69 ? 76   HOH B O   1 
HETATM 1128 O  O   . HOH D 2 .  ? 26.683  4.891   44.334  1.00 53.47 ? 77   HOH B O   1 
HETATM 1129 O  O   . HOH D 2 .  ? 18.282  1.204   19.423  1.00 37.43 ? 78   HOH B O   1 
HETATM 1130 O  O   . HOH D 2 .  ? 22.046  4.204   45.471  1.00 51.73 ? 81   HOH B O   1 
HETATM 1131 O  O   . HOH D 2 .  ? 8.216   -1.914  15.625  1.00 43.74 ? 82   HOH B O   1 
HETATM 1132 O  O   . HOH D 2 .  ? -9.238  0.395   -18.292 1.00 29.21 ? 83   HOH B O   1 
HETATM 1133 O  O   . HOH D 2 .  ? -26.796 -3.771  -30.857 1.00 18.99 ? 85   HOH B O   1 
HETATM 1134 O  O   . HOH D 2 .  ? -22.088 -0.359  -28.430 1.00 11.17 ? 87   HOH B O   1 
HETATM 1135 O  O   . HOH D 2 .  ? 14.220  -2.535  36.537  1.00 21.81 ? 93   HOH B O   1 
HETATM 1136 O  O   . HOH D 2 .  ? -16.031 0.285   -28.260 1.00 17.95 ? 94   HOH B O   1 
HETATM 1137 O  O   . HOH D 2 .  ? -7.889  -9.991  -35.936 1.00 11.19 ? 95   HOH B O   1 
HETATM 1138 O  O   . HOH D 2 .  ? -14.273 2.421   -32.268 1.00 16.48 ? 97   HOH B O   1 
HETATM 1139 O  O   . HOH D 2 .  ? 19.318  -2.413  40.904  1.00 22.27 ? 98   HOH B O   1 
HETATM 1140 O  O   . HOH D 2 .  ? -16.103 0.920   -31.308 1.00 18.06 ? 99   HOH B O   1 
HETATM 1141 O  O   . HOH D 2 .  ? -8.883  3.832   -26.379 1.00 20.51 ? 104  HOH B O   1 
HETATM 1142 O  O   . HOH D 2 .  ? -25.545 -0.577  -38.768 1.00 46.79 ? 108  HOH B O   1 
HETATM 1143 O  O   . HOH D 2 .  ? -26.273 -8.199  -44.203 1.00 22.22 ? 109  HOH B O   1 
HETATM 1144 O  O   . HOH D 2 .  ? -22.802 -3.293  -36.041 1.00 9.71  ? 111  HOH B O   1 
HETATM 1145 O  O   . HOH D 2 .  ? -14.864 3.988   -33.830 1.00 51.30 ? 112  HOH B O   1 
HETATM 1146 O  O   . HOH D 2 .  ? 5.206   2.796   27.520  1.00 43.30 ? 120  HOH B O   1 
HETATM 1147 O  O   . HOH D 2 .  ? 11.840  -2.641  9.875   1.00 34.86 ? 124  HOH B O   1 
HETATM 1148 O  O   . HOH D 2 .  ? 21.651  2.554   22.838  1.00 32.99 ? 125  HOH B O   1 
HETATM 1149 O  O   . HOH D 2 .  ? 24.441  -1.160  39.604  1.00 37.12 ? 126  HOH B O   1 
HETATM 1150 O  O   . HOH D 2 .  ? 15.069  -4.000  20.909  1.00 46.91 ? 127  HOH B O   1 
HETATM 1151 O  O   . HOH D 2 .  ? 12.731  5.146   4.369   1.00 52.86 ? 129  HOH B O   1 
HETATM 1152 O  O   . HOH D 2 .  ? -3.899  1.713   -25.388 1.00 51.21 ? 130  HOH B O   1 
HETATM 1153 O  O   . HOH D 2 .  ? -9.840  -8.961  -36.411 1.00 21.68 ? 133  HOH B O   1 
HETATM 1154 O  O   . HOH D 2 .  ? 8.914   -3.404  -0.331  1.00 42.67 ? 135  HOH B O   1 
HETATM 1155 O  O   . HOH D 2 .  ? 11.821  -0.149  4.426   1.00 49.91 ? 136  HOH B O   1 
HETATM 1156 O  O   . HOH D 2 .  ? 1.269   5.269   -5.784  1.00 55.53 ? 138  HOH B O   1 
HETATM 1157 O  O   . HOH D 2 .  ? -27.760 -0.305  -46.230 1.00 63.22 ? 139  HOH B O   1 
HETATM 1158 O  O   . HOH D 2 .  ? 25.827  3.590   39.808  1.00 44.93 ? 141  HOH B O   1 
HETATM 1159 O  O   . HOH D 2 .  ? 25.731  3.758   48.486  1.00 54.34 ? 143  HOH B O   1 
HETATM 1160 O  O   . HOH D 2 .  ? 18.575  10.184  43.748  1.00 42.21 ? 144  HOH B O   1 
HETATM 1161 O  O   . HOH D 2 .  ? 24.834  6.017   41.638  1.00 54.43 ? 145  HOH B O   1 
HETATM 1162 O  O   . HOH D 2 .  ? -9.098  3.282   -23.673 1.00 29.68 ? 150  HOH B O   1 
HETATM 1163 O  O   . HOH D 2 .  ? -1.889  -9.510  -26.800 1.00 61.67 ? 154  HOH B O   1 
HETATM 1164 O  O   . HOH D 2 .  ? 24.325  8.068   39.006  1.00 40.67 ? 155  HOH B O   1 
HETATM 1165 O  O   . HOH D 2 .  ? 24.054  1.808   40.376  1.00 55.40 ? 160  HOH B O   1 
HETATM 1166 O  O   . HOH D 2 .  ? 19.409  4.542   47.207  1.00 57.99 ? 161  HOH B O   1 
HETATM 1167 O  O   . HOH D 2 .  ? 3.760   3.048   25.552  1.00 45.17 ? 163  HOH B O   1 
HETATM 1168 O  O   . HOH D 2 .  ? -22.555 0.733   -41.593 1.00 49.35 ? 164  HOH B O   1 
HETATM 1169 O  O   . HOH D 2 .  ? -25.348 -10.673 -45.525 1.00 76.24 ? 165  HOH B O   1 
HETATM 1170 O  O   . HOH D 2 .  ? 20.922  7.021   43.761  1.00 66.07 ? 166  HOH B O   1 
HETATM 1171 O  O   . HOH D 2 .  ? 25.435  -2.922  43.921  1.00 32.15 ? 167  HOH B O   1 
HETATM 1172 O  O   . HOH D 2 .  ? -26.491 -3.502  -45.859 1.00 55.65 ? 168  HOH B O   1 
HETATM 1173 O  O   . HOH D 2 .  ? 14.037  6.631   2.610   1.00 44.07 ? 169  HOH B O   1 
HETATM 1174 O  O   . HOH D 2 .  ? 25.727  0.406   44.118  1.00 41.08 ? 170  HOH B O   1 
HETATM 1175 O  O   . HOH D 2 .  ? 24.202  1.360   45.875  1.00 48.77 ? 172  HOH B O   1 
# 
